data_3JB7
#
_entry.id   3JB7
#
_cell.length_a   1.000
_cell.length_b   1.000
_cell.length_c   1.000
_cell.angle_alpha   90.00
_cell.angle_beta   90.00
_cell.angle_gamma   90.00
#
_symmetry.space_group_name_H-M   'P 1'
#
loop_
_entity.id
_entity.type
_entity.pdbx_description
1 polymer 'CPV RNA-dependent RNA polymerase'
2 polymer 'Viral structural protein 4'
3 polymer 'VP1 CSP'
4 polymer "RNA (5'-R(P*GP*GP*GP*GP*GP*G)-3')"
5 polymer "RNA (5'-R(P*CP*CP*CP*CP*C)-3')"
6 non-polymer "GUANOSINE-5'-TRIPHOSPHATE"
7 non-polymer "CYTIDINE-5'-TRIPHOSPHATE"
#
loop_
_entity_poly.entity_id
_entity_poly.type
_entity_poly.pdbx_seq_one_letter_code
_entity_poly.pdbx_strand_id
1 'polypeptide(L)'
;MLPNTKLHNTIFSETRKFTRESFKEIEHLTARLANDRVARHDFLFNTSIVLISDYSGEDSNGNQLQATITIPNEIINPKE
YDPSDYPLAEDESFFKQGHKYDYLVTFRAGSLTNTYEPKTKMYKLHAALDKLMHVKQRKSRFADLWRELCAVIASLDVWY
QTTNYPLRTYVKLLFHKGDEFPFYESPSQDRIIFNDKSVASILPTFVYTCCQVGTAIMSGILTHVESIVAMNHFLHCAKD
SYIDEKLKIKGIGRSWYQEALHNVCQATVPVWSQFNEVIGHRTKSTSEPHFVSSTFISLRAKRAELLYPEFNAYINRAIQ
LSKTQNDVANYYAACRAMTNDGTFLATLTELSLDAAVFPRIEQHLVTRPAVLMSNTRHESLKQKYTNGVGSIAQSYLSSF
TDEIAKRVNGRHHDEAWLNFLTTSSPGRKLTEIEKLEVGGDVAAWSNSRIVMQAVFAREYRTPERIFKSLKAPIKLVERQ
QSDRRQRAISGLDNDRLFLSFMPYTIGKQIYELNDNAAQGKQAGNAFDIGEMLYWTSQRNVLLSSIDVAGMDASVTTNTK
DIYNTFVLDVASKCTVPRFGPYYAKNMEVFEAGNRQSQVRYVNAAWQACALEAANSQTSTSYESEIFGQVKNAEGTYPSG
RADTSTHHTVLLQGLVRGNELKRASDGKNSCLATIKILGDDIMEIFQGSESDTYDHAVSNASILNESGFATTAELSQNSI
VLLQQLVVNGTFWGFADRISLWTREDTKDIGRLNLAMMELNALIDDLVFRVRRPEGLKMLGFFCGAICLRRFTLSVDNKL
YDSTYNNLSKYMTLTKYDKNPDSDSTLMSLILPLAWLFMPRGGEYPAYPFERRDGTFTEDESMFTARGAYKRRLLYDVSN
IGEMIQQNSMALDDDLLHEYGFTGALLLIDLNILDLIDEVKKEDISPVKVSELATSLEQLGKLGEREKSRRAASDLKIRG
HALSNDIVYGYGLQEKIQKSAMATKETTVQSKRVSSRLHDVIVAKTRDYKISTIPADALHLHEFEVEDVTVDLLPHAKHT
SYSSLAYNMSFGSDGWFAFALLGGLDRSANLLRLDVASIRGNYHKFSYDDPVFKQGYKIYKSDATLLNDFFTAISAGPKE
QGILLRAFAYYSLYGNVEYHYVLSPRQLFFLSDNPVSAERLVRIPPKYYVSTQCRALYNIFSYLHILRSIANNRGKRLKM
VLHPGLIAYVRGTSQGAILPEADNV
;
A
2 'polypeptide(L)'
;MFAIDPLKHSKLYEEYGLYLRPHQINQEIKPTTIKKKELAPTIRSIKYASLIHSMLAKHAARHNGTLINPRMYADMITLG
NTKVTVTKGTPKAQIDTLKMNGLTVVSKSRRNNKKKPVSDTTATIDENTDDIVTYKALTEMSTLIESFRLPSGLALIIFD
DEKYQSLIPNYINQLIAYTQPHIIPTWQGIADFSDTYLRSYFKRPFELTASNLAAPQKYNLSPMTRSIFNNTGREDAVIR
KLYGYGEYVFIRYEGCLITWTGIYGEVTMMVNLSKRDLGLDVGDDYLKEYKKLLFYGVITDAIPSGISARSTIMKISPHK
MMNPSGGALAVLSKFLEAVVSTNVINATLVVYAEKGAGKTSFLSTYAEQLSLASGQVVGHLSSDAYGRWLAKNKDVEEPS
FAYDYVLSLDTDDNESYYEQKASELLISHGISEVAQYELLSVRKKIKMMDEMNEVLIAQLENADTHSERNFYYMVSTGKT
TPRTLIVEGHFNAQDATIARTDTTVLLRTINDTTQAMRDRQRGGVVQLFLRDTYYRLLPALHTTVYPFEMLESIRRWKWV
H
;
B
3 'polypeptide(L)' PTVVQSRTDVFNEQFANEALHPMT C,D
4 'polyribonucleotide' GGGGGG t
5 'polyribonucleotide' CCCCC m
#
loop_
_chem_comp.id
_chem_comp.type
_chem_comp.name
_chem_comp.formula
C RNA linking CYTIDINE-5'-MONOPHOSPHATE 'C9 H14 N3 O8 P'
CTP non-polymer CYTIDINE-5'-TRIPHOSPHATE 'C9 H16 N3 O14 P3'
G RNA linking GUANOSINE-5'-MONOPHOSPHATE 'C10 H14 N5 O8 P'
GTP non-polymer GUANOSINE-5'-TRIPHOSPHATE 'C10 H16 N5 O14 P3'
#
# COMPACT_ATOMS: atom_id res chain seq x y z
N THR A 5 -10.57 -16.62 -46.89
CA THR A 5 -9.75 -17.81 -46.69
C THR A 5 -8.42 -17.69 -47.44
N LYS A 6 -7.40 -17.16 -46.79
CA LYS A 6 -7.51 -16.71 -45.41
C LYS A 6 -7.05 -15.25 -45.26
N LEU A 7 -6.71 -14.86 -44.03
CA LEU A 7 -6.57 -13.44 -43.71
C LEU A 7 -5.43 -12.75 -44.44
N HIS A 8 -4.42 -13.48 -44.89
CA HIS A 8 -3.33 -12.82 -45.61
C HIS A 8 -3.64 -12.58 -47.08
N ASN A 9 -4.75 -13.10 -47.59
CA ASN A 9 -5.13 -12.92 -49.00
C ASN A 9 -6.36 -12.02 -49.18
N THR A 10 -6.84 -11.39 -48.12
CA THR A 10 -8.02 -10.53 -48.22
C THR A 10 -7.70 -9.24 -48.95
N ILE A 11 -8.75 -8.66 -49.55
CA ILE A 11 -8.60 -7.35 -50.19
C ILE A 11 -8.23 -6.28 -49.18
N PHE A 12 -8.70 -6.43 -47.94
CA PHE A 12 -8.29 -5.49 -46.89
C PHE A 12 -6.81 -5.65 -46.55
N SER A 13 -6.24 -6.83 -46.75
CA SER A 13 -4.83 -7.02 -46.46
C SER A 13 -3.93 -6.22 -47.39
N GLU A 14 -4.34 -6.03 -48.65
CA GLU A 14 -3.47 -5.36 -49.60
C GLU A 14 -3.69 -3.85 -49.68
N THR A 15 -4.94 -3.39 -49.56
CA THR A 15 -5.23 -1.96 -49.62
C THR A 15 -5.32 -1.31 -48.25
N ARG A 16 -5.52 -2.08 -47.18
CA ARG A 16 -5.71 -1.54 -45.83
C ARG A 16 -6.79 -0.47 -45.80
N LYS A 17 -7.91 -0.74 -46.50
CA LYS A 17 -9.05 0.15 -46.56
C LYS A 17 -10.33 -0.67 -46.55
N PHE A 18 -11.37 -0.11 -45.95
CA PHE A 18 -12.69 -0.71 -46.01
C PHE A 18 -13.42 -0.36 -47.31
N THR A 19 -14.25 -1.29 -47.77
CA THR A 19 -15.14 -1.07 -48.91
C THR A 19 -16.45 -1.79 -48.64
N ARG A 20 -17.40 -1.69 -49.57
CA ARG A 20 -18.61 -2.48 -49.44
C ARG A 20 -18.35 -3.98 -49.58
N GLU A 21 -17.21 -4.36 -50.13
CA GLU A 21 -16.82 -5.77 -50.26
C GLU A 21 -15.90 -6.23 -49.14
N SER A 22 -14.70 -5.63 -49.04
CA SER A 22 -13.71 -6.14 -48.09
C SER A 22 -14.14 -6.00 -46.65
N PHE A 23 -14.94 -4.97 -46.33
CA PHE A 23 -15.39 -4.83 -44.94
C PHE A 23 -16.45 -5.87 -44.59
N LYS A 24 -17.35 -6.17 -45.53
CA LYS A 24 -18.26 -7.29 -45.31
C LYS A 24 -17.53 -8.63 -45.39
N GLU A 25 -16.37 -8.67 -46.03
CA GLU A 25 -15.58 -9.88 -46.09
C GLU A 25 -14.77 -10.10 -44.82
N ILE A 26 -14.13 -9.04 -44.30
CA ILE A 26 -13.38 -9.15 -43.06
C ILE A 26 -14.27 -9.35 -41.84
N GLU A 27 -15.57 -9.02 -41.95
CA GLU A 27 -16.49 -9.36 -40.86
C GLU A 27 -16.78 -10.85 -40.82
N HIS A 28 -16.94 -11.48 -41.99
CA HIS A 28 -17.24 -12.90 -42.02
C HIS A 28 -16.07 -13.75 -41.51
N LEU A 29 -14.84 -13.26 -41.68
CA LEU A 29 -13.69 -14.08 -41.31
C LEU A 29 -13.40 -14.01 -39.82
N THR A 30 -13.38 -12.79 -39.25
CA THR A 30 -13.09 -12.67 -37.82
C THR A 30 -14.22 -13.23 -36.96
N ALA A 31 -15.48 -13.04 -37.39
CA ALA A 31 -16.58 -13.65 -36.67
C ALA A 31 -16.51 -15.16 -36.73
N ARG A 32 -15.96 -15.71 -37.82
CA ARG A 32 -15.78 -17.16 -37.90
C ARG A 32 -14.69 -17.65 -36.95
N LEU A 33 -13.71 -16.79 -36.62
CA LEU A 33 -12.65 -17.19 -35.70
C LEU A 33 -13.13 -17.20 -34.25
N ALA A 34 -13.81 -16.13 -33.83
CA ALA A 34 -14.26 -16.05 -32.45
C ALA A 34 -15.39 -17.02 -32.14
N ASN A 35 -16.12 -17.48 -33.16
CA ASN A 35 -17.34 -18.24 -32.88
C ASN A 35 -17.05 -19.73 -32.68
N ASP A 36 -16.20 -20.32 -33.51
CA ASP A 36 -16.00 -21.77 -33.53
C ASP A 36 -14.54 -22.11 -33.37
N ARG A 37 -14.23 -22.98 -32.40
CA ARG A 37 -12.84 -23.33 -32.14
C ARG A 37 -12.24 -24.26 -33.19
N VAL A 38 -13.06 -25.03 -33.92
CA VAL A 38 -12.52 -25.92 -34.93
C VAL A 38 -11.85 -25.13 -36.04
N ALA A 39 -12.44 -23.98 -36.39
CA ALA A 39 -11.79 -23.09 -37.36
C ALA A 39 -10.53 -22.46 -36.80
N ARG A 40 -10.45 -22.30 -35.48
CA ARG A 40 -9.26 -21.73 -34.87
C ARG A 40 -8.09 -22.69 -34.94
N HIS A 41 -8.32 -23.98 -34.67
CA HIS A 41 -7.24 -24.95 -34.74
C HIS A 41 -6.74 -25.13 -36.18
N ASP A 42 -7.65 -25.09 -37.16
CA ASP A 42 -7.21 -25.17 -38.54
C ASP A 42 -6.45 -23.91 -38.97
N PHE A 43 -6.71 -22.78 -38.31
CA PHE A 43 -6.02 -21.54 -38.64
C PHE A 43 -4.59 -21.53 -38.09
N LEU A 44 -4.41 -22.01 -36.87
CA LEU A 44 -3.12 -21.95 -36.20
C LEU A 44 -2.18 -23.09 -36.58
N PHE A 45 -2.69 -24.19 -37.13
CA PHE A 45 -1.86 -25.36 -37.43
C PHE A 45 -2.04 -25.82 -38.87
N ASN A 46 -2.29 -24.87 -39.78
CA ASN A 46 -2.64 -25.21 -41.15
C ASN A 46 -1.47 -25.88 -41.88
N THR A 47 -1.80 -26.82 -42.76
CA THR A 47 -0.78 -27.61 -43.46
C THR A 47 0.05 -26.77 -44.43
N SER A 48 -0.54 -25.70 -44.99
CA SER A 48 0.18 -24.91 -45.99
C SER A 48 1.37 -24.17 -45.39
N ILE A 49 1.39 -23.99 -44.07
CA ILE A 49 2.52 -23.35 -43.41
C ILE A 49 3.78 -24.18 -43.62
N VAL A 50 4.90 -23.50 -43.87
CA VAL A 50 6.19 -24.14 -44.09
C VAL A 50 7.08 -23.88 -42.88
N LEU A 51 7.75 -24.92 -42.40
CA LEU A 51 8.64 -24.78 -41.26
C LEU A 51 9.91 -24.04 -41.65
N ILE A 52 10.50 -23.37 -40.67
CA ILE A 52 11.72 -22.58 -40.87
C ILE A 52 12.79 -23.09 -39.90
N SER A 53 14.02 -23.20 -40.41
CA SER A 53 15.16 -23.59 -39.58
C SER A 53 16.19 -22.46 -39.54
N ASP A 54 16.95 -22.24 -40.60
CA ASP A 54 17.82 -21.07 -40.73
C ASP A 54 17.06 -19.93 -41.38
N TYR A 55 17.37 -18.71 -40.96
CA TYR A 55 16.64 -17.52 -41.40
C TYR A 55 17.60 -16.33 -41.38
N SER A 56 17.29 -15.33 -42.19
CA SER A 56 18.17 -14.17 -42.29
C SER A 56 17.37 -12.95 -42.71
N GLY A 57 17.85 -11.78 -42.31
CA GLY A 57 17.21 -10.52 -42.60
C GLY A 57 17.96 -9.38 -41.93
N GLU A 58 17.26 -8.30 -41.61
CA GLU A 58 17.89 -7.14 -40.99
C GLU A 58 17.46 -7.02 -39.52
N ASP A 59 18.36 -6.43 -38.72
CA ASP A 59 18.10 -6.23 -37.30
C ASP A 59 17.31 -4.94 -37.07
N SER A 60 17.33 -4.42 -35.84
CA SER A 60 16.54 -3.23 -35.54
C SER A 60 17.10 -1.99 -36.22
N ASN A 61 18.40 -1.98 -36.53
CA ASN A 61 19.06 -0.81 -37.10
C ASN A 61 19.46 -0.98 -38.56
N GLY A 62 19.01 -2.05 -39.21
CA GLY A 62 19.31 -2.28 -40.60
C GLY A 62 20.54 -3.13 -40.88
N ASN A 63 21.33 -3.46 -39.86
CA ASN A 63 22.43 -4.40 -40.04
C ASN A 63 21.89 -5.81 -40.25
N GLN A 64 22.59 -6.58 -41.07
CA GLN A 64 22.10 -7.91 -41.45
C GLN A 64 22.49 -8.94 -40.40
N LEU A 65 21.53 -9.76 -40.00
CA LEU A 65 21.73 -10.81 -39.01
C LEU A 65 21.29 -12.16 -39.58
N GLN A 66 21.84 -13.23 -39.02
CA GLN A 66 21.50 -14.59 -39.43
C GLN A 66 21.36 -15.43 -38.17
N ALA A 67 20.14 -15.86 -37.87
CA ALA A 67 19.83 -16.64 -36.69
C ALA A 67 19.13 -17.93 -37.09
N THR A 68 19.10 -18.88 -36.17
CA THR A 68 18.52 -20.20 -36.42
C THR A 68 17.62 -20.59 -35.26
N ILE A 69 16.41 -21.04 -35.57
CA ILE A 69 15.49 -21.51 -34.55
C ILE A 69 16.08 -22.75 -33.88
N THR A 70 16.01 -22.78 -32.55
CA THR A 70 16.56 -23.89 -31.76
C THR A 70 15.66 -24.12 -30.56
N ILE A 71 14.91 -25.22 -30.58
CA ILE A 71 14.04 -25.60 -29.48
C ILE A 71 14.78 -26.60 -28.60
N PRO A 72 15.00 -26.31 -27.32
CA PRO A 72 15.71 -27.26 -26.47
C PRO A 72 14.95 -28.58 -26.33
N ASN A 73 15.71 -29.66 -26.21
CA ASN A 73 15.13 -31.01 -26.19
C ASN A 73 14.29 -31.26 -24.94
N GLU A 74 14.48 -30.47 -23.88
CA GLU A 74 13.84 -30.76 -22.60
C GLU A 74 12.37 -30.34 -22.52
N ILE A 75 11.86 -29.58 -23.50
CA ILE A 75 10.43 -29.31 -23.56
C ILE A 75 9.70 -30.38 -24.36
N ILE A 76 10.29 -30.87 -25.46
CA ILE A 76 9.70 -31.98 -26.19
C ILE A 76 9.77 -33.27 -25.39
N ASN A 77 10.72 -33.36 -24.46
CA ASN A 77 10.90 -34.52 -23.59
C ASN A 77 10.97 -34.04 -22.15
N PRO A 78 9.84 -33.63 -21.59
CA PRO A 78 9.84 -33.17 -20.20
C PRO A 78 10.25 -34.30 -19.25
N LYS A 79 11.00 -33.94 -18.21
CA LYS A 79 11.37 -34.94 -17.22
C LYS A 79 10.18 -35.26 -16.33
N GLU A 80 10.16 -36.48 -15.80
CA GLU A 80 9.12 -36.85 -14.85
C GLU A 80 9.23 -35.99 -13.60
N TYR A 81 8.08 -35.75 -12.97
CA TYR A 81 8.07 -34.88 -11.80
C TYR A 81 8.94 -35.46 -10.70
N ASP A 82 9.72 -34.59 -10.07
CA ASP A 82 10.64 -34.97 -9.02
C ASP A 82 10.11 -34.48 -7.67
N PRO A 83 9.82 -35.38 -6.74
CA PRO A 83 9.34 -34.93 -5.42
C PRO A 83 10.30 -34.02 -4.69
N SER A 84 11.61 -34.18 -4.92
CA SER A 84 12.62 -33.41 -4.19
C SER A 84 12.76 -31.97 -4.68
N ASP A 85 12.04 -31.57 -5.74
CA ASP A 85 12.14 -30.20 -6.22
C ASP A 85 11.47 -29.20 -5.28
N TYR A 86 10.63 -29.66 -4.35
CA TYR A 86 10.02 -28.81 -3.32
C TYR A 86 10.23 -29.47 -1.97
N PRO A 87 11.43 -29.39 -1.41
CA PRO A 87 11.70 -30.02 -0.12
C PRO A 87 10.98 -29.32 1.03
N LEU A 88 10.78 -30.07 2.10
CA LEU A 88 10.15 -29.57 3.33
C LEU A 88 11.12 -29.64 4.50
N ALA A 89 10.80 -28.89 5.56
CA ALA A 89 11.52 -28.99 6.81
C ALA A 89 11.19 -30.30 7.51
N GLU A 90 12.10 -30.75 8.39
CA GLU A 90 11.91 -32.04 9.06
C GLU A 90 10.61 -32.07 9.85
N ASP A 91 10.31 -30.98 10.57
CA ASP A 91 9.03 -30.88 11.28
C ASP A 91 7.86 -30.79 10.31
N GLU A 92 8.12 -30.44 9.05
CA GLU A 92 7.10 -30.19 8.04
C GLU A 92 6.13 -29.09 8.48
N SER A 93 6.65 -28.13 9.25
CA SER A 93 5.92 -26.90 9.51
C SER A 93 5.98 -25.91 8.35
N PHE A 94 6.93 -26.08 7.43
CA PHE A 94 7.09 -25.18 6.30
C PHE A 94 8.06 -25.79 5.30
N PHE A 95 8.19 -25.14 4.15
CA PHE A 95 9.18 -25.52 3.15
C PHE A 95 10.59 -25.36 3.71
N LYS A 96 11.49 -26.21 3.23
CA LYS A 96 12.88 -26.19 3.67
C LYS A 96 13.50 -24.81 3.44
N GLN A 97 14.37 -24.40 4.35
CA GLN A 97 14.90 -23.03 4.37
C GLN A 97 15.48 -22.63 3.03
N GLY A 98 16.69 -23.09 2.71
CA GLY A 98 17.21 -22.89 1.37
C GLY A 98 16.51 -23.82 0.38
N HIS A 99 15.98 -23.25 -0.69
CA HIS A 99 15.40 -24.05 -1.76
C HIS A 99 15.51 -23.28 -3.07
N LYS A 100 15.76 -24.03 -4.15
CA LYS A 100 16.11 -23.41 -5.42
C LYS A 100 14.92 -22.80 -6.14
N TYR A 101 13.76 -23.46 -6.10
CA TYR A 101 12.67 -23.16 -7.02
C TYR A 101 11.51 -22.51 -6.28
N ASP A 102 11.37 -21.20 -6.42
CA ASP A 102 10.19 -20.48 -5.94
C ASP A 102 9.02 -20.56 -6.90
N TYR A 103 9.24 -21.04 -8.13
CA TYR A 103 8.22 -21.01 -9.16
C TYR A 103 8.09 -22.42 -9.73
N LEU A 104 7.48 -22.52 -10.91
CA LEU A 104 7.28 -23.81 -11.55
C LEU A 104 8.61 -24.42 -12.00
N VAL A 105 8.76 -25.71 -11.75
CA VAL A 105 9.74 -26.54 -12.44
C VAL A 105 9.07 -27.10 -13.67
N THR A 106 9.84 -27.28 -14.75
CA THR A 106 9.26 -27.83 -15.97
C THR A 106 9.28 -29.36 -15.90
N PHE A 107 8.12 -29.97 -16.10
CA PHE A 107 8.00 -31.42 -16.02
C PHE A 107 6.77 -31.86 -16.81
N ARG A 108 6.77 -33.13 -17.19
CA ARG A 108 5.62 -33.68 -17.89
C ARG A 108 4.42 -33.69 -16.95
N ALA A 109 3.26 -33.28 -17.47
CA ALA A 109 2.06 -33.15 -16.66
C ALA A 109 1.54 -34.50 -16.17
N GLY A 110 1.78 -35.58 -16.93
CA GLY A 110 1.27 -36.87 -16.54
C GLY A 110 2.05 -37.57 -15.46
N SER A 111 3.20 -37.02 -15.10
CA SER A 111 4.06 -37.55 -14.05
C SER A 111 3.69 -37.07 -12.66
N LEU A 112 2.71 -36.18 -12.53
CA LEU A 112 2.31 -35.64 -11.24
C LEU A 112 0.99 -36.26 -10.81
N THR A 113 1.03 -37.04 -9.73
CA THR A 113 -0.16 -37.64 -9.12
C THR A 113 0.06 -37.69 -7.62
N ASN A 114 -1.01 -38.03 -6.88
CA ASN A 114 -0.91 -38.19 -5.43
C ASN A 114 -1.69 -39.44 -5.02
N THR A 115 -0.94 -40.51 -4.72
CA THR A 115 -1.53 -41.74 -4.22
C THR A 115 -1.85 -41.68 -2.73
N TYR A 116 -1.38 -40.65 -2.03
CA TYR A 116 -1.56 -40.56 -0.59
C TYR A 116 -3.01 -40.33 -0.24
N GLU A 117 -3.41 -40.83 0.94
CA GLU A 117 -4.79 -40.71 1.38
C GLU A 117 -5.10 -39.25 1.76
N PRO A 118 -6.36 -38.84 1.66
CA PRO A 118 -6.73 -37.46 1.99
C PRO A 118 -6.49 -37.13 3.45
N LYS A 119 -6.22 -35.84 3.71
CA LYS A 119 -5.92 -35.32 5.04
C LYS A 119 -4.58 -35.85 5.57
N THR A 120 -3.56 -35.76 4.73
CA THR A 120 -2.20 -36.09 5.09
C THR A 120 -1.30 -34.94 4.63
N LYS A 121 -0.15 -34.79 5.28
CA LYS A 121 0.76 -33.69 4.96
C LYS A 121 1.17 -33.73 3.49
N MET A 122 1.62 -34.89 3.01
CA MET A 122 2.02 -35.02 1.62
C MET A 122 0.83 -34.98 0.67
N TYR A 123 -0.36 -35.35 1.12
CA TYR A 123 -1.52 -35.26 0.23
C TYR A 123 -1.88 -33.80 -0.06
N LYS A 124 -1.82 -32.94 0.97
CA LYS A 124 -2.16 -31.54 0.78
C LYS A 124 -1.13 -30.80 -0.07
N LEU A 125 0.13 -31.25 -0.08
CA LEU A 125 1.13 -30.58 -0.90
C LEU A 125 0.94 -30.87 -2.38
N HIS A 126 0.71 -32.13 -2.73
CA HIS A 126 0.45 -32.46 -4.13
C HIS A 126 -0.86 -31.84 -4.61
N ALA A 127 -1.84 -31.69 -3.72
CA ALA A 127 -3.04 -30.95 -4.08
C ALA A 127 -2.74 -29.47 -4.32
N ALA A 128 -1.68 -28.95 -3.70
CA ALA A 128 -1.29 -27.56 -3.95
C ALA A 128 -0.62 -27.41 -5.30
N LEU A 129 0.30 -28.33 -5.65
CA LEU A 129 0.93 -28.25 -6.97
C LEU A 129 -0.07 -28.50 -8.09
N ASP A 130 -1.06 -29.37 -7.87
CA ASP A 130 -2.15 -29.49 -8.83
C ASP A 130 -2.96 -28.20 -8.89
N LYS A 131 -3.09 -27.50 -7.76
CA LYS A 131 -3.64 -26.15 -7.77
C LYS A 131 -2.71 -25.16 -8.44
N LEU A 132 -1.42 -25.46 -8.53
CA LEU A 132 -0.47 -24.51 -9.10
C LEU A 132 -0.59 -24.48 -10.63
N MET A 133 -0.15 -25.55 -11.30
CA MET A 133 -0.06 -25.52 -12.75
C MET A 133 -1.42 -25.42 -13.42
N HIS A 134 -2.49 -25.82 -12.76
CA HIS A 134 -3.82 -25.80 -13.37
C HIS A 134 -4.65 -24.57 -13.01
N VAL A 135 -4.17 -23.68 -12.15
CA VAL A 135 -4.97 -22.52 -11.76
C VAL A 135 -4.19 -21.24 -11.99
N LYS A 136 -3.02 -21.15 -11.36
CA LYS A 136 -2.25 -19.90 -11.36
C LYS A 136 -1.81 -19.49 -12.76
N GLN A 137 -1.69 -20.43 -13.69
CA GLN A 137 -1.13 -20.09 -14.98
C GLN A 137 -2.07 -19.22 -15.81
N ARG A 138 -3.39 -19.45 -15.73
CA ARG A 138 -4.31 -18.76 -16.63
C ARG A 138 -4.56 -17.34 -16.11
N LYS A 139 -4.14 -16.35 -16.88
CA LYS A 139 -4.39 -14.95 -16.60
C LYS A 139 -4.52 -14.25 -17.95
N SER A 140 -5.75 -13.99 -18.38
CA SER A 140 -6.01 -13.50 -19.72
C SER A 140 -6.89 -12.27 -19.65
N ARG A 141 -6.51 -11.22 -20.37
CA ARG A 141 -7.30 -10.00 -20.39
C ARG A 141 -8.63 -10.20 -21.10
N PHE A 142 -8.69 -11.12 -22.07
CA PHE A 142 -9.91 -11.32 -22.82
C PHE A 142 -10.13 -12.80 -23.11
N ALA A 143 -11.33 -13.28 -22.84
CA ALA A 143 -11.92 -14.53 -23.32
C ALA A 143 -10.92 -15.69 -23.15
N ASP A 144 -10.96 -16.67 -24.06
CA ASP A 144 -10.00 -17.77 -23.99
C ASP A 144 -8.61 -17.30 -24.40
N LEU A 145 -7.59 -18.00 -23.90
CA LEU A 145 -6.23 -17.67 -24.30
C LEU A 145 -5.96 -17.99 -25.77
N TRP A 146 -6.73 -18.92 -26.37
CA TRP A 146 -6.52 -19.25 -27.78
C TRP A 146 -7.04 -18.16 -28.70
N ARG A 147 -8.15 -17.50 -28.34
CA ARG A 147 -8.61 -16.36 -29.12
C ARG A 147 -7.64 -15.20 -29.02
N GLU A 148 -6.95 -15.04 -27.88
CA GLU A 148 -5.95 -13.98 -27.76
C GLU A 148 -4.77 -14.24 -28.67
N LEU A 149 -4.35 -15.51 -28.79
CA LEU A 149 -3.27 -15.84 -29.72
C LEU A 149 -3.71 -15.64 -31.16
N CYS A 150 -4.98 -15.86 -31.47
CA CYS A 150 -5.45 -15.66 -32.84
C CYS A 150 -5.37 -14.21 -33.25
N ALA A 151 -5.76 -13.29 -32.36
CA ALA A 151 -5.75 -11.88 -32.73
C ALA A 151 -4.35 -11.37 -33.00
N VAL A 152 -3.35 -11.90 -32.30
CA VAL A 152 -1.97 -11.46 -32.54
C VAL A 152 -1.47 -12.04 -33.86
N ILE A 153 -1.60 -13.35 -34.04
CA ILE A 153 -1.14 -14.00 -35.25
C ILE A 153 -1.95 -13.56 -36.46
N ALA A 154 -3.24 -13.24 -36.28
CA ALA A 154 -4.01 -12.66 -37.38
C ALA A 154 -3.48 -11.30 -37.78
N SER A 155 -3.00 -10.52 -36.79
CA SER A 155 -2.45 -9.20 -37.12
C SER A 155 -1.15 -9.33 -37.90
N LEU A 156 -0.34 -10.33 -37.57
CA LEU A 156 0.92 -10.52 -38.31
C LEU A 156 0.66 -10.98 -39.73
N ASP A 157 -0.44 -11.69 -39.98
CA ASP A 157 -0.74 -12.09 -41.34
C ASP A 157 -1.10 -10.88 -42.21
N VAL A 158 -1.99 -10.03 -41.70
CA VAL A 158 -2.44 -8.89 -42.49
C VAL A 158 -1.33 -7.85 -42.67
N TRP A 159 -0.46 -7.69 -41.68
CA TRP A 159 0.52 -6.61 -41.75
C TRP A 159 1.62 -6.92 -42.76
N TYR A 160 2.13 -8.13 -42.77
CA TYR A 160 3.15 -8.54 -43.71
C TYR A 160 2.59 -9.25 -44.94
N GLN A 161 1.28 -9.51 -44.98
CA GLN A 161 0.61 -10.14 -46.12
C GLN A 161 1.20 -11.48 -46.49
N THR A 162 1.88 -12.16 -45.56
CA THR A 162 2.55 -13.41 -45.84
C THR A 162 2.31 -14.40 -44.71
N THR A 163 2.08 -15.65 -45.08
CA THR A 163 2.02 -16.73 -44.10
C THR A 163 3.39 -17.09 -43.56
N ASN A 164 4.46 -16.72 -44.28
CA ASN A 164 5.82 -17.17 -44.00
C ASN A 164 6.55 -16.09 -43.20
N TYR A 165 6.49 -16.20 -41.88
CA TYR A 165 7.35 -15.43 -40.99
C TYR A 165 7.79 -16.33 -39.84
N PRO A 166 8.98 -16.08 -39.27
CA PRO A 166 9.54 -17.04 -38.31
C PRO A 166 8.68 -17.30 -37.08
N LEU A 167 7.92 -16.32 -36.59
CA LEU A 167 7.20 -16.52 -35.33
C LEU A 167 6.18 -17.65 -35.42
N ARG A 168 5.61 -17.92 -36.60
CA ARG A 168 4.57 -18.93 -36.69
C ARG A 168 5.10 -20.34 -36.42
N THR A 169 6.33 -20.64 -36.84
CA THR A 169 6.85 -21.99 -36.63
C THR A 169 7.02 -22.31 -35.16
N TYR A 170 7.25 -21.29 -34.33
CA TYR A 170 7.28 -21.50 -32.88
C TYR A 170 5.92 -21.96 -32.36
N VAL A 171 4.83 -21.52 -32.99
CA VAL A 171 3.51 -21.97 -32.59
C VAL A 171 3.24 -23.38 -33.12
N LYS A 172 3.56 -23.62 -34.39
CA LYS A 172 3.32 -24.93 -34.98
C LYS A 172 4.23 -26.00 -34.39
N LEU A 173 5.42 -25.64 -33.90
CA LEU A 173 6.31 -26.64 -33.34
C LEU A 173 5.95 -26.99 -31.90
N LEU A 174 5.51 -26.01 -31.12
CA LEU A 174 5.24 -26.27 -29.71
C LEU A 174 3.85 -26.86 -29.48
N PHE A 175 2.83 -26.29 -30.11
CA PHE A 175 1.45 -26.53 -29.71
C PHE A 175 0.66 -27.43 -30.65
N HIS A 176 1.30 -28.02 -31.66
CA HIS A 176 0.62 -28.93 -32.59
C HIS A 176 0.83 -30.37 -32.12
N LYS A 177 -0.14 -30.90 -31.39
CA LYS A 177 -0.10 -32.30 -30.97
C LYS A 177 -1.51 -32.85 -31.03
N GLY A 178 -1.71 -33.88 -31.84
CA GLY A 178 -3.03 -34.43 -32.03
C GLY A 178 -3.91 -33.58 -32.94
N ASP A 179 -5.21 -33.87 -32.88
CA ASP A 179 -6.18 -33.16 -33.70
C ASP A 179 -6.72 -31.91 -33.02
N GLU A 180 -6.71 -31.84 -31.70
CA GLU A 180 -7.27 -30.73 -30.94
C GLU A 180 -6.17 -29.97 -30.22
N PHE A 181 -6.56 -28.91 -29.53
CA PHE A 181 -5.60 -28.13 -28.77
C PHE A 181 -5.06 -28.96 -27.60
N PRO A 182 -3.79 -28.79 -27.25
CA PRO A 182 -3.24 -29.55 -26.12
C PRO A 182 -3.99 -29.32 -24.82
N PHE A 183 -4.54 -28.12 -24.64
CA PHE A 183 -5.19 -27.77 -23.39
C PHE A 183 -6.17 -26.62 -23.64
N TYR A 184 -7.26 -26.61 -22.89
CA TYR A 184 -8.24 -25.55 -22.93
C TYR A 184 -8.57 -25.14 -21.52
N GLU A 185 -8.94 -23.88 -21.35
CA GLU A 185 -9.40 -23.38 -20.06
C GLU A 185 -10.92 -23.35 -20.05
N SER A 186 -11.51 -23.87 -18.98
CA SER A 186 -12.95 -23.83 -18.81
C SER A 186 -13.33 -22.72 -17.85
N PRO A 187 -14.08 -21.72 -18.29
CA PRO A 187 -14.50 -20.65 -17.35
C PRO A 187 -15.29 -21.18 -16.16
N SER A 188 -16.05 -22.25 -16.35
CA SER A 188 -16.91 -22.74 -15.27
C SER A 188 -16.10 -23.18 -14.06
N GLN A 189 -14.97 -23.86 -14.28
CA GLN A 189 -14.13 -24.33 -13.20
C GLN A 189 -12.92 -23.44 -12.94
N ASP A 190 -12.67 -22.45 -13.80
CA ASP A 190 -11.53 -21.54 -13.67
C ASP A 190 -10.20 -22.30 -13.61
N ARG A 191 -10.07 -23.34 -14.43
CA ARG A 191 -8.86 -24.15 -14.47
C ARG A 191 -8.48 -24.44 -15.92
N ILE A 192 -7.17 -24.47 -16.17
CA ILE A 192 -6.68 -25.08 -17.40
C ILE A 192 -6.87 -26.59 -17.31
N ILE A 193 -7.18 -27.22 -18.44
CA ILE A 193 -7.49 -28.64 -18.49
C ILE A 193 -6.71 -29.27 -19.64
N PHE A 194 -5.93 -30.30 -19.35
CA PHE A 194 -5.03 -30.90 -20.31
C PHE A 194 -5.71 -32.03 -21.07
N ASN A 195 -5.77 -31.91 -22.40
CA ASN A 195 -6.22 -33.02 -23.24
C ASN A 195 -5.08 -33.95 -23.65
N ASP A 196 -3.83 -33.53 -23.49
CA ASP A 196 -2.67 -34.36 -23.80
C ASP A 196 -1.72 -34.30 -22.62
N LYS A 197 -1.53 -35.43 -21.95
CA LYS A 197 -0.74 -35.44 -20.72
C LYS A 197 0.75 -35.39 -20.95
N SER A 198 1.22 -35.60 -22.19
CA SER A 198 2.65 -35.60 -22.47
C SER A 198 3.24 -34.20 -22.59
N VAL A 199 2.41 -33.16 -22.59
CA VAL A 199 2.88 -31.79 -22.75
C VAL A 199 3.66 -31.35 -21.51
N ALA A 200 4.66 -30.49 -21.72
CA ALA A 200 5.39 -29.89 -20.62
C ALA A 200 4.48 -29.00 -19.79
N SER A 201 4.69 -29.01 -18.46
CA SER A 201 3.78 -28.29 -17.57
C SER A 201 3.81 -26.79 -17.79
N ILE A 202 4.96 -26.24 -18.21
CA ILE A 202 5.11 -24.78 -18.32
C ILE A 202 4.53 -24.22 -19.61
N LEU A 203 4.13 -25.08 -20.55
CA LEU A 203 3.74 -24.60 -21.87
C LEU A 203 2.62 -23.57 -21.89
N PRO A 204 1.54 -23.68 -21.09
CA PRO A 204 0.47 -22.68 -21.24
C PRO A 204 0.91 -21.24 -21.03
N THR A 205 1.90 -20.98 -20.17
CA THR A 205 2.40 -19.62 -20.03
C THR A 205 3.11 -19.13 -21.29
N PHE A 206 3.66 -20.04 -22.10
CA PHE A 206 4.35 -19.61 -23.32
C PHE A 206 3.41 -19.08 -24.38
N VAL A 207 2.11 -19.43 -24.32
CA VAL A 207 1.15 -18.80 -25.20
C VAL A 207 1.08 -17.30 -24.93
N TYR A 208 1.20 -16.91 -23.65
CA TYR A 208 1.31 -15.51 -23.31
C TYR A 208 2.64 -14.91 -23.72
N THR A 209 3.69 -15.74 -23.84
CA THR A 209 4.98 -15.23 -24.30
C THR A 209 4.93 -14.87 -25.78
N CYS A 210 4.35 -15.75 -26.60
CA CYS A 210 4.21 -15.43 -28.02
C CYS A 210 3.30 -14.24 -28.23
N CYS A 211 2.25 -14.11 -27.40
CA CYS A 211 1.37 -12.96 -27.55
C CYS A 211 2.07 -11.66 -27.18
N GLN A 212 3.08 -11.72 -26.31
CA GLN A 212 3.89 -10.55 -26.04
C GLN A 212 4.90 -10.32 -27.16
N VAL A 213 5.58 -11.39 -27.60
CA VAL A 213 6.57 -11.26 -28.65
C VAL A 213 5.91 -10.85 -29.96
N GLY A 214 4.69 -11.30 -30.20
CA GLY A 214 3.98 -10.88 -31.39
C GLY A 214 3.50 -9.45 -31.33
N THR A 215 3.29 -8.92 -30.11
CA THR A 215 2.98 -7.50 -29.97
C THR A 215 4.19 -6.64 -30.32
N ALA A 216 5.38 -7.05 -29.90
CA ALA A 216 6.58 -6.25 -30.18
C ALA A 216 6.89 -6.22 -31.69
N ILE A 217 6.49 -7.26 -32.42
CA ILE A 217 6.72 -7.26 -33.87
C ILE A 217 5.80 -6.28 -34.56
N MET A 218 4.51 -6.28 -34.21
CA MET A 218 3.62 -5.22 -34.68
C MET A 218 4.06 -3.87 -34.17
N SER A 219 4.63 -3.83 -32.96
CA SER A 219 5.07 -2.57 -32.37
C SER A 219 6.29 -1.99 -33.07
N GLY A 220 7.11 -2.83 -33.70
CA GLY A 220 8.36 -2.38 -34.28
C GLY A 220 9.56 -2.36 -33.35
N ILE A 221 9.46 -2.89 -32.13
CA ILE A 221 10.65 -3.08 -31.31
C ILE A 221 11.48 -4.24 -31.86
N LEU A 222 10.84 -5.38 -32.08
CA LEU A 222 11.50 -6.56 -32.60
C LEU A 222 11.11 -6.79 -34.05
N THR A 223 12.10 -7.09 -34.89
CA THR A 223 11.86 -7.50 -36.26
C THR A 223 11.83 -9.02 -36.34
N HIS A 224 11.62 -9.55 -37.54
CA HIS A 224 11.48 -10.99 -37.69
C HIS A 224 12.76 -11.72 -37.29
N VAL A 225 13.93 -11.10 -37.50
CA VAL A 225 15.17 -11.77 -37.14
C VAL A 225 15.38 -11.74 -35.63
N GLU A 226 15.22 -10.56 -35.03
CA GLU A 226 15.39 -10.42 -33.59
C GLU A 226 14.34 -11.19 -32.82
N SER A 227 13.20 -11.49 -33.45
CA SER A 227 12.20 -12.34 -32.81
C SER A 227 12.74 -13.74 -32.56
N ILE A 228 13.59 -14.24 -33.48
CA ILE A 228 14.14 -15.59 -33.31
C ILE A 228 15.10 -15.64 -32.13
N VAL A 229 15.94 -14.61 -31.99
CA VAL A 229 16.85 -14.54 -30.85
C VAL A 229 16.08 -14.42 -29.54
N ALA A 230 14.91 -13.78 -29.58
CA ALA A 230 14.14 -13.62 -28.35
C ALA A 230 13.47 -14.93 -27.94
N MET A 231 12.85 -15.63 -28.89
CA MET A 231 12.10 -16.82 -28.53
C MET A 231 13.01 -17.94 -28.03
N ASN A 232 14.22 -18.07 -28.58
CA ASN A 232 15.14 -19.07 -28.06
C ASN A 232 15.58 -18.75 -26.65
N HIS A 233 15.68 -17.46 -26.32
CA HIS A 233 16.09 -17.07 -24.98
C HIS A 233 15.06 -17.46 -23.93
N PHE A 234 13.78 -17.45 -24.30
CA PHE A 234 12.75 -17.88 -23.36
C PHE A 234 12.69 -19.41 -23.27
N LEU A 235 12.78 -20.09 -24.42
CA LEU A 235 12.81 -21.55 -24.37
C LEU A 235 14.06 -22.06 -23.69
N HIS A 236 15.17 -21.31 -23.74
CA HIS A 236 16.32 -21.66 -22.94
C HIS A 236 16.06 -21.48 -21.45
N CYS A 237 15.23 -20.50 -21.10
CA CYS A 237 14.88 -20.26 -19.70
C CYS A 237 13.84 -21.23 -19.17
N ALA A 238 13.19 -22.00 -20.04
CA ALA A 238 12.21 -23.00 -19.60
C ALA A 238 12.85 -24.19 -18.91
N LYS A 239 14.16 -24.33 -19.01
CA LYS A 239 14.86 -25.34 -18.22
C LYS A 239 15.78 -24.66 -17.20
N ASP A 240 15.68 -25.05 -15.93
CA ASP A 240 14.69 -26.02 -15.46
C ASP A 240 13.47 -25.38 -14.82
N SER A 241 13.55 -24.06 -14.58
CA SER A 241 12.47 -23.31 -13.95
C SER A 241 12.29 -22.01 -14.72
N TYR A 242 11.14 -21.86 -15.39
CA TYR A 242 11.00 -20.79 -16.37
C TYR A 242 11.08 -19.40 -15.74
N ILE A 243 10.61 -19.22 -14.51
CA ILE A 243 10.60 -17.88 -13.96
C ILE A 243 11.83 -17.60 -13.11
N ASP A 244 12.40 -18.62 -12.46
CA ASP A 244 13.58 -18.38 -11.64
C ASP A 244 14.74 -17.88 -12.47
N GLU A 245 14.91 -18.42 -13.68
CA GLU A 245 15.98 -17.97 -14.54
C GLU A 245 15.75 -16.55 -15.05
N LYS A 246 14.49 -16.17 -15.26
CA LYS A 246 14.21 -14.82 -15.74
C LYS A 246 14.45 -13.78 -14.66
N LEU A 247 14.06 -14.08 -13.41
CA LEU A 247 14.30 -13.14 -12.33
C LEU A 247 15.77 -13.01 -11.97
N LYS A 248 16.58 -14.03 -12.29
CA LYS A 248 18.00 -13.94 -11.99
C LYS A 248 18.77 -13.21 -13.09
N ILE A 249 18.40 -13.46 -14.35
CA ILE A 249 19.12 -12.86 -15.49
C ILE A 249 18.65 -11.45 -15.82
N LYS A 250 17.44 -11.07 -15.39
CA LYS A 250 16.85 -9.81 -15.85
C LYS A 250 17.68 -8.60 -15.47
N GLY A 251 18.36 -8.66 -14.33
CA GLY A 251 19.14 -7.50 -13.91
C GLY A 251 20.37 -7.28 -14.77
N ILE A 252 20.97 -8.36 -15.27
CA ILE A 252 22.23 -8.25 -16.01
C ILE A 252 21.99 -7.86 -17.46
N GLY A 253 20.97 -8.43 -18.10
CA GLY A 253 20.77 -8.22 -19.51
C GLY A 253 20.14 -6.89 -19.89
N ARG A 254 19.63 -6.13 -18.92
CA ARG A 254 19.12 -4.79 -19.20
C ARG A 254 20.14 -3.70 -18.94
N SER A 255 21.21 -3.98 -18.20
CA SER A 255 22.13 -2.97 -17.70
C SER A 255 23.34 -2.71 -18.60
N TRP A 256 23.48 -3.45 -19.70
CA TRP A 256 24.68 -3.33 -20.54
C TRP A 256 24.80 -1.97 -21.22
N TYR A 257 23.70 -1.23 -21.35
CA TYR A 257 23.71 -0.06 -22.25
C TYR A 257 24.72 0.99 -21.83
N GLN A 258 25.11 1.00 -20.55
CA GLN A 258 26.07 1.99 -20.08
C GLN A 258 27.38 1.93 -20.87
N GLU A 259 27.93 0.72 -21.02
CA GLU A 259 29.19 0.58 -21.76
C GLU A 259 28.99 0.85 -23.26
N ALA A 260 27.86 0.43 -23.82
CA ALA A 260 27.64 0.64 -25.25
C ALA A 260 27.45 2.12 -25.58
N LEU A 261 26.81 2.87 -24.69
CA LEU A 261 26.71 4.31 -24.90
C LEU A 261 28.06 4.99 -24.73
N HIS A 262 28.97 4.37 -23.97
CA HIS A 262 30.30 4.94 -23.81
C HIS A 262 31.07 4.96 -25.11
N ASN A 263 30.82 3.98 -25.99
CA ASN A 263 31.54 3.88 -27.25
C ASN A 263 31.00 4.81 -28.33
N VAL A 264 29.79 5.35 -28.18
CA VAL A 264 29.27 6.27 -29.18
C VAL A 264 30.10 7.55 -29.23
N CYS A 265 30.74 7.90 -28.11
CA CYS A 265 31.56 9.11 -27.99
C CYS A 265 30.67 10.32 -28.26
N GLN A 266 30.99 11.17 -29.25
CA GLN A 266 30.22 12.40 -29.43
C GLN A 266 28.79 12.10 -29.86
N ALA A 267 27.85 12.91 -29.36
CA ALA A 267 26.45 12.82 -29.74
C ALA A 267 25.81 14.18 -29.53
N THR A 268 24.79 14.47 -30.33
CA THR A 268 24.11 15.75 -30.32
C THR A 268 22.67 15.56 -29.84
N VAL A 269 22.30 16.27 -28.78
CA VAL A 269 21.00 16.07 -28.14
C VAL A 269 20.33 17.42 -27.91
N PRO A 270 18.99 17.49 -27.90
CA PRO A 270 18.32 18.75 -27.55
C PRO A 270 18.62 19.14 -26.11
N VAL A 271 18.70 20.45 -25.87
CA VAL A 271 18.90 20.98 -24.53
C VAL A 271 17.61 21.60 -24.05
N TRP A 272 17.03 21.04 -22.99
CA TRP A 272 15.84 21.60 -22.36
C TRP A 272 16.19 22.77 -21.45
N SER A 273 15.21 23.63 -21.24
CA SER A 273 15.34 24.76 -20.32
C SER A 273 14.51 24.49 -19.07
N GLN A 274 14.51 25.47 -18.16
CA GLN A 274 13.76 25.33 -16.92
C GLN A 274 12.26 25.23 -17.16
N PHE A 275 11.78 25.83 -18.25
CA PHE A 275 10.35 25.98 -18.49
C PHE A 275 9.76 24.87 -19.35
N ASN A 276 10.50 23.78 -19.57
CA ASN A 276 10.04 22.69 -20.43
C ASN A 276 9.85 23.15 -21.88
N GLU A 277 10.74 24.01 -22.34
CA GLU A 277 10.81 24.41 -23.75
C GLU A 277 12.22 24.13 -24.26
N VAL A 278 12.32 23.60 -25.47
CA VAL A 278 13.61 23.24 -26.03
C VAL A 278 14.29 24.48 -26.57
N ILE A 279 15.49 24.79 -26.07
CA ILE A 279 16.20 26.00 -26.48
C ILE A 279 17.34 25.74 -27.45
N GLY A 280 17.65 24.49 -27.76
CA GLY A 280 18.69 24.22 -28.73
C GLY A 280 19.29 22.84 -28.58
N HIS A 281 19.95 22.42 -29.65
CA HIS A 281 20.78 21.23 -29.66
C HIS A 281 22.20 21.56 -29.21
N ARG A 282 22.92 20.55 -28.73
CA ARG A 282 24.26 20.74 -28.25
C ARG A 282 25.09 19.49 -28.49
N THR A 283 26.36 19.69 -28.90
CA THR A 283 27.27 18.59 -29.16
C THR A 283 28.06 18.32 -27.89
N LYS A 284 27.69 17.26 -27.18
CA LYS A 284 28.37 16.87 -25.95
C LYS A 284 29.04 15.52 -26.15
N SER A 285 30.18 15.34 -25.48
CA SER A 285 30.77 14.02 -25.39
C SER A 285 29.96 13.17 -24.43
N THR A 286 29.90 11.86 -24.70
CA THR A 286 29.21 10.91 -23.85
C THR A 286 30.17 9.96 -23.16
N SER A 287 31.46 10.32 -23.06
CA SER A 287 32.40 9.52 -22.30
C SER A 287 32.03 9.50 -20.83
N GLU A 288 32.08 8.32 -20.23
CA GLU A 288 31.78 8.13 -18.82
C GLU A 288 32.97 8.48 -17.93
N PRO A 289 32.73 8.81 -16.66
CA PRO A 289 33.83 9.03 -15.71
C PRO A 289 34.60 7.74 -15.47
N HIS A 290 35.88 7.90 -15.10
CA HIS A 290 36.78 6.76 -15.01
C HIS A 290 36.24 5.69 -14.06
N PHE A 291 35.65 6.09 -12.93
CA PHE A 291 35.16 5.09 -11.99
C PHE A 291 33.95 4.33 -12.53
N VAL A 292 33.19 4.93 -13.43
CA VAL A 292 32.13 4.19 -14.12
C VAL A 292 32.73 3.19 -15.10
N SER A 293 33.83 3.57 -15.76
CA SER A 293 34.46 2.67 -16.73
C SER A 293 35.06 1.44 -16.08
N SER A 294 35.54 1.56 -14.85
CA SER A 294 36.13 0.40 -14.18
C SER A 294 35.08 -0.63 -13.76
N THR A 295 33.81 -0.22 -13.64
CA THR A 295 32.75 -1.15 -13.32
C THR A 295 32.32 -1.99 -14.53
N PHE A 296 32.70 -1.59 -15.74
CA PHE A 296 32.39 -2.40 -16.91
C PHE A 296 33.11 -3.74 -16.89
N ILE A 297 34.27 -3.80 -16.24
CA ILE A 297 35.06 -5.03 -16.24
C ILE A 297 34.34 -6.14 -15.48
N SER A 298 33.75 -5.81 -14.34
CA SER A 298 33.05 -6.82 -13.55
C SER A 298 31.81 -7.33 -14.27
N LEU A 299 31.16 -6.49 -15.07
CA LEU A 299 29.99 -6.92 -15.81
C LEU A 299 30.33 -7.91 -16.92
N ARG A 300 31.50 -7.74 -17.55
CA ARG A 300 31.82 -8.57 -18.71
C ARG A 300 31.94 -10.04 -18.33
N ALA A 301 32.67 -10.32 -17.24
CA ALA A 301 32.79 -11.70 -16.79
C ALA A 301 31.46 -12.26 -16.31
N LYS A 302 30.57 -11.39 -15.81
CA LYS A 302 29.26 -11.85 -15.38
C LYS A 302 28.31 -12.05 -16.55
N ARG A 303 28.39 -11.20 -17.58
CA ARG A 303 27.57 -11.37 -18.76
C ARG A 303 27.99 -12.57 -19.61
N ALA A 304 29.22 -13.05 -19.45
CA ALA A 304 29.68 -14.22 -20.20
C ALA A 304 29.22 -15.53 -19.58
N GLU A 305 28.64 -15.49 -18.38
CA GLU A 305 28.26 -16.71 -17.66
C GLU A 305 26.74 -16.89 -17.64
N LEU A 306 26.02 -16.04 -16.92
CA LEU A 306 24.59 -16.25 -16.73
C LEU A 306 23.79 -16.13 -18.03
N LEU A 307 24.25 -15.31 -18.97
CA LEU A 307 23.50 -15.05 -20.20
C LEU A 307 23.57 -16.24 -21.16
N TYR A 308 22.56 -16.33 -22.02
CA TYR A 308 22.54 -17.32 -23.09
C TYR A 308 23.65 -17.01 -24.10
N PRO A 309 24.38 -18.02 -24.57
CA PRO A 309 25.55 -17.72 -25.43
C PRO A 309 25.22 -16.95 -26.70
N GLU A 310 24.05 -17.19 -27.31
CA GLU A 310 23.71 -16.46 -28.53
C GLU A 310 23.16 -15.08 -28.21
N PHE A 311 22.34 -14.97 -27.17
CA PHE A 311 21.87 -13.66 -26.71
C PHE A 311 23.02 -12.81 -26.20
N ASN A 312 24.07 -13.45 -25.66
CA ASN A 312 25.25 -12.69 -25.24
C ASN A 312 25.98 -12.09 -26.42
N ALA A 313 26.07 -12.82 -27.53
CA ALA A 313 26.72 -12.27 -28.71
C ALA A 313 25.91 -11.12 -29.30
N TYR A 314 24.59 -11.12 -29.09
CA TYR A 314 23.78 -10.01 -29.58
C TYR A 314 24.13 -8.71 -28.87
N ILE A 315 24.44 -8.78 -27.58
CA ILE A 315 24.81 -7.57 -26.84
C ILE A 315 26.24 -7.16 -27.19
N ASN A 316 27.13 -8.14 -27.40
CA ASN A 316 28.46 -7.80 -27.91
C ASN A 316 28.36 -7.17 -29.29
N ARG A 317 27.35 -7.57 -30.07
CA ARG A 317 27.10 -6.92 -31.35
C ARG A 317 26.62 -5.48 -31.16
N ALA A 318 25.89 -5.20 -30.09
CA ALA A 318 25.36 -3.86 -29.89
C ALA A 318 26.45 -2.89 -29.46
N ILE A 319 27.37 -3.33 -28.61
CA ILE A 319 28.44 -2.47 -28.14
C ILE A 319 29.37 -2.11 -29.29
N GLN A 320 29.44 -2.95 -30.33
CA GLN A 320 30.32 -2.68 -31.45
C GLN A 320 29.68 -1.73 -32.46
N LEU A 321 28.58 -2.17 -33.08
CA LEU A 321 28.15 -1.56 -34.33
C LEU A 321 27.57 -0.16 -34.14
N SER A 322 26.76 0.03 -33.10
CA SER A 322 25.96 1.25 -33.02
C SER A 322 26.87 2.48 -32.92
N LYS A 323 26.55 3.50 -33.73
CA LYS A 323 27.40 4.68 -33.83
C LYS A 323 26.72 5.97 -33.40
N THR A 324 25.41 5.96 -33.19
CA THR A 324 24.68 7.15 -32.75
C THR A 324 23.75 6.75 -31.61
N GLN A 325 23.35 7.75 -30.83
CA GLN A 325 22.53 7.49 -29.64
C GLN A 325 21.19 6.86 -29.98
N ASN A 326 20.63 7.19 -31.14
CA ASN A 326 19.38 6.54 -31.54
C ASN A 326 19.56 5.05 -31.74
N ASP A 327 20.74 4.63 -32.22
CA ASP A 327 21.00 3.21 -32.40
C ASP A 327 21.08 2.49 -31.06
N VAL A 328 21.60 3.17 -30.03
CA VAL A 328 21.73 2.51 -28.73
C VAL A 328 20.36 2.28 -28.11
N ALA A 329 19.48 3.27 -28.18
CA ALA A 329 18.13 3.12 -27.65
C ALA A 329 17.34 2.08 -28.43
N ASN A 330 17.67 1.87 -29.70
CA ASN A 330 17.01 0.82 -30.47
C ASN A 330 17.50 -0.56 -30.08
N TYR A 331 18.82 -0.74 -29.91
CA TYR A 331 19.31 -1.99 -29.37
C TYR A 331 18.85 -2.21 -27.93
N TYR A 332 18.71 -1.13 -27.16
CA TYR A 332 18.27 -1.26 -25.78
C TYR A 332 16.80 -1.65 -25.70
N ALA A 333 15.95 -1.02 -26.53
CA ALA A 333 14.55 -1.42 -26.58
C ALA A 333 14.40 -2.85 -27.08
N ALA A 334 15.31 -3.29 -27.96
CA ALA A 334 15.25 -4.67 -28.44
C ALA A 334 15.57 -5.65 -27.31
N CYS A 335 16.58 -5.33 -26.50
CA CYS A 335 16.91 -6.21 -25.37
C CYS A 335 15.79 -6.25 -24.35
N ARG A 336 14.98 -5.19 -24.30
CA ARG A 336 13.93 -5.12 -23.29
C ARG A 336 12.88 -6.21 -23.51
N ALA A 337 12.50 -6.45 -24.75
CA ALA A 337 11.50 -7.48 -25.05
C ALA A 337 12.09 -8.88 -25.13
N MET A 338 13.42 -9.02 -25.10
CA MET A 338 14.04 -10.35 -25.02
C MET A 338 14.23 -10.83 -23.59
N THR A 339 14.23 -9.93 -22.62
CA THR A 339 14.45 -10.28 -21.22
C THR A 339 13.16 -10.37 -20.42
N ASN A 340 12.01 -10.18 -21.05
CA ASN A 340 10.76 -10.15 -20.31
C ASN A 340 9.60 -10.51 -21.23
N ASP A 341 8.77 -11.45 -20.81
CA ASP A 341 7.54 -11.76 -21.53
C ASP A 341 6.36 -10.88 -21.09
N GLY A 342 6.53 -10.07 -20.05
CA GLY A 342 5.51 -9.13 -19.64
C GLY A 342 4.36 -9.71 -18.85
N THR A 343 4.33 -11.02 -18.67
CA THR A 343 3.24 -11.67 -17.94
C THR A 343 3.37 -11.43 -16.44
N PHE A 344 2.23 -11.42 -15.76
CA PHE A 344 2.25 -11.41 -14.31
C PHE A 344 2.82 -12.72 -13.78
N LEU A 345 3.68 -12.62 -12.77
CA LEU A 345 4.32 -13.80 -12.19
C LEU A 345 3.44 -14.34 -11.07
N ALA A 346 3.43 -15.66 -10.91
CA ALA A 346 2.53 -16.27 -9.96
C ALA A 346 3.14 -17.54 -9.37
N THR A 347 2.85 -17.76 -8.08
CA THR A 347 3.27 -18.97 -7.39
C THR A 347 2.19 -19.38 -6.40
N LEU A 348 2.46 -20.47 -5.68
CA LEU A 348 1.80 -20.69 -4.41
C LEU A 348 2.23 -19.59 -3.45
N THR A 349 1.28 -19.12 -2.64
CA THR A 349 1.55 -17.93 -1.83
C THR A 349 2.67 -18.16 -0.82
N GLU A 350 2.73 -19.35 -0.23
CA GLU A 350 3.73 -19.59 0.81
C GLU A 350 5.09 -19.91 0.23
N LEU A 351 5.17 -20.32 -1.04
CA LEU A 351 6.47 -20.57 -1.65
C LEU A 351 7.24 -19.28 -1.85
N SER A 352 6.59 -18.26 -2.41
CA SER A 352 7.23 -16.95 -2.58
C SER A 352 7.34 -16.18 -1.27
N LEU A 353 6.54 -16.52 -0.26
CA LEU A 353 6.48 -15.74 0.97
C LEU A 353 7.83 -15.70 1.68
N ASP A 354 8.66 -16.73 1.46
CA ASP A 354 9.94 -16.84 2.14
C ASP A 354 10.82 -15.63 1.88
N ALA A 355 11.37 -15.51 0.67
CA ALA A 355 12.38 -14.50 0.40
C ALA A 355 11.81 -13.09 0.20
N ALA A 356 10.50 -12.94 0.06
CA ALA A 356 9.94 -11.62 -0.23
C ALA A 356 9.81 -10.77 1.02
N VAL A 357 9.26 -11.34 2.10
CA VAL A 357 8.89 -10.58 3.29
C VAL A 357 9.75 -10.92 4.51
N PHE A 358 10.62 -11.92 4.43
CA PHE A 358 11.42 -12.30 5.59
C PHE A 358 12.45 -11.23 5.89
N PRO A 359 12.51 -10.71 7.11
CA PRO A 359 13.45 -9.62 7.42
C PRO A 359 14.91 -10.06 7.29
N ARG A 360 15.75 -9.12 6.87
CA ARG A 360 17.18 -9.41 6.70
C ARG A 360 18.01 -8.22 7.14
N ILE A 361 18.94 -8.45 8.06
CA ILE A 361 19.91 -7.45 8.49
C ILE A 361 21.10 -7.48 7.55
N GLU A 362 21.56 -6.30 7.14
CA GLU A 362 22.71 -6.19 6.26
C GLU A 362 23.59 -5.02 6.71
N GLN A 363 24.90 -5.29 6.82
CA GLN A 363 25.93 -4.34 7.25
C GLN A 363 25.63 -3.93 8.69
N HIS A 364 25.78 -2.65 9.07
CA HIS A 364 25.81 -2.28 10.49
C HIS A 364 24.44 -2.31 11.15
N LEU A 365 24.44 -2.56 12.45
CA LEU A 365 23.22 -2.47 13.26
C LEU A 365 22.85 -1.01 13.53
N VAL A 366 21.55 -0.80 13.78
CA VAL A 366 21.03 0.49 14.20
C VAL A 366 20.98 0.52 15.72
N THR A 367 21.38 1.64 16.30
CA THR A 367 21.44 1.79 17.74
C THR A 367 20.31 2.70 18.24
N ARG A 368 19.98 2.54 19.54
CA ARG A 368 18.87 3.21 20.19
C ARG A 368 19.15 4.70 20.42
N PRO A 369 18.11 5.53 20.38
CA PRO A 369 18.20 6.87 20.96
C PRO A 369 18.29 6.82 22.48
N ALA A 370 18.92 7.86 23.05
CA ALA A 370 18.83 8.07 24.49
C ALA A 370 17.41 8.48 24.87
N VAL A 371 16.98 8.07 26.06
CA VAL A 371 15.59 8.26 26.48
C VAL A 371 15.47 9.42 27.47
N LEU A 372 15.19 10.62 26.96
CA LEU A 372 15.12 11.78 27.84
C LEU A 372 13.93 11.74 28.79
N MET A 373 12.83 11.10 28.39
CA MET A 373 11.62 11.16 29.19
C MET A 373 10.80 9.90 28.91
N SER A 374 10.10 9.40 29.93
CA SER A 374 9.50 8.09 29.82
C SER A 374 8.21 7.98 30.61
N ASN A 375 7.35 7.08 30.16
CA ASN A 375 6.11 6.71 30.82
C ASN A 375 6.39 5.84 32.05
N THR A 376 5.36 5.70 32.90
CA THR A 376 5.50 4.86 34.09
C THR A 376 5.75 3.40 33.73
N ARG A 377 5.40 2.98 32.52
CA ARG A 377 5.79 1.69 31.99
C ARG A 377 7.22 1.70 31.44
N HIS A 378 7.89 2.85 31.50
CA HIS A 378 9.19 3.05 30.86
C HIS A 378 9.09 2.89 29.36
N GLU A 379 7.95 3.28 28.80
CA GLU A 379 7.83 3.52 27.37
C GLU A 379 8.49 4.85 27.03
N SER A 380 8.99 4.94 25.80
CA SER A 380 9.60 6.18 25.35
C SER A 380 8.54 7.26 25.13
N LEU A 381 8.94 8.52 25.31
CA LEU A 381 8.06 9.66 25.11
C LEU A 381 8.71 10.70 24.20
N LYS A 382 9.82 11.28 24.65
CA LYS A 382 10.68 12.07 23.79
C LYS A 382 12.10 11.53 23.93
N GLN A 383 12.86 11.57 22.84
CA GLN A 383 14.17 10.94 22.83
C GLN A 383 15.05 11.63 21.80
N LYS A 384 16.37 11.43 21.96
CA LYS A 384 17.37 12.10 21.15
C LYS A 384 18.58 11.19 21.00
N TYR A 385 19.27 11.30 19.87
CA TYR A 385 20.43 10.48 19.57
C TYR A 385 21.71 11.18 20.00
N THR A 386 22.58 10.45 20.71
CA THR A 386 23.91 10.98 21.00
C THR A 386 24.80 10.90 19.78
N ASN A 387 24.74 9.78 19.06
CA ASN A 387 25.57 9.59 17.87
C ASN A 387 24.97 8.46 17.05
N GLY A 388 25.47 8.31 15.83
CA GLY A 388 24.99 7.33 14.89
C GLY A 388 24.35 7.98 13.69
N VAL A 389 23.86 7.14 12.77
CA VAL A 389 23.15 7.64 11.61
C VAL A 389 21.85 8.33 12.02
N GLY A 390 21.28 7.93 13.16
CA GLY A 390 20.05 8.56 13.61
C GLY A 390 20.24 9.98 14.08
N SER A 391 21.42 10.29 14.61
CA SER A 391 21.76 11.69 14.88
C SER A 391 21.90 12.49 13.59
N ILE A 392 22.32 11.85 12.51
CA ILE A 392 22.54 12.58 11.26
C ILE A 392 21.22 13.07 10.69
N ALA A 393 20.20 12.21 10.66
CA ALA A 393 18.89 12.63 10.17
C ALA A 393 18.25 13.65 11.10
N GLN A 394 18.50 13.55 12.40
CA GLN A 394 17.90 14.49 13.34
C GLN A 394 18.51 15.88 13.26
N SER A 395 19.75 15.98 12.77
CA SER A 395 20.35 17.30 12.59
C SER A 395 19.65 18.09 11.51
N TYR A 396 18.89 17.42 10.64
CA TYR A 396 18.10 18.05 9.59
C TYR A 396 16.65 18.21 9.99
N LEU A 397 15.97 17.12 10.32
CA LEU A 397 14.52 17.15 10.53
C LEU A 397 14.10 17.94 11.75
N SER A 398 15.00 18.16 12.72
CA SER A 398 14.62 18.85 13.94
C SER A 398 14.18 20.29 13.71
N SER A 399 14.63 20.91 12.61
CA SER A 399 14.25 22.28 12.31
C SER A 399 12.83 22.41 11.76
N PHE A 400 12.21 21.31 11.36
CA PHE A 400 10.83 21.33 10.88
C PHE A 400 9.79 21.04 11.96
N THR A 401 10.21 20.67 13.18
CA THR A 401 9.25 20.16 14.16
C THR A 401 8.28 21.24 14.62
N ASP A 402 8.77 22.47 14.79
CA ASP A 402 7.92 23.49 15.39
C ASP A 402 6.85 23.97 14.42
N GLU A 403 7.22 24.16 13.15
CA GLU A 403 6.26 24.67 12.17
C GLU A 403 5.15 23.68 11.90
N ILE A 404 5.43 22.38 11.96
CA ILE A 404 4.39 21.38 11.70
C ILE A 404 3.32 21.44 12.77
N ALA A 405 3.68 21.81 14.00
CA ALA A 405 2.70 21.83 15.09
C ALA A 405 1.60 22.85 14.84
N LYS A 406 1.95 23.98 14.21
CA LYS A 406 0.93 24.98 13.90
C LYS A 406 -0.07 24.49 12.86
N ARG A 407 0.34 23.55 12.00
CA ARG A 407 -0.56 22.98 11.01
C ARG A 407 -1.33 21.77 11.52
N VAL A 408 -0.75 20.98 12.42
CA VAL A 408 -1.48 19.85 12.98
C VAL A 408 -2.66 20.32 13.81
N ASN A 409 -2.53 21.46 14.48
CA ASN A 409 -3.62 21.97 15.32
C ASN A 409 -4.83 22.36 14.50
N GLY A 410 -4.63 22.80 13.26
CA GLY A 410 -5.76 23.27 12.47
C GLY A 410 -6.69 22.17 12.01
N ARG A 411 -6.13 21.01 11.68
CA ARG A 411 -6.96 19.89 11.24
C ARG A 411 -7.79 19.36 12.40
N HIS A 412 -9.06 19.06 12.14
CA HIS A 412 -9.92 18.38 13.10
C HIS A 412 -9.85 16.89 12.80
N HIS A 413 -9.05 16.16 13.57
CA HIS A 413 -8.63 14.82 13.17
C HIS A 413 -9.78 13.82 13.12
N ASP A 414 -10.79 13.96 13.99
CA ASP A 414 -11.90 13.02 13.91
C ASP A 414 -12.65 13.16 12.60
N GLU A 415 -12.74 14.38 12.07
CA GLU A 415 -13.30 14.57 10.74
C GLU A 415 -12.40 14.00 9.66
N ALA A 416 -11.08 13.98 9.92
CA ALA A 416 -10.15 13.44 8.93
C ALA A 416 -10.17 11.92 8.90
N TRP A 417 -10.22 11.27 10.07
CA TRP A 417 -10.17 9.82 10.12
C TRP A 417 -11.41 9.19 9.50
N LEU A 418 -12.58 9.80 9.73
CA LEU A 418 -13.77 9.31 9.05
C LEU A 418 -13.70 9.55 7.56
N ASN A 419 -13.04 10.63 7.13
CA ASN A 419 -12.88 10.85 5.69
C ASN A 419 -11.77 9.98 5.12
N PHE A 420 -10.77 9.63 5.92
CA PHE A 420 -9.69 8.76 5.44
C PHE A 420 -10.20 7.36 5.13
N LEU A 421 -11.12 6.82 5.95
CA LEU A 421 -11.63 5.48 5.70
C LEU A 421 -12.51 5.44 4.46
N THR A 422 -13.14 6.56 4.11
CA THR A 422 -14.05 6.60 2.97
C THR A 422 -13.32 6.42 1.64
N THR A 423 -12.05 6.82 1.57
CA THR A 423 -11.36 6.87 0.28
C THR A 423 -11.17 5.48 -0.31
N SER A 424 -11.07 4.44 0.52
CA SER A 424 -10.81 3.09 0.04
C SER A 424 -11.64 2.11 0.85
N SER A 425 -12.72 1.62 0.24
CA SER A 425 -13.46 0.50 0.78
C SER A 425 -13.95 -0.38 -0.38
N PRO A 426 -14.15 -1.69 -0.14
CA PRO A 426 -13.86 -2.50 1.05
C PRO A 426 -12.38 -2.61 1.42
N GLY A 427 -12.08 -2.65 2.70
CA GLY A 427 -10.74 -2.85 3.21
C GLY A 427 -10.39 -4.27 3.60
N ARG A 428 -11.26 -5.24 3.37
CA ARG A 428 -11.01 -6.63 3.74
C ARG A 428 -10.65 -6.76 5.22
N LYS A 429 -11.47 -6.12 6.06
CA LYS A 429 -11.35 -6.34 7.49
C LYS A 429 -11.84 -7.74 7.85
N LEU A 430 -11.31 -8.27 8.95
CA LEU A 430 -11.64 -9.64 9.36
C LEU A 430 -13.14 -9.78 9.57
N THR A 431 -13.68 -10.91 9.11
CA THR A 431 -15.11 -11.11 9.07
C THR A 431 -15.69 -11.30 10.48
N GLU A 432 -17.01 -11.16 10.57
CA GLU A 432 -17.67 -11.19 11.87
C GLU A 432 -17.37 -12.48 12.61
N ILE A 433 -17.11 -12.35 13.91
CA ILE A 433 -16.49 -13.43 14.67
C ILE A 433 -17.52 -14.48 15.07
N GLU A 434 -18.67 -14.06 15.59
CA GLU A 434 -19.58 -14.98 16.27
C GLU A 434 -21.02 -14.51 16.08
N LYS A 435 -21.93 -15.18 16.77
CA LYS A 435 -23.36 -14.87 16.78
C LYS A 435 -23.61 -13.51 17.44
N LEU A 436 -24.70 -12.82 17.11
CA LEU A 436 -25.76 -13.29 16.19
C LEU A 436 -25.37 -13.41 14.69
N GLU A 437 -24.60 -12.47 14.12
CA GLU A 437 -24.34 -11.13 14.66
C GLU A 437 -25.42 -10.18 14.17
N VAL A 438 -25.76 -9.18 15.00
CA VAL A 438 -26.80 -8.23 14.63
C VAL A 438 -26.20 -6.94 14.06
N GLY A 439 -26.32 -6.76 12.75
CA GLY A 439 -27.01 -7.70 11.87
C GLY A 439 -28.48 -7.42 11.61
N GLY A 440 -29.14 -8.35 10.95
CA GLY A 440 -28.51 -9.60 10.51
C GLY A 440 -27.96 -9.64 9.10
N ASP A 441 -28.34 -8.66 8.28
CA ASP A 441 -27.91 -8.61 6.89
C ASP A 441 -26.60 -7.84 6.70
N VAL A 442 -25.99 -7.35 7.77
CA VAL A 442 -24.71 -6.67 7.67
C VAL A 442 -23.58 -7.61 7.26
N ALA A 443 -23.79 -8.93 7.35
CA ALA A 443 -22.81 -9.86 6.81
C ALA A 443 -22.67 -9.70 5.30
N ALA A 444 -23.71 -9.21 4.62
CA ALA A 444 -23.58 -8.91 3.20
C ALA A 444 -22.59 -7.78 2.96
N TRP A 445 -22.41 -6.89 3.94
CA TRP A 445 -21.42 -5.83 3.90
C TRP A 445 -20.21 -6.13 4.78
N SER A 446 -20.03 -7.39 5.18
CA SER A 446 -19.05 -7.71 6.21
C SER A 446 -17.63 -7.35 5.80
N ASN A 447 -17.33 -7.42 4.51
CA ASN A 447 -16.03 -7.01 3.98
C ASN A 447 -16.15 -5.55 3.52
N SER A 448 -15.84 -4.62 4.43
CA SER A 448 -15.82 -3.19 4.12
C SER A 448 -15.12 -2.47 5.26
N ARG A 449 -14.75 -1.22 5.01
CA ARG A 449 -14.15 -0.36 6.04
C ARG A 449 -15.20 0.49 6.74
N ILE A 450 -15.90 1.33 5.98
CA ILE A 450 -16.89 2.23 6.56
C ILE A 450 -18.02 1.45 7.22
N VAL A 451 -18.38 0.30 6.65
CA VAL A 451 -19.42 -0.51 7.28
C VAL A 451 -18.93 -1.06 8.62
N MET A 452 -17.67 -1.51 8.69
CA MET A 452 -17.14 -1.99 9.95
C MET A 452 -16.94 -0.86 10.96
N GLN A 453 -16.60 0.35 10.49
CA GLN A 453 -16.55 1.49 11.39
C GLN A 453 -17.94 1.87 11.88
N ALA A 454 -18.98 1.63 11.06
CA ALA A 454 -20.33 1.98 11.49
C ALA A 454 -20.89 0.95 12.46
N VAL A 455 -20.64 -0.34 12.22
CA VAL A 455 -21.13 -1.37 13.12
C VAL A 455 -20.53 -1.20 14.50
N PHE A 456 -19.22 -0.96 14.57
CA PHE A 456 -18.53 -0.70 15.84
C PHE A 456 -18.52 0.80 16.07
N ALA A 457 -19.52 1.26 16.81
CA ALA A 457 -19.74 2.69 17.02
C ALA A 457 -19.52 3.09 18.47
N ARG A 458 -20.27 2.49 19.37
CA ARG A 458 -20.07 2.70 20.80
C ARG A 458 -18.67 2.26 21.21
N GLU A 459 -18.07 1.32 20.47
CA GLU A 459 -16.73 0.82 20.70
C GLU A 459 -15.65 1.84 20.36
N TYR A 460 -16.00 2.91 19.64
CA TYR A 460 -15.00 3.79 19.06
C TYR A 460 -14.19 4.52 20.14
N ARG A 461 -14.88 5.12 21.11
CA ARG A 461 -14.22 5.96 22.10
C ARG A 461 -13.68 5.18 23.29
N THR A 462 -13.91 3.88 23.36
CA THR A 462 -13.36 3.09 24.46
C THR A 462 -11.87 2.85 24.25
N PRO A 463 -11.03 3.12 25.26
CA PRO A 463 -9.61 2.72 25.16
C PRO A 463 -9.42 1.23 24.98
N GLU A 464 -10.34 0.41 25.51
CA GLU A 464 -10.22 -1.04 25.37
C GLU A 464 -10.26 -1.48 23.91
N ARG A 465 -10.81 -0.65 23.02
CA ARG A 465 -10.89 -1.01 21.61
C ARG A 465 -9.51 -1.30 21.01
N ILE A 466 -8.48 -0.64 21.52
CA ILE A 466 -7.14 -0.80 20.95
C ILE A 466 -6.55 -2.15 21.35
N PHE A 467 -6.71 -2.53 22.62
CA PHE A 467 -6.15 -3.80 23.06
C PHE A 467 -6.88 -5.00 22.48
N LYS A 468 -8.15 -4.85 22.10
CA LYS A 468 -8.81 -5.94 21.39
C LYS A 468 -8.18 -6.19 20.03
N SER A 469 -7.65 -5.14 19.39
CA SER A 469 -6.99 -5.29 18.10
C SER A 469 -5.70 -6.10 18.21
N LEU A 470 -5.02 -6.05 19.36
CA LEU A 470 -3.72 -6.69 19.48
C LEU A 470 -3.79 -8.21 19.44
N LYS A 471 -4.96 -8.78 19.70
CA LYS A 471 -5.16 -10.21 19.61
C LYS A 471 -5.48 -10.70 18.19
N ALA A 472 -5.64 -9.78 17.23
CA ALA A 472 -6.00 -10.16 15.87
C ALA A 472 -4.75 -10.22 15.00
N PRO A 473 -4.39 -11.39 14.47
CA PRO A 473 -3.27 -11.48 13.53
C PRO A 473 -3.54 -10.71 12.24
N ILE A 474 -2.46 -10.19 11.66
CA ILE A 474 -2.52 -9.35 10.47
C ILE A 474 -2.46 -10.25 9.23
N LYS A 475 -3.59 -10.37 8.53
CA LYS A 475 -3.65 -11.21 7.34
C LYS A 475 -2.77 -10.66 6.23
N LEU A 476 -2.18 -11.57 5.45
CA LEU A 476 -1.22 -11.25 4.40
C LEU A 476 -1.85 -11.45 3.02
N VAL A 477 -2.01 -10.34 2.28
CA VAL A 477 -2.52 -10.36 0.91
C VAL A 477 -1.33 -10.24 -0.05
N GLU A 478 -1.45 -10.88 -1.21
CA GLU A 478 -0.41 -10.85 -2.24
C GLU A 478 -0.92 -10.12 -3.48
N ARG A 479 -0.22 -9.05 -3.86
CA ARG A 479 -0.53 -8.27 -5.05
C ARG A 479 0.58 -8.48 -6.07
N GLN A 480 0.29 -9.26 -7.11
CA GLN A 480 1.26 -9.57 -8.14
C GLN A 480 1.47 -8.40 -9.07
N GLN A 481 2.67 -8.33 -9.66
CA GLN A 481 2.96 -7.31 -10.65
C GLN A 481 3.94 -7.88 -11.66
N SER A 482 4.05 -7.20 -12.80
CA SER A 482 4.84 -7.71 -13.91
C SER A 482 6.32 -7.74 -13.58
N ASP A 483 7.04 -8.67 -14.23
CA ASP A 483 8.49 -8.86 -14.17
C ASP A 483 9.14 -8.59 -12.81
N ARG A 484 8.55 -9.09 -11.72
CA ARG A 484 9.05 -8.81 -10.39
C ARG A 484 8.61 -9.94 -9.46
N ARG A 485 9.34 -10.11 -8.36
CA ARG A 485 8.96 -11.12 -7.38
C ARG A 485 7.58 -10.80 -6.83
N GLN A 486 6.82 -11.86 -6.52
CA GLN A 486 5.47 -11.66 -6.01
C GLN A 486 5.53 -10.91 -4.68
N ARG A 487 4.65 -9.92 -4.52
CA ARG A 487 4.71 -9.03 -3.37
C ARG A 487 3.76 -9.52 -2.28
N ALA A 488 4.21 -9.36 -1.03
CA ALA A 488 3.42 -9.71 0.15
C ALA A 488 2.98 -8.42 0.84
N ILE A 489 1.70 -8.10 0.74
CA ILE A 489 1.14 -6.93 1.39
C ILE A 489 0.38 -7.37 2.63
N SER A 490 0.22 -6.45 3.57
CA SER A 490 -0.42 -6.71 4.85
C SER A 490 -1.66 -5.85 5.00
N GLY A 491 -2.83 -6.49 4.99
CA GLY A 491 -4.06 -5.79 5.35
C GLY A 491 -4.20 -5.65 6.85
N LEU A 492 -4.89 -4.59 7.28
CA LEU A 492 -5.00 -4.26 8.69
C LEU A 492 -6.45 -4.00 9.08
N ASP A 493 -6.74 -4.26 10.35
CA ASP A 493 -8.03 -3.96 10.95
C ASP A 493 -8.17 -2.47 11.20
N ASN A 494 -9.43 -2.00 11.29
CA ASN A 494 -9.71 -0.58 11.49
C ASN A 494 -8.90 0.00 12.65
N ASP A 495 -9.15 -0.52 13.86
CA ASP A 495 -8.42 -0.02 15.03
C ASP A 495 -6.93 -0.30 14.94
N ARG A 496 -6.54 -1.41 14.31
CA ARG A 496 -5.12 -1.72 14.17
C ARG A 496 -4.43 -0.69 13.27
N LEU A 497 -5.09 -0.34 12.16
CA LEU A 497 -4.63 0.74 11.29
C LEU A 497 -4.72 2.10 11.96
N PHE A 498 -5.69 2.28 12.87
CA PHE A 498 -5.92 3.59 13.48
C PHE A 498 -4.76 4.04 14.35
N LEU A 499 -4.01 3.08 14.93
CA LEU A 499 -2.91 3.47 15.80
C LEU A 499 -1.84 4.24 15.03
N SER A 500 -1.64 3.92 13.76
CA SER A 500 -0.63 4.58 12.95
C SER A 500 -1.14 5.81 12.22
N PHE A 501 -2.44 6.10 12.27
CA PHE A 501 -2.98 7.22 11.52
C PHE A 501 -2.45 8.55 12.03
N MET A 502 -2.32 8.70 13.35
CA MET A 502 -1.75 9.94 13.89
C MET A 502 -0.31 10.17 13.43
N PRO A 503 0.61 9.20 13.48
CA PRO A 503 1.93 9.44 12.88
C PRO A 503 1.89 9.78 11.40
N TYR A 504 0.94 9.23 10.65
CA TYR A 504 0.87 9.54 9.23
C TYR A 504 0.50 10.99 8.97
N THR A 505 -0.43 11.54 9.75
CA THR A 505 -0.86 12.91 9.50
C THR A 505 0.29 13.90 9.69
N ILE A 506 1.16 13.64 10.66
CA ILE A 506 2.38 14.41 10.79
C ILE A 506 3.33 14.14 9.62
N GLY A 507 3.29 12.92 9.07
CA GLY A 507 4.26 12.55 8.05
C GLY A 507 4.04 13.26 6.73
N LYS A 508 2.78 13.48 6.34
CA LYS A 508 2.51 14.15 5.08
C LYS A 508 2.54 15.67 5.18
N GLN A 509 2.65 16.22 6.39
CA GLN A 509 2.74 17.67 6.52
C GLN A 509 4.05 18.22 5.96
N ILE A 510 5.13 17.43 5.98
CA ILE A 510 6.43 17.92 5.55
C ILE A 510 6.49 18.20 4.05
N TYR A 511 5.61 17.56 3.27
CA TYR A 511 5.71 17.70 1.82
C TYR A 511 5.53 19.14 1.39
N GLU A 512 4.73 19.92 2.11
CA GLU A 512 4.56 21.32 1.76
C GLU A 512 5.82 22.12 2.02
N LEU A 513 6.67 21.66 2.94
CA LEU A 513 7.85 22.41 3.38
C LEU A 513 9.09 22.14 2.53
N ASN A 514 9.04 21.24 1.56
CA ASN A 514 10.23 20.86 0.82
C ASN A 514 9.89 20.58 -0.63
N ASP A 515 10.93 20.60 -1.47
CA ASP A 515 10.85 20.13 -2.85
C ASP A 515 11.45 18.74 -3.00
N ASN A 516 11.79 18.07 -1.89
CA ASN A 516 12.48 16.79 -1.92
C ASN A 516 11.57 15.61 -2.24
N ALA A 517 10.26 15.82 -2.28
CA ALA A 517 9.31 14.74 -2.50
C ALA A 517 9.05 14.58 -4.00
N ALA A 518 9.54 13.46 -4.56
CA ALA A 518 9.13 13.05 -5.90
C ALA A 518 7.66 12.66 -5.95
N GLN A 519 7.09 12.24 -4.82
CA GLN A 519 5.68 11.92 -4.72
C GLN A 519 4.82 13.17 -4.54
N GLY A 520 5.44 14.34 -4.43
CA GLY A 520 4.72 15.60 -4.28
C GLY A 520 3.44 15.66 -5.07
N LYS A 521 3.53 15.75 -6.39
CA LYS A 521 2.38 15.62 -7.28
C LYS A 521 2.87 15.25 -8.67
N GLN A 522 1.98 14.65 -9.46
CA GLN A 522 2.29 14.20 -10.81
C GLN A 522 1.13 14.56 -11.72
N ALA A 523 1.44 15.04 -12.93
CA ALA A 523 0.42 15.47 -13.87
C ALA A 523 0.09 14.43 -14.94
N GLY A 524 1.00 13.47 -15.19
CA GLY A 524 0.80 12.46 -16.21
C GLY A 524 1.23 12.87 -17.61
N ASN A 525 1.68 14.11 -17.80
CA ASN A 525 2.16 14.57 -19.09
C ASN A 525 3.69 14.47 -19.12
N ALA A 526 4.32 15.13 -20.09
CA ALA A 526 5.77 15.24 -20.09
C ALA A 526 6.27 16.10 -18.94
N PHE A 527 5.42 16.96 -18.38
CA PHE A 527 5.81 17.77 -17.24
C PHE A 527 6.13 16.93 -16.02
N ASP A 528 5.64 15.68 -15.99
CA ASP A 528 6.00 14.77 -14.90
C ASP A 528 7.51 14.56 -14.82
N ILE A 529 8.16 14.32 -15.95
CA ILE A 529 9.59 14.08 -15.99
C ILE A 529 10.34 15.35 -16.37
N GLY A 530 9.64 16.48 -16.31
CA GLY A 530 10.14 17.69 -16.95
C GLY A 530 11.45 18.19 -16.34
N GLU A 531 11.61 18.06 -15.03
CA GLU A 531 12.86 18.47 -14.41
C GLU A 531 14.01 17.56 -14.84
N MET A 532 13.74 16.28 -15.13
CA MET A 532 14.82 15.37 -15.50
C MET A 532 15.46 15.76 -16.80
N LEU A 533 14.67 16.27 -17.75
CA LEU A 533 15.22 16.71 -19.02
C LEU A 533 16.13 17.92 -18.84
N TYR A 534 15.89 18.71 -17.80
CA TYR A 534 16.74 19.87 -17.54
C TYR A 534 18.13 19.43 -17.08
N TRP A 535 18.19 18.60 -16.04
CA TRP A 535 19.49 18.26 -15.45
C TRP A 535 20.32 17.37 -16.37
N THR A 536 19.67 16.55 -17.19
CA THR A 536 20.42 15.72 -18.12
C THR A 536 21.12 16.54 -19.20
N SER A 537 20.63 17.74 -19.49
CA SER A 537 21.23 18.59 -20.51
C SER A 537 22.42 19.40 -19.99
N GLN A 538 22.61 19.50 -18.69
CA GLN A 538 23.60 20.41 -18.13
C GLN A 538 25.03 19.86 -18.22
N ARG A 539 25.98 20.78 -18.28
CA ARG A 539 27.41 20.49 -18.26
C ARG A 539 27.88 20.16 -16.84
N ASN A 540 28.92 19.33 -16.76
CA ASN A 540 29.66 19.05 -15.51
C ASN A 540 28.73 18.48 -14.43
N VAL A 541 27.94 17.48 -14.81
CA VAL A 541 26.97 16.87 -13.91
C VAL A 541 27.35 15.41 -13.67
N LEU A 542 27.11 14.94 -12.46
CA LEU A 542 27.20 13.52 -12.11
C LEU A 542 25.82 13.06 -11.63
N LEU A 543 25.07 12.44 -12.54
CA LEU A 543 23.76 11.90 -12.19
C LEU A 543 23.89 10.62 -11.38
N SER A 544 22.90 10.39 -10.52
CA SER A 544 22.89 9.20 -9.66
C SER A 544 21.46 8.82 -9.35
N SER A 545 21.03 7.66 -9.81
CA SER A 545 19.74 7.09 -9.46
C SER A 545 20.01 5.87 -8.59
N ILE A 546 19.83 6.02 -7.29
CA ILE A 546 20.12 4.97 -6.33
C ILE A 546 18.81 4.25 -6.03
N ASP A 547 18.62 3.09 -6.63
CA ASP A 547 17.60 2.16 -6.17
C ASP A 547 18.08 1.49 -4.89
N VAL A 548 17.14 1.17 -4.01
CA VAL A 548 17.45 0.54 -2.73
C VAL A 548 16.71 -0.79 -2.65
N ALA A 549 17.45 -1.86 -2.39
CA ALA A 549 16.86 -3.19 -2.29
C ALA A 549 16.07 -3.34 -1.00
N GLY A 550 15.07 -4.21 -1.04
CA GLY A 550 14.31 -4.53 0.16
C GLY A 550 13.36 -3.45 0.63
N MET A 551 13.74 -2.76 1.72
CA MET A 551 12.95 -1.74 2.40
C MET A 551 11.78 -2.33 3.17
N ASP A 552 11.20 -3.44 2.68
CA ASP A 552 10.32 -4.23 3.52
C ASP A 552 11.12 -5.01 4.54
N ALA A 553 12.13 -5.74 4.09
CA ALA A 553 13.01 -6.49 4.97
C ALA A 553 14.23 -5.70 5.43
N SER A 554 14.46 -4.52 4.87
CA SER A 554 15.67 -3.76 5.19
C SER A 554 15.51 -2.84 6.40
N VAL A 555 14.31 -2.69 6.93
CA VAL A 555 14.06 -1.84 8.09
C VAL A 555 13.90 -2.74 9.30
N THR A 556 14.98 -2.89 10.07
CA THR A 556 14.91 -3.61 11.32
C THR A 556 14.13 -2.79 12.35
N THR A 557 13.76 -3.46 13.45
CA THR A 557 12.93 -2.82 14.46
C THR A 557 13.55 -1.51 14.95
N ASN A 558 14.87 -1.51 15.15
CA ASN A 558 15.53 -0.31 15.64
C ASN A 558 15.59 0.80 14.60
N THR A 559 15.54 0.47 13.30
CA THR A 559 15.56 1.51 12.28
C THR A 559 14.30 2.36 12.30
N LYS A 560 13.16 1.77 12.65
CA LYS A 560 11.91 2.52 12.64
C LYS A 560 11.92 3.65 13.66
N ASP A 561 12.72 3.53 14.72
CA ASP A 561 12.73 4.55 15.77
C ASP A 561 13.31 5.88 15.28
N ILE A 562 14.07 5.88 14.19
CA ILE A 562 14.55 7.17 13.66
C ILE A 562 13.37 8.02 13.23
N TYR A 563 12.35 7.39 12.64
CA TYR A 563 11.14 8.12 12.28
C TYR A 563 10.30 8.47 13.50
N ASN A 564 10.30 7.62 14.53
CA ASN A 564 9.48 7.89 15.71
C ASN A 564 9.98 9.12 16.46
N THR A 565 11.31 9.29 16.54
CA THR A 565 11.85 10.44 17.26
C THR A 565 11.44 11.76 16.61
N PHE A 566 11.20 11.73 15.30
CA PHE A 566 10.71 12.93 14.63
C PHE A 566 9.24 13.19 14.96
N VAL A 567 8.40 12.16 14.91
CA VAL A 567 6.99 12.31 15.24
C VAL A 567 6.81 12.66 16.72
N LEU A 568 7.62 12.04 17.59
CA LEU A 568 7.45 12.29 19.02
C LEU A 568 7.78 13.73 19.39
N ASP A 569 8.74 14.35 18.72
CA ASP A 569 9.00 15.76 18.99
C ASP A 569 7.94 16.66 18.40
N VAL A 570 7.37 16.28 17.25
CA VAL A 570 6.28 17.07 16.69
C VAL A 570 5.04 16.93 17.55
N ALA A 571 4.71 15.71 17.97
CA ALA A 571 3.54 15.50 18.82
C ALA A 571 3.72 16.17 20.17
N SER A 572 4.96 16.40 20.60
CA SER A 572 5.19 17.08 21.87
C SER A 572 4.72 18.52 21.83
N LYS A 573 5.10 19.27 20.80
CA LYS A 573 4.68 20.66 20.72
C LYS A 573 3.22 20.81 20.28
N CYS A 574 2.66 19.81 19.61
CA CYS A 574 1.28 19.91 19.15
C CYS A 574 0.32 19.93 20.34
N THR A 575 -0.70 20.78 20.25
CA THR A 575 -1.74 20.88 21.28
C THR A 575 -3.06 20.50 20.62
N VAL A 576 -3.45 19.24 20.77
CA VAL A 576 -4.67 18.72 20.14
C VAL A 576 -5.48 17.97 21.18
N PRO A 577 -6.18 18.66 22.07
CA PRO A 577 -6.93 17.95 23.12
C PRO A 577 -8.02 17.06 22.53
N ARG A 578 -8.20 15.90 23.17
CA ARG A 578 -9.27 14.96 22.85
C ARG A 578 -9.30 14.59 21.36
N PHE A 579 -8.18 14.00 20.90
CA PHE A 579 -8.16 13.36 19.60
C PHE A 579 -9.09 12.16 19.55
N GLY A 580 -9.29 11.49 20.69
CA GLY A 580 -10.21 10.36 20.75
C GLY A 580 -9.61 9.09 20.21
N PRO A 581 -9.68 8.00 20.99
CA PRO A 581 -10.17 7.92 22.38
C PRO A 581 -9.09 8.28 23.40
N TYR A 582 -8.79 9.56 23.54
CA TYR A 582 -7.70 10.01 24.40
C TYR A 582 -7.98 11.39 24.93
N TYR A 583 -7.31 11.73 26.03
CA TYR A 583 -7.52 12.99 26.73
C TYR A 583 -6.25 13.81 26.76
N ALA A 584 -6.42 15.12 26.86
CA ALA A 584 -5.33 16.03 27.22
C ALA A 584 -5.35 16.18 28.74
N LYS A 585 -4.48 15.44 29.43
CA LYS A 585 -4.51 15.37 30.89
C LYS A 585 -3.09 15.44 31.43
N ASN A 586 -2.98 15.32 32.76
CA ASN A 586 -1.68 15.19 33.40
C ASN A 586 -1.25 13.73 33.38
N MET A 587 -0.01 13.49 33.79
CA MET A 587 0.50 12.13 33.91
C MET A 587 1.71 12.15 34.83
N GLU A 588 1.91 11.05 35.54
CA GLU A 588 3.15 10.85 36.27
C GLU A 588 4.20 10.35 35.28
N VAL A 589 5.37 11.00 35.26
CA VAL A 589 6.35 10.83 34.20
C VAL A 589 7.75 10.79 34.80
N PHE A 590 8.58 9.89 34.29
CA PHE A 590 9.98 9.79 34.71
C PHE A 590 10.87 10.58 33.77
N GLU A 591 11.85 11.29 34.34
CA GLU A 591 12.80 12.08 33.59
C GLU A 591 14.21 11.53 33.77
N ALA A 592 15.08 11.86 32.82
CA ALA A 592 16.49 11.50 32.95
C ALA A 592 17.17 12.44 33.94
N GLY A 593 17.87 11.85 34.91
CA GLY A 593 18.63 12.60 35.89
C GLY A 593 17.87 12.94 37.16
N ASN A 594 16.55 12.81 37.17
CA ASN A 594 15.75 12.97 38.37
C ASN A 594 15.41 11.60 38.94
N ARG A 595 15.38 11.50 40.26
CA ARG A 595 15.23 10.19 40.91
C ARG A 595 13.78 9.70 40.85
N GLN A 596 12.86 10.50 41.39
CA GLN A 596 11.45 10.15 41.45
C GLN A 596 10.68 10.75 40.28
N SER A 597 9.46 10.24 40.08
CA SER A 597 8.61 10.69 38.99
C SER A 597 8.19 12.15 39.17
N GLN A 598 8.07 12.85 38.05
CA GLN A 598 7.58 14.22 37.97
C GLN A 598 6.14 14.23 37.41
N VAL A 599 5.59 15.43 37.24
CA VAL A 599 4.18 15.61 36.87
C VAL A 599 4.14 16.53 35.65
N ARG A 600 3.91 15.95 34.46
CA ARG A 600 3.93 16.71 33.21
C ARG A 600 2.60 16.56 32.48
N TYR A 601 2.09 17.67 31.96
CA TYR A 601 0.87 17.68 31.18
C TYR A 601 1.11 17.02 29.82
N VAL A 602 0.08 16.37 29.29
CA VAL A 602 0.20 15.62 28.03
C VAL A 602 -1.07 15.81 27.22
N ASN A 603 -0.90 16.19 25.95
CA ASN A 603 -2.04 16.33 25.05
C ASN A 603 -2.38 14.98 24.43
N ALA A 604 -3.47 14.94 23.67
CA ALA A 604 -4.03 13.65 23.25
C ALA A 604 -3.12 12.93 22.24
N ALA A 605 -2.68 13.62 21.19
CA ALA A 605 -1.92 12.92 20.15
C ALA A 605 -0.56 12.44 20.66
N TRP A 606 0.03 13.15 21.61
CA TRP A 606 1.33 12.72 22.13
C TRP A 606 1.23 11.41 22.90
N GLN A 607 0.04 11.11 23.47
CA GLN A 607 -0.20 9.76 23.96
C GLN A 607 -0.31 8.77 22.82
N ALA A 608 -1.14 9.09 21.82
CA ALA A 608 -1.39 8.16 20.73
C ALA A 608 -0.13 7.93 19.89
N CYS A 609 0.73 8.93 19.76
CA CYS A 609 2.01 8.72 19.11
C CYS A 609 2.95 7.87 19.96
N ALA A 610 2.86 7.99 21.28
CA ALA A 610 3.73 7.20 22.14
C ALA A 610 3.28 5.75 22.21
N LEU A 611 1.97 5.54 22.38
CA LEU A 611 1.43 4.20 22.52
C LEU A 611 1.65 3.38 21.25
N GLU A 612 1.66 4.03 20.08
CA GLU A 612 1.83 3.29 18.84
C GLU A 612 3.26 2.80 18.67
N ALA A 613 4.23 3.67 18.95
CA ALA A 613 5.64 3.27 18.89
C ALA A 613 6.00 2.28 20.00
N ALA A 614 5.31 2.34 21.14
CA ALA A 614 5.63 1.46 22.25
C ALA A 614 5.28 0.00 21.94
N ASN A 615 4.12 -0.22 21.33
CA ASN A 615 3.70 -1.56 20.93
C ASN A 615 3.88 -1.69 19.42
N SER A 616 4.76 -2.60 19.01
CA SER A 616 5.03 -2.79 17.59
C SER A 616 5.26 -4.28 17.34
N GLN A 617 4.36 -4.88 16.55
CA GLN A 617 4.50 -6.27 16.13
C GLN A 617 4.15 -6.33 14.64
N THR A 618 5.16 -6.40 13.80
CA THR A 618 4.99 -6.40 12.35
C THR A 618 4.73 -7.79 11.78
N SER A 619 4.74 -8.82 12.60
CA SER A 619 4.56 -10.17 12.10
C SER A 619 3.24 -10.29 11.35
N THR A 620 3.29 -10.90 10.17
CA THR A 620 2.12 -11.04 9.30
C THR A 620 1.75 -12.51 9.21
N SER A 621 0.68 -12.89 9.89
CA SER A 621 0.17 -14.26 9.83
C SER A 621 -0.44 -14.54 8.45
N TYR A 622 -0.42 -15.82 8.06
CA TYR A 622 -1.11 -16.25 6.86
C TYR A 622 -1.62 -17.67 7.04
N GLU A 623 -2.91 -17.87 6.74
CA GLU A 623 -3.54 -19.18 6.81
C GLU A 623 -3.40 -19.87 5.46
N SER A 624 -2.76 -21.04 5.45
CA SER A 624 -2.47 -21.76 4.21
C SER A 624 -3.15 -23.12 4.22
N GLU A 625 -3.30 -23.67 3.02
CA GLU A 625 -3.93 -24.97 2.83
C GLU A 625 -2.99 -26.13 3.09
N ILE A 626 -1.74 -25.89 3.45
CA ILE A 626 -0.79 -26.96 3.66
C ILE A 626 -0.37 -27.04 5.13
N PHE A 627 0.27 -25.99 5.61
CA PHE A 627 0.92 -25.96 6.92
C PHE A 627 0.05 -25.31 8.00
N GLY A 628 -1.22 -25.08 7.73
CA GLY A 628 -2.06 -24.36 8.68
C GLY A 628 -1.75 -22.88 8.67
N GLN A 629 -1.64 -22.29 9.85
CA GLN A 629 -1.33 -20.87 9.98
C GLN A 629 0.18 -20.68 10.07
N VAL A 630 0.74 -19.95 9.09
CA VAL A 630 2.16 -19.60 9.07
C VAL A 630 2.31 -18.13 9.42
N LYS A 631 3.37 -17.79 10.15
CA LYS A 631 3.60 -16.43 10.60
C LYS A 631 5.03 -16.02 10.28
N ASN A 632 5.17 -14.97 9.48
CA ASN A 632 6.48 -14.43 9.14
C ASN A 632 7.15 -13.81 10.37
N ALA A 633 8.48 -13.90 10.40
CA ALA A 633 9.27 -13.37 11.51
C ALA A 633 9.14 -11.85 11.60
N GLU A 634 9.25 -11.35 12.84
CA GLU A 634 9.14 -9.93 13.12
C GLU A 634 10.38 -9.19 12.62
N GLY A 635 10.22 -7.88 12.43
CA GLY A 635 11.26 -7.03 11.87
C GLY A 635 10.98 -6.53 10.46
N THR A 636 9.84 -6.88 9.89
CA THR A 636 9.41 -6.33 8.61
C THR A 636 8.97 -4.88 8.79
N TYR A 637 9.01 -4.11 7.72
CA TYR A 637 8.11 -2.96 7.75
C TYR A 637 6.76 -3.37 7.17
N PRO A 638 5.65 -3.11 7.88
CA PRO A 638 4.38 -3.77 7.53
C PRO A 638 3.91 -3.52 6.11
N SER A 639 4.17 -2.34 5.55
CA SER A 639 3.71 -1.99 4.20
C SER A 639 2.22 -2.28 4.00
N GLY A 640 1.35 -1.50 4.64
CA GLY A 640 1.78 -0.38 5.45
C GLY A 640 0.79 0.03 6.51
N ARG A 641 1.28 0.20 7.74
CA ARG A 641 0.47 0.83 8.77
C ARG A 641 0.18 2.27 8.37
N ALA A 642 -1.07 2.69 8.53
CA ALA A 642 -1.55 3.95 7.96
C ALA A 642 -1.09 4.07 6.52
N ASP A 643 -0.05 4.87 6.28
CA ASP A 643 0.46 5.06 4.93
C ASP A 643 1.98 4.97 4.92
N THR A 644 2.49 4.61 3.74
CA THR A 644 3.90 4.51 3.44
C THR A 644 3.90 4.59 1.91
N SER A 645 4.91 5.15 1.26
CA SER A 645 6.25 5.41 1.78
C SER A 645 6.44 6.74 2.47
N THR A 646 5.35 7.36 2.95
CA THR A 646 5.50 8.59 3.72
C THR A 646 6.37 8.37 4.94
N HIS A 647 6.45 7.13 5.44
CA HIS A 647 7.50 6.79 6.40
C HIS A 647 8.87 6.87 5.74
N HIS A 648 9.04 6.21 4.60
CA HIS A 648 10.34 6.15 3.95
C HIS A 648 10.77 7.51 3.42
N THR A 649 9.81 8.31 2.92
CA THR A 649 10.18 9.58 2.32
C THR A 649 10.74 10.55 3.35
N VAL A 650 10.15 10.58 4.54
CA VAL A 650 10.76 11.37 5.62
C VAL A 650 12.05 10.71 6.11
N LEU A 651 12.15 9.39 6.01
CA LEU A 651 13.35 8.70 6.48
C LEU A 651 14.52 8.91 5.53
N LEU A 652 14.29 8.83 4.22
CA LEU A 652 15.42 8.94 3.29
C LEU A 652 15.90 10.37 3.14
N GLN A 653 14.98 11.33 2.99
CA GLN A 653 15.42 12.70 2.76
C GLN A 653 16.14 13.27 3.98
N GLY A 654 15.80 12.79 5.17
CA GLY A 654 16.54 13.20 6.36
C GLY A 654 17.92 12.57 6.43
N LEU A 655 18.07 11.35 5.92
CA LEU A 655 19.39 10.75 5.84
C LEU A 655 20.28 11.41 4.81
N VAL A 656 19.71 12.13 3.85
CA VAL A 656 20.51 12.64 2.74
C VAL A 656 20.86 14.10 2.95
N ARG A 657 19.85 14.93 3.19
CA ARG A 657 20.11 16.34 3.48
C ARG A 657 20.84 16.52 4.80
N GLY A 658 20.64 15.59 5.74
CA GLY A 658 21.40 15.66 6.99
C GLY A 658 22.85 15.30 6.81
N ASN A 659 23.15 14.47 5.82
CA ASN A 659 24.55 14.20 5.49
C ASN A 659 25.25 15.45 4.96
N GLU A 660 24.49 16.36 4.34
CA GLU A 660 25.10 17.60 3.85
C GLU A 660 25.59 18.47 5.00
N LEU A 661 24.85 18.51 6.11
CA LEU A 661 25.33 19.23 7.29
C LEU A 661 26.40 18.45 8.04
N LYS A 662 26.41 17.12 7.92
CA LYS A 662 27.49 16.33 8.48
C LYS A 662 28.80 16.64 7.78
N ARG A 663 28.73 16.98 6.49
CA ARG A 663 29.91 17.45 5.77
C ARG A 663 30.18 18.94 6.00
N ALA A 664 29.20 19.69 6.52
CA ALA A 664 29.46 21.08 6.86
C ALA A 664 30.38 21.20 8.07
N SER A 665 30.17 20.36 9.09
CA SER A 665 31.07 20.34 10.22
C SER A 665 32.45 19.82 9.82
N ASP A 666 32.52 18.97 8.80
CA ASP A 666 33.79 18.46 8.32
C ASP A 666 34.51 19.43 7.38
N GLY A 667 33.87 20.54 7.02
CA GLY A 667 34.50 21.58 6.25
C GLY A 667 34.50 21.42 4.75
N LYS A 668 33.92 20.34 4.23
CA LYS A 668 33.87 20.10 2.80
C LYS A 668 32.58 20.70 2.24
N ASN A 669 32.69 21.73 1.39
CA ASN A 669 31.50 22.30 0.76
C ASN A 669 30.81 21.22 -0.06
N SER A 670 29.51 21.09 0.10
CA SER A 670 28.78 19.93 -0.41
C SER A 670 28.14 20.28 -1.75
N CYS A 671 28.79 19.87 -2.84
CA CYS A 671 28.18 20.04 -4.16
C CYS A 671 26.95 19.15 -4.27
N LEU A 672 25.84 19.75 -4.73
CA LEU A 672 24.56 19.07 -4.88
C LEU A 672 23.58 20.07 -5.47
N ALA A 673 22.55 19.56 -6.14
CA ALA A 673 21.54 20.45 -6.70
C ALA A 673 20.19 20.19 -6.07
N THR A 674 19.46 19.19 -6.59
CA THR A 674 18.17 18.81 -6.05
C THR A 674 18.11 17.29 -5.96
N ILE A 675 17.19 16.80 -5.13
CA ILE A 675 17.09 15.39 -4.84
C ILE A 675 15.63 15.00 -4.68
N LYS A 676 15.17 14.04 -5.49
CA LYS A 676 13.80 13.54 -5.40
C LYS A 676 13.77 12.14 -4.82
N ILE A 677 12.75 11.87 -4.00
CA ILE A 677 12.51 10.55 -3.42
C ILE A 677 11.03 10.26 -3.53
N LEU A 678 10.67 9.05 -3.94
CA LEU A 678 9.25 8.73 -4.05
C LEU A 678 8.60 8.44 -2.68
N GLY A 679 9.15 7.56 -1.83
CA GLY A 679 10.20 6.60 -2.13
C GLY A 679 9.59 5.28 -2.54
N ASP A 680 10.32 4.18 -2.37
CA ASP A 680 11.65 4.18 -1.78
C ASP A 680 12.74 4.58 -2.76
N ASP A 681 12.39 4.68 -4.04
CA ASP A 681 13.37 5.02 -5.06
C ASP A 681 13.91 6.43 -4.81
N ILE A 682 15.23 6.56 -4.86
CA ILE A 682 15.89 7.84 -4.65
C ILE A 682 16.46 8.31 -5.99
N MET A 683 16.72 9.61 -6.06
CA MET A 683 17.42 10.17 -7.21
C MET A 683 18.15 11.43 -6.79
N GLU A 684 19.38 11.59 -7.27
CA GLU A 684 20.23 12.70 -6.90
C GLU A 684 20.76 13.38 -8.16
N ILE A 685 21.18 14.63 -7.99
CA ILE A 685 21.83 15.40 -9.05
C ILE A 685 23.01 16.14 -8.42
N PHE A 686 24.22 15.82 -8.86
CA PHE A 686 25.44 16.49 -8.40
C PHE A 686 26.01 17.32 -9.53
N GLN A 687 26.14 18.63 -9.31
CA GLN A 687 26.88 19.48 -10.22
C GLN A 687 28.19 19.89 -9.57
N GLY A 688 29.26 19.90 -10.34
CA GLY A 688 30.57 20.24 -9.84
C GLY A 688 31.64 19.58 -10.69
N SER A 689 32.87 19.62 -10.17
CA SER A 689 33.98 18.96 -10.84
C SER A 689 33.85 17.45 -10.70
N GLU A 690 34.45 16.73 -11.66
CA GLU A 690 34.32 15.28 -11.68
C GLU A 690 34.92 14.62 -10.44
N SER A 691 35.97 15.23 -9.88
CA SER A 691 36.63 14.62 -8.72
C SER A 691 35.85 14.85 -7.43
N ASP A 692 35.31 16.07 -7.24
CA ASP A 692 34.63 16.38 -5.99
C ASP A 692 33.28 15.69 -5.89
N THR A 693 32.53 15.66 -6.98
CA THR A 693 31.20 15.05 -6.93
C THR A 693 31.27 13.56 -6.64
N TYR A 694 32.31 12.88 -7.11
CA TYR A 694 32.47 11.46 -6.79
C TYR A 694 32.72 11.26 -5.30
N ASP A 695 33.45 12.19 -4.67
CA ASP A 695 33.72 12.05 -3.24
C ASP A 695 32.45 12.22 -2.42
N HIS A 696 31.63 13.22 -2.78
CA HIS A 696 30.32 13.35 -2.15
C HIS A 696 29.38 12.23 -2.56
N ALA A 697 29.56 11.66 -3.75
CA ALA A 697 28.70 10.56 -4.17
C ALA A 697 28.97 9.31 -3.35
N VAL A 698 30.24 9.05 -3.01
CA VAL A 698 30.58 7.88 -2.21
C VAL A 698 30.06 8.03 -0.79
N SER A 699 29.97 9.26 -0.28
CA SER A 699 29.48 9.45 1.08
C SER A 699 28.01 9.09 1.20
N ASN A 700 27.19 9.47 0.20
CA ASN A 700 25.78 9.09 0.24
C ASN A 700 25.60 7.59 0.09
N ALA A 701 26.47 6.93 -0.68
CA ALA A 701 26.43 5.48 -0.76
C ALA A 701 26.82 4.85 0.57
N SER A 702 27.72 5.48 1.31
CA SER A 702 28.20 4.86 2.54
C SER A 702 27.25 5.11 3.70
N ILE A 703 26.65 6.30 3.77
CA ILE A 703 25.77 6.62 4.89
C ILE A 703 24.52 5.74 4.87
N LEU A 704 24.01 5.43 3.67
CA LEU A 704 22.89 4.49 3.60
C LEU A 704 23.31 3.08 3.99
N ASN A 705 24.56 2.69 3.69
CA ASN A 705 25.05 1.41 4.16
C ASN A 705 25.18 1.40 5.67
N GLU A 706 25.52 2.54 6.27
CA GLU A 706 25.69 2.61 7.72
C GLU A 706 24.37 2.51 8.47
N SER A 707 23.25 2.84 7.83
CA SER A 707 21.93 2.76 8.46
C SER A 707 21.22 1.44 8.17
N GLY A 708 21.89 0.50 7.51
CA GLY A 708 21.37 -0.84 7.35
C GLY A 708 20.70 -1.17 6.03
N PHE A 709 20.66 -0.23 5.09
CA PHE A 709 20.19 -0.52 3.75
C PHE A 709 21.37 -0.87 2.85
N ALA A 710 21.21 -1.91 2.04
CA ALA A 710 22.17 -2.24 1.00
C ALA A 710 21.57 -1.88 -0.35
N THR A 711 22.36 -1.21 -1.19
CA THR A 711 21.87 -0.67 -2.45
C THR A 711 22.84 -1.00 -3.57
N THR A 712 22.32 -0.99 -4.79
CA THR A 712 23.13 -1.07 -6.00
C THR A 712 23.34 0.36 -6.48
N ALA A 713 24.50 0.94 -6.15
CA ALA A 713 24.78 2.32 -6.52
C ALA A 713 24.97 2.44 -8.03
N GLU A 714 24.17 3.30 -8.66
CA GLU A 714 24.29 3.58 -10.08
C GLU A 714 24.81 5.00 -10.28
N LEU A 715 25.77 5.15 -11.18
CA LEU A 715 26.34 6.45 -11.51
C LEU A 715 26.54 6.56 -13.01
N SER A 716 26.27 7.75 -13.55
CA SER A 716 26.42 8.00 -14.97
C SER A 716 26.51 9.50 -15.19
N GLN A 717 27.14 9.88 -16.30
CA GLN A 717 27.20 11.29 -16.65
C GLN A 717 26.05 11.74 -17.53
N ASN A 718 25.42 10.81 -18.25
CA ASN A 718 24.48 11.20 -19.30
C ASN A 718 23.14 10.47 -19.23
N SER A 719 22.86 9.72 -18.18
CA SER A 719 21.59 9.01 -18.08
C SER A 719 21.12 8.99 -16.63
N ILE A 720 19.83 8.69 -16.45
CA ILE A 720 19.20 8.68 -15.14
C ILE A 720 17.90 7.89 -15.23
N VAL A 721 17.43 7.40 -14.09
CA VAL A 721 16.22 6.59 -13.99
C VAL A 721 15.38 7.12 -12.85
N LEU A 722 14.06 7.11 -13.00
CA LEU A 722 13.15 7.39 -11.90
C LEU A 722 11.80 6.77 -12.20
N LEU A 723 11.19 6.16 -11.18
CA LEU A 723 9.88 5.52 -11.32
C LEU A 723 9.86 4.48 -12.42
N GLN A 724 11.02 3.87 -12.70
CA GLN A 724 11.23 2.99 -13.85
C GLN A 724 10.72 3.66 -15.13
N GLN A 725 11.26 4.86 -15.36
CA GLN A 725 10.89 5.71 -16.49
C GLN A 725 12.08 6.66 -16.71
N LEU A 726 13.06 6.19 -17.49
CA LEU A 726 14.39 6.78 -17.55
C LEU A 726 14.52 7.83 -18.66
N VAL A 727 15.57 8.65 -18.53
CA VAL A 727 15.90 9.74 -19.44
C VAL A 727 17.40 9.68 -19.72
N VAL A 728 17.77 10.01 -20.96
CA VAL A 728 19.17 10.01 -21.42
C VAL A 728 19.41 11.26 -22.23
N ASN A 729 20.19 12.20 -21.69
CA ASN A 729 20.61 13.39 -22.42
C ASN A 729 19.41 14.25 -22.88
N GLY A 730 18.33 14.23 -22.11
CA GLY A 730 17.12 14.90 -22.54
C GLY A 730 16.30 14.13 -23.54
N THR A 731 16.52 12.83 -23.68
CA THR A 731 15.79 11.96 -24.58
C THR A 731 15.03 10.94 -23.75
N PHE A 732 13.70 11.08 -23.68
CA PHE A 732 12.88 10.07 -23.03
C PHE A 732 12.99 8.75 -23.78
N TRP A 733 13.15 7.66 -23.03
CA TRP A 733 13.08 6.30 -23.55
C TRP A 733 11.92 5.58 -22.87
N GLY A 734 11.06 4.96 -23.67
CA GLY A 734 9.94 4.24 -23.11
C GLY A 734 10.28 2.81 -22.70
N PHE A 735 9.37 2.23 -21.93
CA PHE A 735 9.40 0.81 -21.60
C PHE A 735 8.19 0.16 -22.27
N ALA A 736 8.44 -0.71 -23.24
CA ALA A 736 7.33 -1.38 -23.92
C ALA A 736 6.80 -2.57 -23.12
N ASP A 737 7.69 -3.32 -22.48
CA ASP A 737 7.29 -4.58 -21.88
C ASP A 737 6.40 -4.40 -20.66
N ARG A 738 6.50 -3.27 -19.97
CA ARG A 738 5.79 -3.12 -18.70
C ARG A 738 4.28 -3.14 -18.89
N ILE A 739 3.79 -2.75 -20.07
CA ILE A 739 2.37 -2.85 -20.38
C ILE A 739 2.09 -4.27 -20.85
N SER A 740 1.26 -4.99 -20.11
CA SER A 740 0.87 -6.34 -20.46
C SER A 740 -0.53 -6.32 -21.05
N LEU A 741 -0.64 -6.40 -22.37
CA LEU A 741 -1.95 -6.40 -22.99
C LEU A 741 -2.75 -7.65 -22.65
N TRP A 742 -2.09 -8.79 -22.52
CA TRP A 742 -2.76 -10.08 -22.63
C TRP A 742 -2.95 -10.79 -21.30
N THR A 743 -2.58 -10.18 -20.19
CA THR A 743 -2.71 -10.81 -18.88
C THR A 743 -3.21 -9.80 -17.87
N ARG A 744 -3.81 -10.31 -16.80
CA ARG A 744 -4.28 -9.47 -15.72
C ARG A 744 -4.30 -10.30 -14.44
N GLU A 745 -4.28 -9.62 -13.30
CA GLU A 745 -4.15 -10.33 -12.04
C GLU A 745 -5.48 -10.91 -11.57
N ASP A 746 -6.57 -10.20 -11.75
CA ASP A 746 -7.83 -10.58 -11.11
C ASP A 746 -8.48 -11.82 -11.72
N THR A 747 -8.20 -12.14 -12.98
CA THR A 747 -9.00 -13.10 -13.75
C THR A 747 -10.47 -12.74 -13.67
N LYS A 748 -10.75 -11.46 -13.88
CA LYS A 748 -12.06 -10.84 -13.76
C LYS A 748 -12.92 -11.00 -15.00
N ASP A 749 -12.53 -11.89 -15.92
CA ASP A 749 -13.10 -11.93 -17.26
C ASP A 749 -14.62 -12.09 -17.21
N ILE A 750 -15.32 -11.15 -17.85
CA ILE A 750 -16.77 -11.11 -17.91
C ILE A 750 -17.12 -10.48 -19.26
N GLY A 751 -18.32 -10.77 -19.75
CA GLY A 751 -18.68 -10.35 -21.09
C GLY A 751 -19.11 -8.91 -21.24
N ARG A 752 -19.19 -8.14 -20.16
CA ARG A 752 -19.56 -6.74 -20.25
C ARG A 752 -18.52 -6.00 -21.07
N LEU A 753 -18.99 -5.18 -22.02
CA LEU A 753 -18.15 -4.79 -23.14
C LEU A 753 -17.55 -3.40 -22.98
N ASN A 754 -18.36 -2.40 -22.61
CA ASN A 754 -17.82 -1.07 -22.37
C ASN A 754 -16.85 -1.07 -21.20
N LEU A 755 -16.98 -2.02 -20.27
CA LEU A 755 -15.95 -2.19 -19.26
C LEU A 755 -14.64 -2.63 -19.88
N ALA A 756 -14.69 -3.56 -20.83
CA ALA A 756 -13.45 -4.14 -21.32
C ALA A 756 -12.90 -3.38 -22.52
N MET A 757 -13.76 -3.06 -23.48
CA MET A 757 -13.28 -2.41 -24.70
C MET A 757 -12.81 -0.99 -24.44
N MET A 758 -13.51 -0.25 -23.58
CA MET A 758 -13.02 1.07 -23.19
C MET A 758 -11.77 0.98 -22.33
N GLU A 759 -11.58 -0.12 -21.61
CA GLU A 759 -10.32 -0.30 -20.87
C GLU A 759 -9.16 -0.53 -21.82
N LEU A 760 -9.38 -1.27 -22.91
CA LEU A 760 -8.31 -1.54 -23.86
C LEU A 760 -7.81 -0.25 -24.50
N ASN A 761 -8.69 0.73 -24.67
CA ASN A 761 -8.24 2.03 -25.18
C ASN A 761 -7.30 2.73 -24.22
N ALA A 762 -7.45 2.49 -22.91
CA ALA A 762 -6.51 3.06 -21.97
C ALA A 762 -5.11 2.47 -22.14
N LEU A 763 -5.02 1.23 -22.61
CA LEU A 763 -3.70 0.61 -22.78
C LEU A 763 -3.05 1.06 -24.09
N ILE A 764 -3.79 1.03 -25.19
CA ILE A 764 -3.20 1.35 -26.48
C ILE A 764 -2.75 2.80 -26.51
N ASP A 765 -3.44 3.69 -25.79
CA ASP A 765 -3.02 5.08 -25.69
C ASP A 765 -1.92 5.28 -24.65
N ASP A 766 -1.70 4.31 -23.76
CA ASP A 766 -0.54 4.37 -22.90
C ASP A 766 0.72 3.86 -23.57
N LEU A 767 0.59 3.21 -24.73
CA LEU A 767 1.73 2.76 -25.52
C LEU A 767 2.10 3.72 -26.64
N VAL A 768 1.57 4.94 -26.63
CA VAL A 768 1.75 5.85 -27.76
C VAL A 768 3.21 6.26 -27.91
N PHE A 769 3.86 6.59 -26.81
CA PHE A 769 5.26 7.03 -26.84
C PHE A 769 6.20 6.00 -26.24
N ARG A 770 5.73 4.78 -25.97
CA ARG A 770 6.59 3.68 -25.58
C ARG A 770 6.89 2.74 -26.74
N VAL A 771 6.58 3.15 -27.98
CA VAL A 771 6.64 2.27 -29.13
C VAL A 771 7.25 3.02 -30.31
N ARG A 772 7.93 2.27 -31.19
CA ARG A 772 8.56 2.88 -32.35
C ARG A 772 7.61 3.07 -33.52
N ARG A 773 6.62 2.20 -33.67
CA ARG A 773 5.72 2.21 -34.84
C ARG A 773 4.27 2.14 -34.36
N PRO A 774 3.70 3.28 -33.97
CA PRO A 774 2.30 3.28 -33.47
C PRO A 774 1.31 2.75 -34.47
N GLU A 775 1.56 2.94 -35.78
CA GLU A 775 0.61 2.48 -36.78
C GLU A 775 0.37 0.97 -36.70
N GLY A 776 1.36 0.21 -36.22
CA GLY A 776 1.16 -1.21 -36.06
C GLY A 776 0.26 -1.58 -34.91
N LEU A 777 0.21 -0.73 -33.88
CA LEU A 777 -0.70 -1.01 -32.76
C LEU A 777 -2.15 -0.95 -33.19
N LYS A 778 -2.49 -0.08 -34.15
CA LYS A 778 -3.87 0.05 -34.58
C LYS A 778 -4.35 -1.24 -35.23
N MET A 779 -3.53 -1.83 -36.09
CA MET A 779 -3.85 -3.12 -36.66
C MET A 779 -3.81 -4.25 -35.64
N LEU A 780 -3.03 -4.10 -34.58
CA LEU A 780 -2.99 -5.12 -33.55
C LEU A 780 -4.25 -5.10 -32.70
N GLY A 781 -4.58 -3.93 -32.16
CA GLY A 781 -5.70 -3.83 -31.24
C GLY A 781 -7.05 -3.84 -31.91
N PHE A 782 -7.10 -3.63 -33.24
CA PHE A 782 -8.33 -3.85 -33.97
C PHE A 782 -8.68 -5.34 -34.00
N PHE A 783 -7.73 -6.19 -34.39
CA PHE A 783 -7.98 -7.62 -34.42
C PHE A 783 -8.20 -8.19 -33.02
N CYS A 784 -7.61 -7.57 -31.99
CA CYS A 784 -7.93 -7.96 -30.63
C CYS A 784 -9.37 -7.64 -30.30
N GLY A 785 -9.87 -6.47 -30.71
CA GLY A 785 -11.27 -6.15 -30.55
C GLY A 785 -12.17 -6.80 -31.58
N ALA A 786 -11.60 -7.21 -32.71
CA ALA A 786 -12.34 -7.89 -33.76
C ALA A 786 -12.49 -9.38 -33.52
N ILE A 787 -11.86 -9.94 -32.49
CA ILE A 787 -11.89 -11.39 -32.28
C ILE A 787 -12.11 -11.71 -30.81
N CYS A 788 -11.30 -11.12 -29.92
CA CYS A 788 -11.36 -11.50 -28.51
C CYS A 788 -12.71 -11.15 -27.89
N LEU A 789 -13.35 -10.09 -28.37
CA LEU A 789 -14.63 -9.64 -27.81
C LEU A 789 -15.60 -9.34 -28.94
N ARG A 790 -16.28 -10.39 -29.41
CA ARG A 790 -17.43 -10.23 -30.28
C ARG A 790 -18.67 -10.90 -29.75
N ARG A 791 -18.60 -11.54 -28.58
CA ARG A 791 -19.72 -12.31 -28.03
C ARG A 791 -20.21 -11.68 -26.73
N PHE A 792 -21.48 -11.93 -26.41
CA PHE A 792 -22.08 -11.44 -25.18
C PHE A 792 -22.83 -12.57 -24.51
N THR A 793 -22.63 -12.73 -23.20
CA THR A 793 -22.97 -13.95 -22.49
C THR A 793 -24.27 -13.84 -21.68
N LEU A 794 -25.17 -12.93 -22.04
CA LEU A 794 -26.35 -12.68 -21.21
C LEU A 794 -27.20 -13.93 -21.05
N SER A 795 -27.68 -14.16 -19.84
CA SER A 795 -28.55 -15.28 -19.53
C SER A 795 -30.01 -14.90 -19.77
N VAL A 796 -30.69 -15.70 -20.58
CA VAL A 796 -32.08 -15.47 -20.91
C VAL A 796 -32.95 -16.44 -20.11
N ASP A 797 -34.23 -16.10 -19.97
CA ASP A 797 -35.24 -16.97 -19.39
C ASP A 797 -35.89 -17.81 -20.48
N ASN A 798 -36.35 -19.01 -20.11
CA ASN A 798 -36.92 -19.93 -21.09
C ASN A 798 -38.19 -19.39 -21.72
N LYS A 799 -38.92 -18.52 -21.02
CA LYS A 799 -40.18 -18.00 -21.54
C LYS A 799 -39.95 -17.03 -22.69
N LEU A 800 -39.10 -16.04 -22.48
CA LEU A 800 -38.84 -14.98 -23.46
C LEU A 800 -37.75 -15.35 -24.46
N TYR A 801 -37.12 -16.51 -24.31
CA TYR A 801 -35.97 -16.85 -25.15
C TYR A 801 -36.33 -16.99 -26.62
N ASP A 802 -37.57 -17.43 -26.93
CA ASP A 802 -37.93 -17.66 -28.32
C ASP A 802 -38.33 -16.38 -29.06
N SER A 803 -38.64 -15.30 -28.32
CA SER A 803 -39.11 -14.05 -28.92
C SER A 803 -37.99 -13.16 -29.43
N THR A 804 -36.76 -13.35 -28.91
CA THR A 804 -35.70 -12.39 -29.20
C THR A 804 -35.12 -12.59 -30.60
N TYR A 805 -34.84 -13.83 -30.98
CA TYR A 805 -34.18 -14.12 -32.25
C TYR A 805 -35.07 -13.82 -33.45
N ASN A 806 -36.38 -13.71 -33.26
CA ASN A 806 -37.28 -13.50 -34.37
C ASN A 806 -37.07 -12.16 -35.07
N ASN A 807 -36.43 -11.20 -34.40
CA ASN A 807 -36.25 -9.87 -35.00
C ASN A 807 -34.80 -9.47 -35.16
N LEU A 808 -33.98 -9.68 -34.13
CA LEU A 808 -32.60 -9.20 -34.14
C LEU A 808 -31.75 -9.86 -35.22
N SER A 809 -32.17 -11.03 -35.71
CA SER A 809 -31.43 -11.71 -36.76
C SER A 809 -31.40 -10.90 -38.05
N LYS A 810 -32.32 -9.94 -38.21
CA LYS A 810 -32.35 -9.12 -39.41
C LYS A 810 -31.05 -8.33 -39.59
N TYR A 811 -30.39 -7.97 -38.49
CA TYR A 811 -29.14 -7.22 -38.56
C TYR A 811 -27.99 -8.01 -37.93
N MET A 812 -27.87 -7.96 -36.61
CA MET A 812 -26.79 -8.66 -35.92
C MET A 812 -27.15 -10.13 -35.74
N THR A 813 -26.23 -11.00 -36.15
CA THR A 813 -26.38 -12.43 -35.91
C THR A 813 -26.06 -12.76 -34.45
N LEU A 814 -26.66 -13.85 -33.96
CA LEU A 814 -26.42 -14.28 -32.59
C LEU A 814 -26.54 -15.80 -32.52
N THR A 815 -26.14 -16.34 -31.37
CA THR A 815 -26.12 -17.78 -31.14
C THR A 815 -27.46 -18.25 -30.56
N LYS A 816 -27.98 -19.34 -31.11
CA LYS A 816 -29.26 -19.91 -30.71
C LYS A 816 -29.02 -21.28 -30.11
N TYR A 817 -29.11 -21.38 -28.79
CA TYR A 817 -29.05 -22.66 -28.09
C TYR A 817 -30.45 -23.28 -28.01
N ASP A 818 -30.49 -24.61 -28.09
CA ASP A 818 -31.74 -25.31 -27.87
C ASP A 818 -32.21 -25.14 -26.44
N LYS A 819 -33.52 -24.97 -26.25
CA LYS A 819 -34.05 -24.74 -24.91
C LYS A 819 -33.79 -25.95 -24.02
N ASN A 820 -33.36 -25.69 -22.79
CA ASN A 820 -33.00 -26.76 -21.88
C ASN A 820 -34.14 -26.99 -20.90
N PRO A 821 -34.83 -28.13 -20.98
CA PRO A 821 -35.87 -28.43 -19.97
C PRO A 821 -35.34 -28.51 -18.56
N ASP A 822 -34.07 -28.90 -18.38
CA ASP A 822 -33.55 -29.22 -17.05
C ASP A 822 -33.64 -28.03 -16.09
N SER A 823 -33.17 -26.86 -16.52
CA SER A 823 -33.12 -25.68 -15.66
C SER A 823 -33.94 -24.56 -16.28
N ASP A 824 -34.06 -23.46 -15.52
CA ASP A 824 -34.92 -22.37 -15.95
C ASP A 824 -34.29 -21.54 -17.08
N SER A 825 -33.00 -21.21 -16.97
CA SER A 825 -32.38 -20.32 -17.94
C SER A 825 -31.96 -21.07 -19.20
N THR A 826 -32.04 -20.39 -20.34
CA THR A 826 -31.54 -20.87 -21.62
C THR A 826 -30.62 -19.80 -22.20
N LEU A 827 -29.34 -20.10 -22.29
CA LEU A 827 -28.33 -19.11 -22.59
C LEU A 827 -28.39 -18.65 -24.05
N MET A 828 -27.89 -17.43 -24.28
CA MET A 828 -27.65 -16.92 -25.61
C MET A 828 -26.30 -16.22 -25.65
N SER A 829 -25.67 -16.25 -26.82
CA SER A 829 -24.41 -15.56 -27.06
C SER A 829 -24.62 -14.56 -28.18
N LEU A 830 -24.43 -13.28 -27.88
CA LEU A 830 -24.76 -12.19 -28.80
C LEU A 830 -23.50 -11.77 -29.55
N ILE A 831 -23.38 -12.17 -30.82
CA ILE A 831 -22.35 -11.65 -31.70
C ILE A 831 -22.72 -10.23 -32.12
N LEU A 832 -21.72 -9.39 -32.37
CA LEU A 832 -21.99 -8.02 -32.78
C LEU A 832 -21.23 -7.69 -34.05
N PRO A 833 -21.75 -6.78 -34.86
CA PRO A 833 -21.00 -6.33 -36.05
C PRO A 833 -19.74 -5.57 -35.66
N LEU A 834 -18.76 -5.60 -36.56
CA LEU A 834 -17.52 -4.87 -36.32
C LEU A 834 -17.76 -3.39 -36.12
N ALA A 835 -18.89 -2.88 -36.62
CA ALA A 835 -19.17 -1.45 -36.55
C ALA A 835 -19.27 -0.95 -35.11
N TRP A 836 -19.61 -1.83 -34.16
CA TRP A 836 -19.75 -1.40 -32.77
C TRP A 836 -18.44 -0.92 -32.17
N LEU A 837 -17.30 -1.34 -32.72
CA LEU A 837 -16.01 -0.88 -32.21
C LEU A 837 -15.82 0.62 -32.40
N PHE A 838 -16.47 1.21 -33.41
CA PHE A 838 -16.19 2.58 -33.79
C PHE A 838 -17.24 3.60 -33.34
N MET A 839 -18.41 3.15 -32.90
CA MET A 839 -19.50 4.05 -32.55
C MET A 839 -19.28 4.71 -31.19
N PRO A 840 -19.92 5.85 -30.94
CA PRO A 840 -19.84 6.48 -29.61
C PRO A 840 -20.42 5.59 -28.54
N ARG A 841 -19.80 5.63 -27.36
CA ARG A 841 -20.04 4.71 -26.24
C ARG A 841 -20.18 3.27 -26.73
N GLY A 842 -19.49 2.96 -27.83
CA GLY A 842 -19.15 1.62 -28.20
C GLY A 842 -17.69 1.43 -27.85
N GLY A 843 -16.90 0.90 -28.77
CA GLY A 843 -15.47 0.81 -28.52
C GLY A 843 -14.76 2.14 -28.59
N GLU A 844 -15.27 3.06 -29.42
CA GLU A 844 -14.62 4.34 -29.67
C GLU A 844 -13.18 4.15 -30.16
N TYR A 845 -12.92 3.01 -30.77
CA TYR A 845 -11.61 2.65 -31.29
C TYR A 845 -11.31 3.42 -32.57
N PRO A 846 -10.05 3.81 -32.79
CA PRO A 846 -9.72 4.56 -34.02
C PRO A 846 -10.00 3.72 -35.26
N ALA A 847 -10.45 4.41 -36.31
CA ALA A 847 -10.96 3.76 -37.51
C ALA A 847 -10.00 3.89 -38.69
N TYR A 848 -10.08 2.91 -39.58
CA TYR A 848 -9.48 2.96 -40.91
C TYR A 848 -10.32 3.81 -41.84
N PRO A 849 -9.75 4.24 -42.97
CA PRO A 849 -10.58 4.96 -43.95
C PRO A 849 -11.73 4.11 -44.45
N PHE A 850 -12.88 4.74 -44.66
CA PHE A 850 -14.06 4.10 -45.22
C PHE A 850 -14.19 4.49 -46.69
N GLU A 851 -15.27 4.05 -47.33
CA GLU A 851 -15.55 4.43 -48.71
C GLU A 851 -16.87 5.19 -48.76
N ARG A 852 -16.81 6.43 -49.23
CA ARG A 852 -18.02 7.22 -49.48
C ARG A 852 -18.71 6.71 -50.73
N ARG A 853 -19.92 7.21 -50.97
CA ARG A 853 -20.59 6.96 -52.24
C ARG A 853 -19.81 7.54 -53.42
N ASP A 854 -19.10 8.65 -53.20
CA ASP A 854 -18.29 9.24 -54.27
C ASP A 854 -17.09 8.37 -54.64
N GLY A 855 -16.65 7.50 -53.75
CA GLY A 855 -15.46 6.71 -53.94
C GLY A 855 -14.24 7.24 -53.24
N THR A 856 -14.23 8.52 -52.88
CA THR A 856 -13.16 9.06 -52.05
C THR A 856 -13.21 8.45 -50.66
N PHE A 857 -12.05 8.09 -50.13
CA PHE A 857 -11.98 7.52 -48.80
C PHE A 857 -11.93 8.61 -47.74
N THR A 858 -12.48 8.30 -46.57
CA THR A 858 -12.43 9.21 -45.43
C THR A 858 -11.02 9.21 -44.82
N GLU A 859 -10.76 10.25 -44.03
CA GLU A 859 -9.43 10.43 -43.46
C GLU A 859 -9.06 9.25 -42.56
N ASP A 860 -7.77 8.89 -42.61
CA ASP A 860 -7.23 7.79 -41.83
C ASP A 860 -6.89 8.29 -40.42
N GLU A 861 -7.61 7.80 -39.43
CA GLU A 861 -7.44 8.25 -38.05
C GLU A 861 -6.13 7.72 -37.46
N SER A 862 -5.56 8.51 -36.57
CA SER A 862 -4.28 8.22 -35.91
C SER A 862 -4.52 7.98 -34.42
N MET A 863 -3.44 7.72 -33.69
CA MET A 863 -3.58 7.48 -32.27
C MET A 863 -4.02 8.73 -31.51
N PHE A 864 -3.83 9.90 -32.09
CA PHE A 864 -4.11 11.15 -31.40
C PHE A 864 -5.56 11.59 -31.48
N THR A 865 -6.42 10.88 -32.21
CA THR A 865 -7.82 11.31 -32.31
C THR A 865 -8.48 11.24 -30.95
N ALA A 866 -9.28 12.25 -30.63
CA ALA A 866 -10.00 12.24 -29.37
C ALA A 866 -11.19 11.29 -29.44
N ARG A 867 -11.61 10.81 -28.28
CA ARG A 867 -12.78 9.98 -28.14
C ARG A 867 -13.91 10.79 -27.48
N GLY A 868 -14.90 10.09 -26.93
CA GLY A 868 -16.10 10.75 -26.47
C GLY A 868 -17.03 11.07 -27.63
N ALA A 869 -17.84 12.13 -27.43
CA ALA A 869 -18.88 12.48 -28.39
C ALA A 869 -18.31 12.82 -29.76
N TYR A 870 -17.04 13.21 -29.84
CA TYR A 870 -16.41 13.53 -31.11
C TYR A 870 -16.40 12.32 -32.06
N LYS A 871 -16.43 11.11 -31.53
CA LYS A 871 -16.43 9.92 -32.40
C LYS A 871 -17.68 9.84 -33.24
N ARG A 872 -18.78 10.48 -32.83
CA ARG A 872 -20.01 10.48 -33.60
C ARG A 872 -19.84 11.16 -34.96
N ARG A 873 -18.84 12.04 -35.11
CA ARG A 873 -18.63 12.73 -36.37
C ARG A 873 -18.31 11.74 -37.50
N LEU A 874 -17.76 10.58 -37.17
CA LEU A 874 -17.43 9.60 -38.21
C LEU A 874 -18.68 9.15 -38.95
N LEU A 875 -19.84 9.22 -38.30
CA LEU A 875 -21.09 8.88 -38.96
C LEU A 875 -21.38 9.84 -40.11
N TYR A 876 -21.27 11.15 -39.86
CA TYR A 876 -21.52 12.14 -40.91
C TYR A 876 -20.44 12.12 -41.99
N ASP A 877 -19.19 11.83 -41.61
CA ASP A 877 -18.10 11.89 -42.58
C ASP A 877 -18.25 10.86 -43.68
N VAL A 878 -18.91 9.73 -43.39
CA VAL A 878 -19.17 8.72 -44.41
C VAL A 878 -20.12 9.26 -45.48
N SER A 879 -20.99 10.19 -45.09
CA SER A 879 -21.99 10.78 -45.98
C SER A 879 -21.44 11.92 -46.82
N ASN A 880 -20.14 12.22 -46.70
CA ASN A 880 -19.46 13.27 -47.46
C ASN A 880 -19.97 14.65 -47.07
N ILE A 881 -19.36 15.24 -46.04
CA ILE A 881 -19.76 16.56 -45.57
C ILE A 881 -19.55 17.61 -46.65
N GLY A 882 -18.50 17.43 -47.47
CA GLY A 882 -18.24 18.38 -48.53
C GLY A 882 -19.33 18.39 -49.59
N GLU A 883 -20.01 17.25 -49.77
CA GLU A 883 -21.21 17.20 -50.59
C GLU A 883 -22.44 17.69 -49.83
N MET A 884 -22.47 17.49 -48.50
CA MET A 884 -23.64 17.88 -47.73
C MET A 884 -23.84 19.40 -47.71
N ILE A 885 -22.75 20.17 -47.77
CA ILE A 885 -22.89 21.61 -47.67
C ILE A 885 -23.35 22.23 -48.98
N GLN A 886 -22.84 21.72 -50.12
CA GLN A 886 -23.21 22.30 -51.40
C GLN A 886 -24.70 22.14 -51.69
N GLN A 887 -25.31 21.06 -51.18
CA GLN A 887 -26.75 20.89 -51.30
C GLN A 887 -27.52 21.45 -50.11
N ASN A 888 -26.84 21.91 -49.06
CA ASN A 888 -27.48 22.51 -47.89
C ASN A 888 -28.53 21.58 -47.28
N SER A 889 -28.14 20.33 -47.08
CA SER A 889 -29.03 19.33 -46.53
C SER A 889 -28.39 18.71 -45.29
N MET A 890 -29.20 18.56 -44.23
CA MET A 890 -28.78 17.85 -43.03
C MET A 890 -29.15 16.38 -43.06
N ALA A 891 -29.53 15.85 -44.21
CA ALA A 891 -29.96 14.46 -44.31
C ALA A 891 -28.83 13.51 -43.93
N LEU A 892 -29.18 12.46 -43.19
CA LEU A 892 -28.21 11.58 -42.57
C LEU A 892 -27.66 10.50 -43.50
N ASP A 893 -28.29 10.28 -44.66
CA ASP A 893 -27.91 9.21 -45.59
C ASP A 893 -27.88 7.85 -44.87
N ASP A 894 -29.08 7.40 -44.49
CA ASP A 894 -29.25 6.16 -43.76
C ASP A 894 -29.01 4.92 -44.61
N ASP A 895 -29.08 5.04 -45.94
CA ASP A 895 -28.99 3.86 -46.79
C ASP A 895 -27.59 3.25 -46.77
N LEU A 896 -26.56 4.10 -46.95
CA LEU A 896 -25.20 3.60 -46.96
C LEU A 896 -24.77 3.06 -45.60
N LEU A 897 -25.29 3.63 -44.52
CA LEU A 897 -24.93 3.15 -43.19
C LEU A 897 -25.43 1.74 -42.94
N HIS A 898 -26.53 1.35 -43.59
CA HIS A 898 -27.02 -0.02 -43.45
C HIS A 898 -26.05 -1.03 -44.07
N GLU A 899 -25.24 -0.61 -45.04
CA GLU A 899 -24.28 -1.52 -45.65
C GLU A 899 -23.25 -1.98 -44.62
N TYR A 900 -22.51 -1.02 -44.05
CA TYR A 900 -21.48 -1.37 -43.07
C TYR A 900 -22.07 -1.89 -41.77
N GLY A 901 -23.34 -1.64 -41.51
CA GLY A 901 -23.95 -2.12 -40.29
C GLY A 901 -23.93 -1.16 -39.12
N PHE A 902 -23.67 0.12 -39.36
CA PHE A 902 -23.83 1.10 -38.29
C PHE A 902 -25.25 1.11 -37.75
N THR A 903 -26.23 0.82 -38.61
CA THR A 903 -27.62 0.79 -38.16
C THR A 903 -27.84 -0.30 -37.11
N GLY A 904 -27.13 -1.42 -37.25
CA GLY A 904 -27.15 -2.43 -36.21
C GLY A 904 -26.18 -2.18 -35.08
N ALA A 905 -25.13 -1.38 -35.34
CA ALA A 905 -24.19 -1.05 -34.28
C ALA A 905 -24.86 -0.20 -33.19
N LEU A 906 -25.82 0.64 -33.56
CA LEU A 906 -26.49 1.47 -32.58
C LEU A 906 -27.64 0.76 -31.87
N LEU A 907 -28.10 -0.38 -32.40
CA LEU A 907 -29.12 -1.13 -31.70
C LEU A 907 -28.60 -1.72 -30.40
N LEU A 908 -27.37 -2.22 -30.41
CA LEU A 908 -26.77 -2.73 -29.18
C LEU A 908 -26.50 -1.60 -28.18
N ILE A 909 -26.20 -0.40 -28.68
CA ILE A 909 -25.94 0.73 -27.80
C ILE A 909 -27.22 1.29 -27.19
N ASP A 910 -28.38 1.02 -27.78
CA ASP A 910 -29.66 1.47 -27.26
C ASP A 910 -30.23 0.53 -26.20
N LEU A 911 -29.61 -0.63 -25.97
CA LEU A 911 -30.07 -1.50 -24.89
C LEU A 911 -29.75 -0.92 -23.52
N ASN A 912 -28.63 -0.21 -23.40
CA ASN A 912 -28.10 0.22 -22.10
C ASN A 912 -27.94 -0.97 -21.15
N ILE A 913 -27.20 -1.98 -21.65
CA ILE A 913 -27.08 -3.24 -20.91
C ILE A 913 -26.40 -3.04 -19.56
N LEU A 914 -25.37 -2.20 -19.52
CA LEU A 914 -24.63 -1.99 -18.28
C LEU A 914 -25.37 -1.08 -17.31
N ASP A 915 -26.40 -0.38 -17.76
CA ASP A 915 -27.21 0.45 -16.88
C ASP A 915 -28.36 -0.33 -16.23
N LEU A 916 -28.88 -1.35 -16.91
CA LEU A 916 -29.95 -2.17 -16.32
C LEU A 916 -29.44 -3.13 -15.27
N ILE A 917 -28.23 -3.67 -15.45
CA ILE A 917 -27.67 -4.58 -14.45
C ILE A 917 -27.41 -3.84 -13.15
N ASP A 918 -27.10 -2.54 -13.21
CA ASP A 918 -26.93 -1.76 -11.98
C ASP A 918 -28.27 -1.45 -11.33
N GLU A 919 -29.27 -1.07 -12.12
CA GLU A 919 -30.55 -0.68 -11.56
C GLU A 919 -31.27 -1.87 -10.93
N VAL A 920 -31.18 -3.05 -11.54
CA VAL A 920 -31.91 -4.20 -11.01
C VAL A 920 -31.35 -4.63 -9.66
N LYS A 921 -30.04 -4.49 -9.46
CA LYS A 921 -29.43 -4.84 -8.18
C LYS A 921 -29.77 -3.84 -7.10
N LYS A 922 -29.92 -2.57 -7.44
CA LYS A 922 -30.13 -1.54 -6.43
C LYS A 922 -31.46 -1.70 -5.71
N GLU A 923 -32.44 -2.33 -6.37
CA GLU A 923 -33.78 -2.48 -5.82
C GLU A 923 -33.77 -3.39 -4.58
N ASP A 924 -33.52 -4.68 -4.79
CA ASP A 924 -33.66 -5.64 -3.70
C ASP A 924 -32.41 -5.72 -2.83
N ILE A 925 -31.22 -5.69 -3.44
CA ILE A 925 -30.00 -6.02 -2.70
C ILE A 925 -29.73 -5.02 -1.58
N SER A 926 -30.10 -3.75 -1.78
CA SER A 926 -29.92 -2.79 -0.71
C SER A 926 -31.26 -2.56 -0.02
N PRO A 927 -31.43 -3.01 1.22
CA PRO A 927 -32.70 -2.78 1.93
C PRO A 927 -33.01 -1.31 2.15
N VAL A 928 -32.00 -0.43 2.18
CA VAL A 928 -32.07 0.96 2.62
C VAL A 928 -33.00 1.06 3.83
N LYS A 929 -33.82 2.11 3.88
CA LYS A 929 -34.78 2.30 4.96
C LYS A 929 -34.10 2.26 6.30
N VAL A 930 -34.66 1.52 7.26
CA VAL A 930 -34.08 1.46 8.58
C VAL A 930 -32.74 0.73 8.59
N SER A 931 -32.50 -0.16 7.63
CA SER A 931 -31.29 -0.97 7.69
C SER A 931 -30.04 -0.13 7.44
N GLU A 932 -30.06 0.68 6.38
CA GLU A 932 -28.88 1.45 6.01
C GLU A 932 -28.83 2.80 6.70
N LEU A 933 -29.98 3.48 6.83
CA LEU A 933 -29.97 4.82 7.42
C LEU A 933 -29.57 4.79 8.88
N ALA A 934 -29.85 3.71 9.60
CA ALA A 934 -29.50 3.66 11.02
C ALA A 934 -28.00 3.75 11.23
N THR A 935 -27.21 3.21 10.30
CA THR A 935 -25.76 3.34 10.41
C THR A 935 -25.28 4.71 9.94
N SER A 936 -25.86 5.22 8.85
CA SER A 936 -25.48 6.56 8.39
C SER A 936 -25.89 7.63 9.40
N LEU A 937 -27.08 7.49 10.01
CA LEU A 937 -27.47 8.42 11.06
C LEU A 937 -26.59 8.27 12.28
N GLU A 938 -26.08 7.06 12.53
CA GLU A 938 -25.12 6.88 13.61
C GLU A 938 -23.73 7.34 13.19
N GLN A 939 -23.31 7.01 11.97
CA GLN A 939 -21.95 7.34 11.54
C GLN A 939 -21.70 8.84 11.58
N LEU A 940 -22.76 9.64 11.41
CA LEU A 940 -22.65 11.09 11.53
C LEU A 940 -22.27 11.54 12.92
N GLY A 941 -22.53 10.70 13.94
CA GLY A 941 -22.29 11.13 15.31
C GLY A 941 -20.82 11.21 15.69
N LYS A 942 -19.96 10.50 14.96
CA LYS A 942 -18.52 10.60 15.24
C LYS A 942 -17.89 11.80 14.56
N LEU A 943 -18.38 12.15 13.36
CA LEU A 943 -17.83 13.28 12.64
C LEU A 943 -18.09 14.57 13.40
N GLY A 944 -17.16 15.51 13.29
CA GLY A 944 -17.38 16.82 13.87
C GLY A 944 -18.64 17.42 13.28
N GLU A 945 -19.71 17.44 14.06
CA GLU A 945 -21.04 17.77 13.56
C GLU A 945 -21.11 19.20 13.02
N ARG A 946 -21.80 19.38 11.89
CA ARG A 946 -22.41 18.29 11.15
C ARG A 946 -22.33 18.55 9.65
N GLU A 947 -22.40 17.49 8.85
CA GLU A 947 -22.55 17.63 7.40
C GLU A 947 -24.04 17.42 7.06
N LYS A 948 -24.75 18.52 6.95
CA LYS A 948 -26.08 18.55 6.34
C LYS A 948 -26.00 18.88 4.86
N SER A 949 -24.86 18.57 4.23
CA SER A 949 -24.49 19.15 2.95
C SER A 949 -25.50 18.85 1.86
N ARG A 950 -26.29 17.80 2.02
CA ARG A 950 -27.36 17.54 1.05
C ARG A 950 -28.35 18.69 0.98
N ARG A 951 -28.63 19.35 2.10
CA ARG A 951 -29.45 20.56 2.05
C ARG A 951 -28.74 21.69 1.33
N ALA A 952 -27.41 21.77 1.45
CA ALA A 952 -26.63 22.73 0.68
C ALA A 952 -26.32 22.24 -0.73
N ALA A 953 -26.63 20.99 -1.05
CA ALA A 953 -26.37 20.42 -2.37
C ALA A 953 -27.59 20.52 -3.29
N SER A 954 -28.75 20.06 -2.82
CA SER A 954 -29.96 20.18 -3.62
C SER A 954 -30.36 21.63 -3.81
N ASP A 955 -29.82 22.53 -2.98
CA ASP A 955 -29.99 23.96 -3.21
C ASP A 955 -29.44 24.37 -4.57
N LEU A 956 -28.42 23.66 -5.06
CA LEU A 956 -27.92 23.89 -6.42
C LEU A 956 -28.80 23.29 -7.51
N LYS A 957 -29.69 22.35 -7.16
CA LYS A 957 -30.40 21.58 -8.17
C LYS A 957 -31.69 22.26 -8.63
N ILE A 958 -32.39 22.94 -7.74
CA ILE A 958 -33.68 23.54 -8.10
C ILE A 958 -33.89 24.91 -7.47
N ARG A 959 -33.94 25.94 -8.31
CA ARG A 959 -33.67 25.81 -9.73
C ARG A 959 -32.81 26.98 -10.22
N GLY A 960 -31.51 26.73 -10.36
CA GLY A 960 -30.93 25.44 -10.04
C GLY A 960 -30.68 24.57 -11.26
N HIS A 961 -29.61 23.77 -11.21
CA HIS A 961 -29.23 22.92 -12.31
C HIS A 961 -28.82 21.55 -11.78
N ALA A 962 -29.03 20.52 -12.59
CA ALA A 962 -28.72 19.16 -12.19
C ALA A 962 -27.22 18.98 -12.00
N LEU A 963 -26.87 18.15 -11.02
CA LEU A 963 -25.49 17.76 -10.79
C LEU A 963 -25.44 16.29 -10.43
N SER A 964 -24.38 15.63 -10.86
CA SER A 964 -24.24 14.20 -10.63
C SER A 964 -22.78 13.78 -10.57
N ASN A 965 -22.44 12.90 -9.64
CA ASN A 965 -23.36 12.42 -8.62
C ASN A 965 -22.77 12.62 -7.24
N ASP A 966 -21.72 11.84 -6.94
CA ASP A 966 -21.11 11.81 -5.62
C ASP A 966 -19.83 12.64 -5.63
N ILE A 967 -19.93 13.88 -5.16
CA ILE A 967 -18.76 14.64 -4.70
C ILE A 967 -18.77 14.85 -3.19
N VAL A 968 -19.87 14.52 -2.51
CA VAL A 968 -20.04 14.83 -1.09
C VAL A 968 -21.04 13.83 -0.52
N TYR A 969 -21.10 13.75 0.80
CA TYR A 969 -22.11 12.96 1.49
C TYR A 969 -21.97 11.49 1.13
N GLY A 970 -21.06 10.80 1.80
CA GLY A 970 -20.76 9.40 1.52
C GLY A 970 -21.64 8.48 2.33
N TYR A 971 -22.71 9.03 2.88
CA TYR A 971 -23.72 8.25 3.59
C TYR A 971 -24.81 7.73 2.66
N GLY A 972 -24.72 8.06 1.37
CA GLY A 972 -25.28 7.26 0.32
C GLY A 972 -24.29 6.29 -0.30
N LEU A 973 -23.05 6.26 0.20
CA LEU A 973 -22.01 5.47 -0.46
C LEU A 973 -22.04 4.00 -0.03
N GLN A 974 -22.35 3.73 1.25
CA GLN A 974 -22.31 2.35 1.74
C GLN A 974 -23.37 1.48 1.06
N GLU A 975 -24.38 2.09 0.45
CA GLU A 975 -25.26 1.35 -0.45
C GLU A 975 -24.47 0.78 -1.63
N LYS A 976 -23.64 1.63 -2.26
CA LYS A 976 -22.80 1.18 -3.37
C LYS A 976 -21.71 0.23 -2.90
N ILE A 977 -21.34 0.26 -1.62
CA ILE A 977 -20.25 -0.55 -1.11
C ILE A 977 -20.56 -2.03 -1.21
N GLN A 978 -21.85 -2.40 -1.24
CA GLN A 978 -22.25 -3.74 -1.65
C GLN A 978 -22.53 -3.71 -3.15
N LYS A 979 -21.54 -4.12 -3.94
CA LYS A 979 -21.77 -4.24 -5.38
C LYS A 979 -22.54 -5.51 -5.72
N SER A 980 -22.28 -6.59 -4.96
CA SER A 980 -22.88 -7.91 -5.21
C SER A 980 -22.62 -8.37 -6.65
N ALA A 981 -21.44 -8.01 -7.18
CA ALA A 981 -21.11 -8.42 -8.53
C ALA A 981 -20.91 -9.93 -8.65
N MET A 982 -20.39 -10.56 -7.59
CA MET A 982 -20.18 -12.00 -7.60
C MET A 982 -21.03 -12.67 -6.53
N ALA A 983 -22.08 -13.35 -6.97
CA ALA A 983 -22.43 -13.40 -8.38
C ALA A 983 -23.60 -12.47 -8.66
N THR A 984 -24.10 -12.51 -9.90
CA THR A 984 -25.33 -11.80 -10.23
C THR A 984 -26.54 -12.41 -9.53
N LYS A 985 -26.43 -13.64 -9.01
CA LYS A 985 -27.46 -14.25 -8.18
C LYS A 985 -28.72 -14.53 -9.01
N GLU A 986 -29.87 -14.64 -8.35
CA GLU A 986 -31.12 -14.89 -9.02
C GLU A 986 -31.78 -13.64 -9.59
N THR A 987 -31.24 -12.45 -9.29
CA THR A 987 -31.88 -11.22 -9.74
C THR A 987 -31.77 -11.02 -11.24
N THR A 988 -30.96 -11.83 -11.93
CA THR A 988 -30.87 -11.73 -13.38
C THR A 988 -32.19 -12.08 -14.06
N VAL A 989 -33.03 -12.91 -13.44
CA VAL A 989 -34.35 -13.16 -14.01
C VAL A 989 -35.19 -11.89 -13.97
N GLN A 990 -34.97 -11.03 -12.98
CA GLN A 990 -35.62 -9.72 -12.96
C GLN A 990 -34.85 -8.66 -13.74
N SER A 991 -33.57 -8.90 -14.04
CA SER A 991 -32.82 -7.97 -14.89
C SER A 991 -33.31 -8.02 -16.32
N LYS A 992 -33.65 -9.21 -16.82
CA LYS A 992 -34.25 -9.37 -18.13
C LYS A 992 -35.77 -9.25 -18.10
N ARG A 993 -36.38 -9.25 -16.92
CA ARG A 993 -37.82 -9.03 -16.82
C ARG A 993 -38.20 -7.62 -17.29
N VAL A 994 -37.33 -6.64 -17.06
CA VAL A 994 -37.51 -5.32 -17.65
C VAL A 994 -37.11 -5.31 -19.13
N SER A 995 -36.35 -6.31 -19.57
CA SER A 995 -36.00 -6.44 -20.99
C SER A 995 -37.11 -7.08 -21.80
N SER A 996 -38.19 -7.55 -21.16
CA SER A 996 -39.35 -8.00 -21.90
C SER A 996 -39.93 -6.87 -22.73
N ARG A 997 -39.88 -5.65 -22.21
CA ARG A 997 -40.15 -4.46 -23.00
C ARG A 997 -39.04 -4.19 -24.01
N LEU A 998 -37.81 -4.65 -23.75
CA LEU A 998 -36.71 -4.40 -24.66
C LEU A 998 -36.65 -5.38 -25.82
N HIS A 999 -37.35 -6.51 -25.74
CA HIS A 999 -37.70 -7.28 -26.92
C HIS A 999 -39.09 -6.91 -27.42
N ASP A 1000 -39.81 -6.05 -26.69
CA ASP A 1000 -40.99 -5.40 -27.23
C ASP A 1000 -40.64 -4.15 -28.03
N VAL A 1001 -39.45 -3.59 -27.84
CA VAL A 1001 -38.99 -2.51 -28.71
C VAL A 1001 -38.33 -3.00 -29.98
N ILE A 1002 -38.04 -4.30 -30.08
CA ILE A 1002 -37.49 -4.83 -31.33
C ILE A 1002 -38.62 -5.16 -32.30
N VAL A 1003 -39.75 -5.66 -31.79
CA VAL A 1003 -40.95 -5.71 -32.62
C VAL A 1003 -41.46 -4.30 -32.90
N ALA A 1004 -41.21 -3.37 -31.99
CA ALA A 1004 -41.50 -1.96 -32.24
C ALA A 1004 -40.42 -1.26 -33.03
N LYS A 1005 -39.28 -1.92 -33.27
CA LYS A 1005 -38.21 -1.32 -34.04
C LYS A 1005 -38.65 -1.09 -35.48
N ARG A 1007 -39.26 -2.09 -36.11
CA ARG A 1007 -39.72 -2.05 -37.50
C ARG A 1007 -38.57 -1.55 -38.38
N ASP A 1008 -38.79 -0.59 -39.27
CA ASP A 1008 -37.68 0.07 -39.94
C ASP A 1008 -37.02 1.04 -38.97
N TYR A 1009 -35.72 0.84 -38.75
CA TYR A 1009 -34.98 1.58 -37.74
C TYR A 1009 -34.27 2.78 -38.35
N LYS A 1010 -34.21 3.87 -37.59
CA LYS A 1010 -33.52 5.08 -38.01
C LYS A 1010 -32.54 5.50 -36.91
N ILE A 1011 -31.50 6.21 -37.33
CA ILE A 1011 -30.54 6.78 -36.40
C ILE A 1011 -31.01 8.17 -36.01
N SER A 1012 -31.15 8.41 -34.70
CA SER A 1012 -31.68 9.66 -34.22
C SER A 1012 -30.66 10.79 -34.39
N THR A 1013 -31.16 11.99 -34.66
CA THR A 1013 -30.34 13.19 -34.72
C THR A 1013 -30.96 14.25 -33.84
N ILE A 1014 -30.13 15.19 -33.41
CA ILE A 1014 -30.56 16.25 -32.49
C ILE A 1014 -30.15 17.60 -33.06
N PRO A 1015 -30.85 18.66 -32.68
CA PRO A 1015 -30.44 20.01 -33.15
C PRO A 1015 -29.02 20.38 -32.78
N ALA A 1016 -28.52 19.88 -31.65
CA ALA A 1016 -27.13 20.13 -31.25
C ALA A 1016 -26.12 19.39 -32.10
N ASP A 1017 -26.56 18.44 -32.92
CA ASP A 1017 -25.70 17.59 -33.72
C ASP A 1017 -25.22 18.26 -35.00
N ALA A 1018 -25.64 19.50 -35.28
CA ALA A 1018 -25.18 20.20 -36.48
C ALA A 1018 -23.71 20.57 -36.41
N LEU A 1019 -23.10 20.51 -35.22
CA LEU A 1019 -21.72 20.95 -35.06
C LEU A 1019 -20.73 20.11 -35.86
N HIS A 1020 -21.09 18.87 -36.20
CA HIS A 1020 -20.15 18.01 -36.92
C HIS A 1020 -19.89 18.48 -38.34
N LEU A 1021 -20.73 19.36 -38.86
CA LEU A 1021 -20.75 19.64 -40.29
C LEU A 1021 -19.58 20.50 -40.76
N HIS A 1022 -18.64 20.90 -39.89
CA HIS A 1022 -17.42 21.54 -40.37
C HIS A 1022 -16.48 20.51 -40.97
N GLU A 1023 -15.92 20.84 -42.13
CA GLU A 1023 -14.91 20.01 -42.79
C GLU A 1023 -13.90 20.92 -43.47
N PHE A 1024 -12.63 20.54 -43.41
CA PHE A 1024 -11.57 21.38 -43.95
C PHE A 1024 -11.23 20.97 -45.37
N GLU A 1025 -10.81 21.95 -46.15
CA GLU A 1025 -10.34 21.72 -47.52
C GLU A 1025 -8.89 22.16 -47.62
N VAL A 1026 -8.05 21.29 -48.16
CA VAL A 1026 -6.62 21.57 -48.22
C VAL A 1026 -6.38 22.79 -49.11
N GLU A 1027 -5.53 23.70 -48.62
CA GLU A 1027 -5.11 24.86 -49.38
C GLU A 1027 -3.73 24.58 -49.97
N ASP A 1028 -3.06 25.63 -50.45
CA ASP A 1028 -1.80 25.48 -51.16
C ASP A 1028 -0.58 25.89 -50.35
N VAL A 1029 -0.59 27.09 -49.76
CA VAL A 1029 0.61 27.63 -49.14
C VAL A 1029 1.07 26.73 -48.01
N THR A 1030 2.37 26.43 -47.99
CA THR A 1030 2.97 25.63 -46.93
C THR A 1030 3.15 26.47 -45.67
N VAL A 1031 3.09 25.79 -44.52
CA VAL A 1031 3.22 26.45 -43.22
C VAL A 1031 4.70 26.59 -42.89
N ASP A 1032 5.14 27.82 -42.57
CA ASP A 1032 6.47 28.00 -41.99
C ASP A 1032 6.49 27.31 -40.63
N LEU A 1033 7.58 26.58 -40.35
CA LEU A 1033 7.64 25.62 -39.25
C LEU A 1033 8.36 26.20 -38.04
N LEU A 1034 7.88 25.87 -36.84
CA LEU A 1034 8.47 26.47 -35.64
C LEU A 1034 9.84 25.85 -35.32
N PRO A 1035 10.70 26.59 -34.62
CA PRO A 1035 12.11 26.16 -34.50
C PRO A 1035 12.34 24.83 -33.78
N HIS A 1036 11.39 24.32 -32.99
CA HIS A 1036 11.67 23.12 -32.21
C HIS A 1036 12.07 21.95 -33.09
N ALA A 1037 11.58 21.91 -34.33
CA ALA A 1037 11.91 20.80 -35.21
C ALA A 1037 13.39 20.77 -35.56
N LYS A 1038 14.05 21.93 -35.61
CA LYS A 1038 15.46 21.96 -35.98
C LYS A 1038 16.33 21.29 -34.91
N HIS A 1039 15.95 21.39 -33.65
CA HIS A 1039 16.77 20.81 -32.58
C HIS A 1039 16.51 19.32 -32.41
N THR A 1040 15.24 18.89 -32.56
CA THR A 1040 14.88 17.50 -32.39
C THR A 1040 15.07 16.67 -33.65
N SER A 1041 15.52 17.29 -34.75
CA SER A 1041 15.57 16.62 -36.04
C SER A 1041 16.52 15.42 -36.05
N TYR A 1042 17.47 15.36 -35.12
CA TYR A 1042 18.37 14.22 -35.01
C TYR A 1042 18.53 13.86 -33.54
N SER A 1043 18.77 12.58 -33.28
CA SER A 1043 18.76 12.01 -31.93
C SER A 1043 17.43 12.32 -31.24
N SER A 1044 16.37 11.73 -31.79
CA SER A 1044 15.01 12.08 -31.41
C SER A 1044 14.70 11.68 -29.96
N LEU A 1045 13.81 12.44 -29.33
CA LEU A 1045 13.55 12.31 -27.90
C LEU A 1045 12.53 11.23 -27.51
N ALA A 1046 11.97 10.50 -28.48
CA ALA A 1046 11.09 9.39 -28.11
C ALA A 1046 10.99 8.43 -29.30
N TYR A 1047 10.59 7.18 -29.01
CA TYR A 1047 10.73 6.13 -30.01
C TYR A 1047 9.91 6.41 -31.27
N ASN A 1048 8.72 6.97 -31.12
CA ASN A 1048 7.90 7.26 -32.28
C ASN A 1048 8.13 8.66 -32.84
N MET A 1049 8.99 9.46 -32.21
CA MET A 1049 9.28 10.80 -32.68
C MET A 1049 10.59 10.87 -33.46
N SER A 1050 11.06 9.73 -33.99
CA SER A 1050 12.24 9.72 -34.84
C SER A 1050 11.98 10.58 -36.08
N PHE A 1051 13.06 11.16 -36.62
CA PHE A 1051 12.91 12.23 -37.59
C PHE A 1051 12.09 11.80 -38.79
N GLY A 1052 11.15 12.66 -39.18
CA GLY A 1052 10.30 12.40 -40.32
C GLY A 1052 9.10 11.54 -40.02
N SER A 1053 9.06 10.85 -38.88
CA SER A 1053 7.89 10.09 -38.49
C SER A 1053 6.77 11.03 -38.13
N ASP A 1054 5.54 10.60 -38.41
CA ASP A 1054 4.40 11.49 -38.25
C ASP A 1054 4.21 11.91 -36.79
N GLY A 1055 4.66 11.09 -35.85
CA GLY A 1055 4.62 11.50 -34.46
C GLY A 1055 5.58 12.62 -34.13
N TRP A 1056 6.70 12.69 -34.86
CA TRP A 1056 7.62 13.81 -34.71
C TRP A 1056 7.04 15.07 -35.33
N PHE A 1057 6.47 14.94 -36.54
CA PHE A 1057 5.92 16.06 -37.27
C PHE A 1057 4.71 16.67 -36.58
N ALA A 1058 3.99 15.90 -35.76
CA ALA A 1058 2.87 16.46 -35.01
C ALA A 1058 3.36 17.43 -33.94
N PHE A 1059 4.45 17.09 -33.25
CA PHE A 1059 5.05 18.01 -32.29
C PHE A 1059 5.61 19.24 -32.99
N ALA A 1060 6.09 19.07 -34.23
CA ALA A 1060 6.67 20.19 -34.96
C ALA A 1060 5.63 21.25 -35.32
N LEU A 1061 4.38 20.84 -35.57
CA LEU A 1061 3.36 21.81 -35.93
C LEU A 1061 2.76 22.47 -34.70
N LEU A 1062 2.33 21.68 -33.72
CA LEU A 1062 1.56 22.26 -32.61
C LEU A 1062 2.47 22.78 -31.51
N GLY A 1063 3.62 22.14 -31.29
CA GLY A 1063 4.53 22.55 -30.25
C GLY A 1063 4.23 21.92 -28.89
N GLY A 1064 5.05 22.29 -27.92
CA GLY A 1064 5.04 21.65 -26.62
C GLY A 1064 3.92 22.14 -25.71
N LEU A 1065 3.77 21.45 -24.58
CA LEU A 1065 2.67 21.74 -23.67
C LEU A 1065 2.89 23.05 -22.93
N ASP A 1066 1.77 23.67 -22.54
CA ASP A 1066 1.82 24.98 -21.90
C ASP A 1066 2.41 24.89 -20.51
N ARG A 1067 3.06 25.97 -20.09
CA ARG A 1067 3.67 26.07 -18.77
C ARG A 1067 2.61 26.22 -17.68
N SER A 1068 1.96 27.38 -17.62
CA SER A 1068 1.02 27.67 -16.55
C SER A 1068 -0.25 26.83 -16.63
N ALA A 1069 -0.57 26.28 -17.80
CA ALA A 1069 -1.80 25.49 -17.91
C ALA A 1069 -1.68 24.15 -17.21
N ASN A 1070 -0.53 23.47 -17.33
CA ASN A 1070 -0.38 22.16 -16.71
C ASN A 1070 -0.14 22.26 -15.21
N LEU A 1071 0.55 23.29 -14.74
CA LEU A 1071 0.70 23.48 -13.30
C LEU A 1071 -0.64 23.78 -12.64
N LEU A 1072 -1.54 24.46 -13.36
CA LEU A 1072 -2.83 24.85 -12.78
C LEU A 1072 -3.83 23.72 -12.83
N ARG A 1073 -3.85 22.96 -13.94
CA ARG A 1073 -4.76 21.82 -14.03
C ARG A 1073 -4.35 20.70 -13.09
N LEU A 1074 -3.09 20.70 -12.64
CA LEU A 1074 -2.65 19.75 -11.63
C LEU A 1074 -3.36 19.98 -10.29
N ASP A 1075 -3.85 21.20 -10.03
CA ASP A 1075 -4.43 21.51 -8.74
C ASP A 1075 -5.86 21.01 -8.58
N VAL A 1076 -6.63 20.93 -9.67
CA VAL A 1076 -7.97 20.36 -9.54
C VAL A 1076 -7.90 18.87 -9.23
N ALA A 1077 -6.82 18.20 -9.63
CA ALA A 1077 -6.54 16.84 -9.21
C ALA A 1077 -5.84 16.76 -7.86
N SER A 1078 -5.42 17.89 -7.30
CA SER A 1078 -4.80 17.89 -5.97
C SER A 1078 -5.84 17.68 -4.87
N ILE A 1079 -6.99 18.34 -4.97
CA ILE A 1079 -8.04 18.15 -3.99
C ILE A 1079 -8.62 16.74 -4.07
N ARG A 1080 -8.63 16.13 -5.26
CA ARG A 1080 -9.28 14.83 -5.43
C ARG A 1080 -8.51 13.73 -4.71
N GLY A 1081 -7.19 13.83 -4.64
CA GLY A 1081 -6.36 12.77 -4.08
C GLY A 1081 -6.42 11.48 -4.86
N PRO A 1091 -13.59 14.60 -12.62
CA PRO A 1091 -15.01 14.80 -12.97
C PRO A 1091 -15.64 15.97 -12.21
N VAL A 1092 -15.10 16.27 -11.03
CA VAL A 1092 -15.59 17.40 -10.26
C VAL A 1092 -15.34 18.71 -10.99
N PHE A 1093 -14.29 18.75 -11.81
CA PHE A 1093 -13.91 19.99 -12.51
C PHE A 1093 -14.94 20.36 -13.57
N LYS A 1094 -15.33 19.39 -14.40
CA LYS A 1094 -16.21 19.69 -15.53
C LYS A 1094 -17.67 19.88 -15.09
N GLN A 1095 -18.13 19.07 -14.14
CA GLN A 1095 -19.50 19.17 -13.68
C GLN A 1095 -19.77 20.51 -13.01
N GLY A 1096 -18.77 21.06 -12.32
CA GLY A 1096 -18.83 22.38 -11.73
C GLY A 1096 -18.41 23.52 -12.62
N TYR A 1097 -17.87 23.22 -13.82
CA TYR A 1097 -17.44 24.28 -14.72
C TYR A 1097 -18.58 24.91 -15.50
N LYS A 1098 -19.66 24.18 -15.73
CA LYS A 1098 -20.83 24.79 -16.39
C LYS A 1098 -21.42 25.90 -15.55
N ILE A 1099 -21.25 25.82 -14.22
CA ILE A 1099 -21.68 26.90 -13.34
C ILE A 1099 -20.85 28.15 -13.60
N TYR A 1100 -19.55 27.99 -13.81
CA TYR A 1100 -18.67 29.15 -14.00
C TYR A 1100 -18.95 29.88 -15.31
N LYS A 1101 -19.61 29.24 -16.27
CA LYS A 1101 -19.87 29.81 -17.58
C LYS A 1101 -21.28 30.37 -17.74
N SER A 1102 -22.31 29.56 -17.42
CA SER A 1102 -23.70 29.98 -17.62
C SER A 1102 -24.22 30.79 -16.43
N ASP A 1103 -24.41 30.14 -15.29
CA ASP A 1103 -24.92 30.78 -14.07
C ASP A 1103 -23.81 30.78 -13.01
N ALA A 1104 -23.01 31.84 -12.99
CA ALA A 1104 -21.84 31.94 -12.12
C ALA A 1104 -22.18 32.03 -10.63
N THR A 1105 -23.39 32.47 -10.27
CA THR A 1105 -23.69 32.70 -8.86
C THR A 1105 -23.91 31.41 -8.09
N LEU A 1106 -24.11 30.28 -8.77
CA LEU A 1106 -24.19 28.98 -8.13
C LEU A 1106 -22.82 28.46 -7.67
N LEU A 1107 -21.74 29.09 -8.14
CA LEU A 1107 -20.39 28.62 -7.80
C LEU A 1107 -20.09 28.77 -6.31
N ASN A 1108 -20.68 29.78 -5.65
CA ASN A 1108 -20.42 29.96 -4.23
C ASN A 1108 -21.03 28.83 -3.40
N ASP A 1109 -22.27 28.45 -3.71
CA ASP A 1109 -22.88 27.29 -3.07
C ASP A 1109 -22.28 25.99 -3.58
N PHE A 1110 -21.63 26.02 -4.75
CA PHE A 1110 -20.87 24.86 -5.20
C PHE A 1110 -19.72 24.55 -4.25
N PHE A 1111 -19.22 25.57 -3.54
CA PHE A 1111 -18.21 25.33 -2.50
C PHE A 1111 -18.82 24.63 -1.29
N THR A 1112 -19.92 25.15 -0.77
CA THR A 1112 -20.49 24.61 0.46
C THR A 1112 -21.23 23.30 0.25
N ALA A 1113 -21.56 22.97 -1.01
CA ALA A 1113 -22.14 21.66 -1.26
C ALA A 1113 -21.07 20.57 -1.29
N ILE A 1114 -19.86 20.90 -1.76
CA ILE A 1114 -18.72 19.99 -1.66
C ILE A 1114 -18.01 20.08 -0.31
N SER A 1115 -18.25 21.14 0.46
CA SER A 1115 -17.54 21.40 1.72
C SER A 1115 -16.03 21.52 1.50
N ALA A 1116 -15.65 22.19 0.41
CA ALA A 1116 -14.25 22.54 0.18
C ALA A 1116 -13.81 23.65 1.12
N GLY A 1117 -12.53 23.60 1.50
CA GLY A 1117 -11.97 24.61 2.38
C GLY A 1117 -11.54 25.86 1.66
N PRO A 1118 -11.17 26.89 2.42
CA PRO A 1118 -10.77 28.16 1.79
C PRO A 1118 -9.61 28.04 0.83
N LYS A 1119 -8.66 27.15 1.09
CA LYS A 1119 -7.60 26.91 0.11
C LYS A 1119 -8.13 26.14 -1.09
N GLU A 1120 -9.02 25.18 -0.84
CA GLU A 1120 -9.65 24.44 -1.94
C GLU A 1120 -10.63 25.31 -2.72
N GLN A 1121 -11.22 26.32 -2.07
CA GLN A 1121 -12.14 27.21 -2.79
C GLN A 1121 -11.39 28.09 -3.78
N GLY A 1122 -10.22 28.58 -3.41
CA GLY A 1122 -9.47 29.45 -4.30
C GLY A 1122 -8.73 28.73 -5.40
N ILE A 1123 -8.58 27.42 -5.30
CA ILE A 1123 -7.95 26.66 -6.39
C ILE A 1123 -8.89 26.53 -7.57
N LEU A 1124 -10.15 26.15 -7.30
CA LEU A 1124 -11.14 26.02 -8.37
C LEU A 1124 -11.47 27.37 -9.02
N LEU A 1125 -11.40 28.46 -8.24
CA LEU A 1125 -11.54 29.79 -8.84
C LEU A 1125 -10.31 30.14 -9.68
N ARG A 1126 -9.11 29.87 -9.16
CA ARG A 1126 -7.88 30.11 -9.91
C ARG A 1126 -7.71 29.13 -11.07
N ALA A 1127 -8.30 27.93 -10.98
CA ALA A 1127 -8.18 26.95 -12.04
C ALA A 1127 -9.09 27.23 -13.23
N PHE A 1128 -10.03 28.16 -13.09
CA PHE A 1128 -10.84 28.62 -14.21
C PHE A 1128 -10.25 29.85 -14.89
N ALA A 1129 -9.07 30.31 -14.46
CA ALA A 1129 -8.47 31.52 -15.02
C ALA A 1129 -7.68 31.20 -16.29
N TYR A 1130 -6.57 30.46 -16.16
CA TYR A 1130 -5.79 30.06 -17.33
C TYR A 1130 -6.50 28.98 -18.14
N TYR A 1131 -7.58 28.41 -17.62
CA TYR A 1131 -8.34 27.38 -18.34
C TYR A 1131 -9.35 27.95 -19.33
N SER A 1132 -10.00 29.08 -19.01
CA SER A 1132 -11.11 29.53 -19.84
C SER A 1132 -10.64 30.15 -21.15
N LEU A 1133 -9.31 30.29 -21.35
CA LEU A 1133 -8.81 30.80 -22.62
C LEU A 1133 -9.19 29.90 -23.79
N TYR A 1134 -9.28 28.59 -23.56
CA TYR A 1134 -9.86 27.68 -24.54
C TYR A 1134 -11.28 27.25 -24.19
N GLY A 1135 -11.86 27.83 -23.15
CA GLY A 1135 -13.31 27.90 -23.06
C GLY A 1135 -14.00 26.59 -22.67
N ASN A 1136 -15.32 26.61 -22.82
CA ASN A 1136 -16.21 25.51 -22.48
C ASN A 1136 -16.52 24.66 -23.71
N VAL A 1137 -16.86 23.41 -23.46
CA VAL A 1137 -17.22 22.47 -24.51
C VAL A 1137 -18.74 22.33 -24.53
N GLU A 1138 -19.38 23.00 -25.49
CA GLU A 1138 -20.71 22.59 -25.93
C GLU A 1138 -20.63 21.37 -26.83
N TYR A 1139 -19.42 21.02 -27.27
CA TYR A 1139 -19.12 19.91 -28.18
C TYR A 1139 -17.85 19.25 -27.65
N HIS A 1140 -18.02 18.29 -26.74
CA HIS A 1140 -16.93 17.79 -25.90
C HIS A 1140 -16.15 16.66 -26.56
N TYR A 1141 -14.91 16.50 -26.08
CA TYR A 1141 -13.96 15.52 -26.59
C TYR A 1141 -13.10 15.05 -25.44
N VAL A 1142 -12.53 13.86 -25.58
CA VAL A 1142 -11.75 13.23 -24.51
C VAL A 1142 -10.38 12.86 -25.06
N LEU A 1143 -9.35 13.57 -24.62
CA LEU A 1143 -7.96 13.25 -24.92
C LEU A 1143 -7.24 12.95 -23.61
N SER A 1144 -6.81 11.70 -23.45
CA SER A 1144 -6.13 11.32 -22.22
C SER A 1144 -4.78 12.03 -22.13
N PRO A 1145 -4.41 12.53 -20.95
CA PRO A 1145 -3.05 13.06 -20.78
C PRO A 1145 -1.96 12.03 -21.04
N ARG A 1146 -2.23 10.75 -20.77
CA ARG A 1146 -1.31 9.71 -21.22
C ARG A 1146 -1.37 9.52 -22.74
N GLN A 1147 -2.54 9.71 -23.35
CA GLN A 1147 -2.66 9.52 -24.80
C GLN A 1147 -1.84 10.57 -25.54
N LEU A 1148 -1.79 11.79 -25.01
CA LEU A 1148 -0.80 12.78 -25.38
C LEU A 1148 0.39 12.64 -24.42
N PHE A 1149 1.44 13.43 -24.63
CA PHE A 1149 2.54 13.46 -23.67
C PHE A 1149 3.38 14.72 -23.82
N PHE A 1150 4.01 14.89 -24.99
CA PHE A 1150 4.77 16.10 -25.25
C PHE A 1150 3.95 17.21 -25.90
N LEU A 1151 2.98 16.86 -26.73
CA LEU A 1151 2.30 17.83 -27.56
C LEU A 1151 1.44 18.77 -26.72
N SER A 1152 1.22 19.98 -27.26
CA SER A 1152 0.46 21.00 -26.55
C SER A 1152 -0.97 20.53 -26.27
N ASP A 1153 -1.42 20.75 -25.05
CA ASP A 1153 -2.79 20.43 -24.65
C ASP A 1153 -3.76 21.57 -24.98
N ASN A 1154 -3.31 22.81 -24.93
CA ASN A 1154 -4.18 23.94 -25.21
C ASN A 1154 -4.52 23.98 -26.70
N PRO A 1155 -5.80 23.96 -27.08
CA PRO A 1155 -6.16 24.01 -28.51
C PRO A 1155 -5.79 25.31 -29.20
N VAL A 1156 -5.51 26.39 -28.46
CA VAL A 1156 -5.15 27.66 -29.09
C VAL A 1156 -3.89 27.51 -29.92
N SER A 1157 -3.03 26.54 -29.60
CA SER A 1157 -1.78 26.38 -30.34
C SER A 1157 -2.03 26.05 -31.80
N ALA A 1158 -3.16 25.40 -32.12
CA ALA A 1158 -3.42 25.00 -33.50
C ALA A 1158 -4.04 26.11 -34.35
N GLU A 1159 -4.43 27.24 -33.76
CA GLU A 1159 -5.05 28.30 -34.55
C GLU A 1159 -4.07 28.90 -35.56
N ARG A 1160 -2.77 28.82 -35.29
CA ARG A 1160 -1.79 29.46 -36.18
C ARG A 1160 -1.75 28.81 -37.56
N LEU A 1161 -1.98 27.50 -37.66
CA LEU A 1161 -1.80 26.80 -38.92
C LEU A 1161 -3.09 26.59 -39.70
N VAL A 1162 -4.18 27.24 -39.29
CA VAL A 1162 -5.44 27.19 -40.03
C VAL A 1162 -5.95 28.62 -40.19
N ARG A 1163 -6.67 28.86 -41.29
CA ARG A 1163 -7.24 30.17 -41.56
C ARG A 1163 -8.76 30.07 -41.60
N ILE A 1164 -9.42 31.11 -41.12
CA ILE A 1164 -10.88 31.19 -41.10
C ILE A 1164 -11.30 32.49 -41.78
N PRO A 1165 -12.34 32.50 -42.61
CA PRO A 1165 -12.88 33.76 -43.10
C PRO A 1165 -13.41 34.59 -41.93
N PRO A 1166 -13.24 35.92 -41.97
CA PRO A 1166 -13.75 36.75 -40.87
C PRO A 1166 -15.25 36.66 -40.67
N LYS A 1167 -16.02 36.43 -41.75
CA LYS A 1167 -17.47 36.61 -41.72
C LYS A 1167 -18.20 35.52 -40.94
N TYR A 1168 -17.52 34.44 -40.57
CA TYR A 1168 -18.17 33.35 -39.84
C TYR A 1168 -18.34 33.63 -38.34
N TYR A 1169 -17.66 34.63 -37.79
CA TYR A 1169 -17.71 34.86 -36.36
C TYR A 1169 -19.05 35.46 -35.93
N VAL A 1170 -19.53 35.02 -34.75
CA VAL A 1170 -20.56 35.73 -34.01
C VAL A 1170 -19.94 36.96 -33.35
N SER A 1171 -20.75 38.00 -33.15
CA SER A 1171 -20.24 39.35 -32.93
C SER A 1171 -19.28 39.42 -31.75
N THR A 1172 -19.76 39.04 -30.56
CA THR A 1172 -18.94 38.98 -29.36
C THR A 1172 -18.89 37.58 -28.75
N GLN A 1173 -19.18 36.53 -29.53
CA GLN A 1173 -19.33 35.20 -28.96
C GLN A 1173 -18.63 34.14 -29.82
N CYS A 1174 -18.13 33.08 -29.15
CA CYS A 1174 -17.66 31.82 -29.73
C CYS A 1174 -16.51 31.94 -30.73
N ARG A 1175 -15.65 32.96 -30.61
CA ARG A 1175 -14.47 33.00 -31.49
C ARG A 1175 -13.52 31.85 -31.18
N ALA A 1176 -13.50 31.40 -29.92
CA ALA A 1176 -12.56 30.39 -29.43
C ALA A 1176 -13.03 28.97 -29.64
N LEU A 1177 -14.23 28.76 -30.18
CA LEU A 1177 -14.75 27.42 -30.45
C LEU A 1177 -14.21 26.82 -31.75
N TYR A 1178 -13.90 27.64 -32.74
CA TYR A 1178 -13.41 27.11 -34.01
C TYR A 1178 -12.05 26.45 -33.85
N ASN A 1179 -11.27 26.87 -32.85
CA ASN A 1179 -9.97 26.25 -32.62
C ASN A 1179 -10.12 24.80 -32.19
N ILE A 1180 -11.17 24.49 -31.43
CA ILE A 1180 -11.46 23.09 -31.12
C ILE A 1180 -11.85 22.35 -32.39
N PHE A 1181 -12.56 23.02 -33.30
CA PHE A 1181 -12.86 22.40 -34.58
C PHE A 1181 -11.60 22.16 -35.39
N SER A 1182 -10.58 23.01 -35.22
CA SER A 1182 -9.33 22.86 -35.95
C SER A 1182 -8.37 21.93 -35.20
N TYR A 1183 -8.09 22.22 -33.94
CA TYR A 1183 -7.08 21.47 -33.19
C TYR A 1183 -7.45 20.00 -33.09
N LEU A 1184 -8.75 19.70 -33.00
CA LEU A 1184 -9.19 18.31 -32.98
C LEU A 1184 -9.04 17.65 -34.34
N HIS A 1185 -9.08 18.43 -35.42
CA HIS A 1185 -9.02 17.85 -36.76
C HIS A 1185 -7.60 17.55 -37.21
N ILE A 1186 -6.64 18.43 -36.87
CA ILE A 1186 -5.25 18.18 -37.26
C ILE A 1186 -4.73 16.93 -36.56
N LEU A 1187 -5.08 16.74 -35.30
CA LEU A 1187 -4.67 15.53 -34.60
C LEU A 1187 -5.30 14.28 -35.20
N ARG A 1188 -6.52 14.40 -35.76
CA ARG A 1188 -7.21 13.21 -36.25
C ARG A 1188 -6.47 12.59 -37.43
N SER A 1189 -5.85 13.41 -38.27
CA SER A 1189 -5.20 12.92 -39.49
C SER A 1189 -3.87 13.66 -39.61
N ILE A 1190 -2.85 13.14 -38.91
CA ILE A 1190 -1.48 13.53 -39.20
C ILE A 1190 -0.84 12.61 -40.23
N ALA A 1191 -1.53 11.53 -40.64
CA ALA A 1191 -0.94 10.62 -41.61
C ALA A 1191 -0.93 11.25 -43.00
N ASN A 1192 -2.02 11.89 -43.40
CA ASN A 1192 -2.09 12.55 -44.69
C ASN A 1192 -1.60 14.00 -44.66
N ASN A 1193 -1.28 14.52 -43.48
CA ASN A 1193 -0.85 15.91 -43.37
C ASN A 1193 0.58 16.04 -43.87
N ARG A 1194 0.79 17.00 -44.80
CA ARG A 1194 2.12 17.26 -45.37
C ARG A 1194 2.22 18.75 -45.70
N GLY A 1195 2.46 19.56 -44.68
CA GLY A 1195 2.89 20.93 -44.88
C GLY A 1195 1.90 21.83 -45.60
N LYS A 1196 0.60 21.65 -45.32
CA LYS A 1196 -0.45 22.40 -46.00
C LYS A 1196 -1.23 23.22 -44.99
N ARG A 1197 -1.31 24.54 -45.23
CA ARG A 1197 -2.23 25.38 -44.51
C ARG A 1197 -3.67 25.03 -44.90
N LEU A 1198 -4.59 25.15 -43.94
CA LEU A 1198 -5.96 24.70 -44.13
C LEU A 1198 -6.93 25.87 -44.11
N LYS A 1199 -7.98 25.77 -44.93
CA LYS A 1199 -9.06 26.74 -45.00
C LYS A 1199 -10.38 26.01 -44.78
N MET A 1200 -10.98 26.20 -43.61
CA MET A 1200 -12.22 25.51 -43.28
C MET A 1200 -13.42 26.12 -43.99
N VAL A 1201 -14.42 25.28 -44.25
CA VAL A 1201 -15.73 25.71 -44.70
C VAL A 1201 -16.75 25.26 -43.67
N LEU A 1202 -17.84 26.01 -43.55
CA LEU A 1202 -18.87 25.75 -42.57
C LEU A 1202 -20.21 25.46 -43.26
N HIS A 1203 -20.99 24.58 -42.65
CA HIS A 1203 -22.31 24.29 -43.18
C HIS A 1203 -23.22 25.51 -42.94
N PRO A 1204 -24.02 25.89 -43.95
CA PRO A 1204 -24.88 27.07 -43.77
C PRO A 1204 -25.85 26.96 -42.58
N GLY A 1205 -26.34 25.76 -42.28
CA GLY A 1205 -27.19 25.57 -41.12
C GLY A 1205 -26.45 25.48 -39.80
N LEU A 1206 -25.13 25.32 -39.84
CA LEU A 1206 -24.35 25.32 -38.61
C LEU A 1206 -24.34 26.71 -37.98
N ILE A 1207 -24.13 27.75 -38.78
CA ILE A 1207 -24.10 29.11 -38.26
C ILE A 1207 -25.46 29.53 -37.73
N ALA A 1208 -26.54 29.04 -38.34
CA ALA A 1208 -27.86 29.33 -37.81
C ALA A 1208 -28.06 28.72 -36.43
N TYR A 1209 -27.44 27.56 -36.18
CA TYR A 1209 -27.52 26.96 -34.85
C TYR A 1209 -26.67 27.70 -33.83
N VAL A 1210 -25.51 28.20 -34.23
CA VAL A 1210 -24.60 28.83 -33.28
C VAL A 1210 -25.19 30.12 -32.72
N ARG A 1211 -25.90 30.88 -33.55
CA ARG A 1211 -26.51 32.12 -33.08
C ARG A 1211 -27.79 31.90 -32.26
N GLY A 1212 -28.37 30.71 -32.34
CA GLY A 1212 -29.60 30.42 -31.61
C GLY A 1212 -29.37 29.91 -30.21
N PHE B 2 -20.48 11.65 38.54
CA PHE B 2 -19.39 10.71 38.26
C PHE B 2 -19.53 10.10 36.88
N ALA B 3 -18.52 9.33 36.47
CA ALA B 3 -18.64 8.54 35.26
C ALA B 3 -19.31 7.23 35.59
N ILE B 4 -18.55 6.32 36.21
CA ILE B 4 -19.13 5.12 36.79
C ILE B 4 -20.02 5.51 37.97
N ASP B 5 -21.18 4.89 38.07
CA ASP B 5 -22.19 5.32 39.03
C ASP B 5 -21.95 4.62 40.36
N PRO B 6 -21.65 5.36 41.44
CA PRO B 6 -21.41 4.70 42.74
C PRO B 6 -22.58 3.90 43.26
N LEU B 7 -23.82 4.35 43.00
CA LEU B 7 -24.97 3.81 43.72
C LEU B 7 -25.40 2.45 43.19
N LYS B 8 -25.35 2.25 41.86
CA LYS B 8 -25.77 0.96 41.31
C LYS B 8 -24.82 -0.16 41.74
N HIS B 9 -23.52 0.14 41.85
CA HIS B 9 -22.54 -0.87 42.24
C HIS B 9 -21.38 -0.15 42.92
N SER B 10 -21.36 -0.20 44.25
CA SER B 10 -20.29 0.41 45.05
C SER B 10 -19.08 -0.50 45.18
N LYS B 11 -19.15 -1.74 44.69
CA LYS B 11 -18.05 -2.68 44.88
C LYS B 11 -16.78 -2.24 44.17
N LEU B 12 -16.89 -1.44 43.11
CA LEU B 12 -15.69 -0.90 42.47
C LEU B 12 -14.98 0.10 43.39
N TYR B 13 -15.74 0.96 44.05
CA TYR B 13 -15.15 1.90 45.00
C TYR B 13 -14.79 1.24 46.32
N GLU B 14 -15.29 0.02 46.57
CA GLU B 14 -14.76 -0.78 47.67
C GLU B 14 -13.31 -1.15 47.44
N GLU B 15 -12.92 -1.36 46.17
CA GLU B 15 -11.53 -1.70 45.86
C GLU B 15 -10.60 -0.53 46.19
N TYR B 16 -11.02 0.68 45.84
CA TYR B 16 -10.23 1.87 46.15
C TYR B 16 -10.34 2.24 47.63
N GLY B 17 -11.30 1.68 48.34
CA GLY B 17 -11.51 2.05 49.73
C GLY B 17 -12.22 3.37 49.97
N LEU B 18 -13.12 3.76 49.07
CA LEU B 18 -13.91 4.99 49.23
C LEU B 18 -15.38 4.62 49.38
N TYR B 19 -15.91 4.80 50.60
CA TYR B 19 -17.24 4.33 50.95
C TYR B 19 -18.26 5.47 50.95
N LEU B 20 -19.48 5.16 50.55
CA LEU B 20 -20.56 6.12 50.57
C LEU B 20 -20.90 6.54 51.99
N ARG B 21 -21.25 7.81 52.17
CA ARG B 21 -21.74 8.25 53.46
C ARG B 21 -23.12 7.65 53.76
N PRO B 22 -23.39 7.30 55.00
CA PRO B 22 -24.76 6.88 55.37
C PRO B 22 -25.74 8.03 55.19
N HIS B 23 -26.97 7.67 54.82
CA HIS B 23 -28.03 8.66 54.64
C HIS B 23 -29.41 8.05 54.90
N ALA B 40 -29.07 17.99 53.15
CA ALA B 40 -27.72 18.28 52.70
C ALA B 40 -27.63 18.25 51.18
N PRO B 41 -26.96 19.24 50.58
CA PRO B 41 -26.84 19.25 49.11
C PRO B 41 -26.17 18.02 48.54
N THR B 42 -25.23 17.41 49.28
CA THR B 42 -24.45 16.32 48.73
C THR B 42 -25.32 15.09 48.46
N ILE B 43 -26.07 14.65 49.48
CA ILE B 43 -26.82 13.40 49.35
C ILE B 43 -27.93 13.52 48.32
N ARG B 44 -28.57 14.68 48.24
CA ARG B 44 -29.59 14.87 47.21
C ARG B 44 -28.97 14.90 45.82
N SER B 45 -27.69 15.26 45.73
CA SER B 45 -27.08 15.43 44.41
C SER B 45 -26.75 14.08 43.77
N ILE B 46 -26.18 13.15 44.54
CA ILE B 46 -25.75 11.90 43.96
C ILE B 46 -26.95 11.04 43.54
N LYS B 47 -28.10 11.19 44.21
CA LYS B 47 -29.29 10.49 43.75
C LYS B 47 -29.75 10.99 42.39
N TYR B 48 -29.47 12.26 42.08
CA TYR B 48 -29.75 12.75 40.73
C TYR B 48 -28.87 12.05 39.70
N ALA B 49 -27.61 11.79 40.04
CA ALA B 49 -26.72 11.14 39.09
C ALA B 49 -27.14 9.72 38.80
N SER B 50 -27.72 9.02 39.78
CA SER B 50 -28.20 7.67 39.53
C SER B 50 -29.37 7.68 38.54
N LEU B 51 -30.21 8.71 38.60
CA LEU B 51 -31.32 8.81 37.64
C LEU B 51 -30.81 9.06 36.23
N ILE B 52 -29.75 9.87 36.10
CA ILE B 52 -29.23 10.20 34.78
C ILE B 52 -28.58 8.98 34.12
N HIS B 53 -27.98 8.09 34.91
CA HIS B 53 -27.39 6.90 34.33
C HIS B 53 -28.44 5.86 33.94
N SER B 54 -29.58 5.82 34.63
CA SER B 54 -30.67 5.01 34.10
C SER B 54 -31.21 5.60 32.80
N MET B 55 -31.16 6.92 32.67
CA MET B 55 -31.65 7.58 31.47
C MET B 55 -30.69 7.39 30.30
N LEU B 56 -29.40 7.63 30.52
CA LEU B 56 -28.44 7.50 29.44
C LEU B 56 -28.31 6.06 28.96
N ALA B 57 -28.50 5.09 29.85
CA ALA B 57 -28.54 3.69 29.42
C ALA B 57 -29.79 3.39 28.61
N LYS B 58 -30.88 4.13 28.85
CA LYS B 58 -32.11 3.89 28.11
C LYS B 58 -32.00 4.41 26.68
N HIS B 59 -31.39 5.58 26.49
CA HIS B 59 -31.12 6.09 25.15
C HIS B 59 -30.09 5.26 24.42
N ALA B 60 -29.26 4.51 25.14
CA ALA B 60 -28.19 3.75 24.49
C ALA B 60 -28.75 2.73 23.51
N ALA B 61 -29.72 1.92 23.95
CA ALA B 61 -30.19 0.81 23.14
C ALA B 61 -30.91 1.26 21.88
N ARG B 62 -31.33 2.52 21.82
CA ARG B 62 -32.17 2.98 20.70
C ARG B 62 -31.44 2.89 19.37
N HIS B 63 -30.15 3.24 19.35
CA HIS B 63 -29.38 3.32 18.10
C HIS B 63 -28.04 2.61 18.30
N ASN B 64 -28.05 1.28 18.20
CA ASN B 64 -26.83 0.48 18.18
C ASN B 64 -25.96 0.70 19.42
N GLY B 65 -26.56 1.07 20.55
CA GLY B 65 -25.79 1.25 21.76
C GLY B 65 -25.13 2.61 21.93
N THR B 66 -25.38 3.57 21.05
CA THR B 66 -24.72 4.87 21.07
C THR B 66 -25.67 5.97 21.55
N LEU B 67 -25.22 7.22 21.40
CA LEU B 67 -26.07 8.38 21.56
C LEU B 67 -26.42 8.92 20.18
N ILE B 68 -26.87 10.17 20.09
CA ILE B 68 -27.24 10.77 18.83
C ILE B 68 -26.52 12.11 18.61
N ASN B 69 -26.62 13.01 19.57
CA ASN B 69 -25.95 14.32 19.52
C ASN B 69 -25.19 14.48 20.81
N PRO B 70 -24.03 13.82 20.93
CA PRO B 70 -23.31 13.83 22.21
C PRO B 70 -22.94 15.22 22.69
N ARG B 71 -22.66 16.15 21.77
CA ARG B 71 -22.43 17.53 22.18
C ARG B 71 -23.71 18.18 22.69
N MET B 72 -24.88 17.70 22.24
CA MET B 72 -26.13 18.23 22.77
C MET B 72 -26.41 17.71 24.18
N TYR B 73 -26.07 16.45 24.47
CA TYR B 73 -26.25 15.95 25.83
C TYR B 73 -25.28 16.60 26.80
N ALA B 74 -24.04 16.83 26.36
CA ALA B 74 -23.05 17.43 27.24
C ALA B 74 -23.42 18.85 27.62
N ASP B 75 -24.12 19.56 26.74
CA ASP B 75 -24.59 20.89 27.09
C ASP B 75 -25.69 20.83 28.15
N MET B 76 -26.54 19.81 28.11
CA MET B 76 -27.65 19.74 29.06
C MET B 76 -27.19 19.20 30.41
N ILE B 77 -26.45 18.10 30.42
CA ILE B 77 -26.12 17.43 31.66
C ILE B 77 -25.00 18.16 32.39
N THR B 78 -23.95 18.53 31.67
CA THR B 78 -22.78 19.10 32.32
C THR B 78 -22.90 20.61 32.53
N LEU B 79 -23.35 21.35 31.52
CA LEU B 79 -23.42 22.80 31.66
C LEU B 79 -24.75 23.26 32.25
N GLY B 80 -25.85 22.62 31.87
CA GLY B 80 -27.15 22.96 32.42
C GLY B 80 -27.80 24.18 31.82
N ASN B 81 -27.24 24.74 30.75
CA ASN B 81 -27.74 25.98 30.17
C ASN B 81 -28.81 25.76 29.12
N THR B 82 -29.16 24.50 28.82
CA THR B 82 -30.03 24.18 27.69
C THR B 82 -31.41 23.75 28.16
N LYS B 83 -32.43 24.22 27.44
CA LYS B 83 -33.80 23.78 27.61
C LYS B 83 -34.37 23.47 26.23
N VAL B 84 -35.05 22.34 26.10
CA VAL B 84 -35.51 21.83 24.81
C VAL B 84 -37.03 21.68 24.85
N THR B 85 -37.70 22.32 23.91
CA THR B 85 -39.15 22.17 23.77
C THR B 85 -39.60 22.57 22.37
N ASP B 131 -37.75 17.95 14.21
CA ASP B 131 -38.83 16.97 14.26
C ASP B 131 -38.95 16.33 15.63
N ILE B 132 -40.16 15.85 15.95
CA ILE B 132 -40.36 15.09 17.17
C ILE B 132 -39.59 13.78 17.12
N VAL B 133 -39.32 13.26 15.93
CA VAL B 133 -38.64 11.96 15.81
C VAL B 133 -37.22 12.04 16.39
N THR B 134 -36.48 13.10 16.05
CA THR B 134 -35.09 13.19 16.47
C THR B 134 -34.94 13.78 17.87
N TYR B 135 -35.80 14.74 18.22
CA TYR B 135 -35.68 15.47 19.47
C TYR B 135 -36.46 14.83 20.62
N LYS B 136 -37.12 13.69 20.39
CA LYS B 136 -37.91 13.08 21.46
C LYS B 136 -37.02 12.63 22.63
N ALA B 137 -35.83 12.14 22.33
CA ALA B 137 -34.92 11.72 23.40
C ALA B 137 -34.40 12.91 24.21
N LEU B 138 -34.26 14.07 23.57
CA LEU B 138 -33.73 15.23 24.28
C LEU B 138 -34.77 15.86 25.19
N THR B 139 -36.01 15.97 24.74
CA THR B 139 -37.05 16.56 25.57
C THR B 139 -37.33 15.70 26.79
N GLU B 140 -37.20 14.38 26.65
CA GLU B 140 -37.30 13.50 27.82
C GLU B 140 -36.17 13.74 28.80
N MET B 141 -34.98 14.10 28.29
CA MET B 141 -33.88 14.45 29.18
C MET B 141 -34.10 15.83 29.81
N SER B 142 -34.67 16.76 29.04
CA SER B 142 -34.80 18.14 29.51
C SER B 142 -35.80 18.25 30.65
N THR B 143 -36.91 17.52 30.58
CA THR B 143 -37.88 17.55 31.67
C THR B 143 -37.30 16.98 32.94
N LEU B 144 -36.36 16.05 32.83
CA LEU B 144 -35.75 15.46 34.01
C LEU B 144 -34.76 16.42 34.66
N ILE B 145 -33.84 16.99 33.88
CA ILE B 145 -32.80 17.84 34.46
C ILE B 145 -33.38 19.14 34.97
N GLU B 146 -34.36 19.71 34.25
CA GLU B 146 -34.93 21.00 34.65
C GLU B 146 -35.63 20.91 36.00
N SER B 147 -36.12 19.72 36.38
CA SER B 147 -36.73 19.54 37.68
C SER B 147 -35.73 19.68 38.83
N PHE B 148 -34.44 19.45 38.58
CA PHE B 148 -33.47 19.44 39.67
C PHE B 148 -33.22 20.83 40.25
N ARG B 149 -33.44 21.90 39.47
CA ARG B 149 -33.27 23.27 39.94
C ARG B 149 -31.88 23.51 40.54
N LEU B 150 -30.86 22.94 39.91
CA LEU B 150 -29.49 23.05 40.40
C LEU B 150 -28.92 24.45 40.18
N PRO B 151 -28.06 24.92 41.09
CA PRO B 151 -27.41 26.22 40.88
C PRO B 151 -26.60 26.29 39.60
N SER B 152 -26.01 25.19 39.18
CA SER B 152 -25.27 25.11 37.93
C SER B 152 -25.35 23.67 37.43
N GLY B 153 -24.62 23.37 36.36
CA GLY B 153 -24.61 22.03 35.82
C GLY B 153 -23.79 21.06 36.66
N LEU B 154 -24.04 19.77 36.44
CA LEU B 154 -23.29 18.72 37.10
C LEU B 154 -21.92 18.55 36.47
N ALA B 155 -20.96 18.06 37.26
CA ALA B 155 -19.60 17.85 36.81
C ALA B 155 -19.33 16.37 36.56
N LEU B 156 -18.64 16.09 35.46
CA LEU B 156 -18.16 14.75 35.15
C LEU B 156 -16.82 14.51 35.82
N ILE B 157 -16.59 13.28 36.28
CA ILE B 157 -15.43 12.92 37.07
C ILE B 157 -14.84 11.62 36.55
N ILE B 158 -13.50 11.54 36.51
CA ILE B 158 -12.80 10.35 36.04
C ILE B 158 -11.52 10.19 36.85
N PHE B 159 -11.23 8.95 37.24
CA PHE B 159 -9.98 8.61 37.91
C PHE B 159 -8.86 8.39 36.90
N ASP B 160 -7.62 8.60 37.37
CA ASP B 160 -6.46 8.42 36.50
C ASP B 160 -6.19 6.94 36.19
N ASP B 161 -6.64 6.03 37.05
CA ASP B 161 -6.30 4.62 36.89
C ASP B 161 -6.93 4.04 35.63
N GLU B 162 -6.14 3.24 34.90
CA GLU B 162 -6.67 2.59 33.70
C GLU B 162 -7.72 1.54 34.02
N LYS B 163 -7.62 0.89 35.18
CA LYS B 163 -8.62 -0.12 35.53
C LYS B 163 -9.99 0.51 35.71
N TYR B 164 -10.05 1.74 36.23
CA TYR B 164 -11.31 2.47 36.28
C TYR B 164 -11.81 2.81 34.88
N GLN B 165 -10.89 3.19 33.98
CA GLN B 165 -11.28 3.55 32.63
C GLN B 165 -11.82 2.36 31.83
N SER B 166 -11.32 1.16 32.12
CA SER B 166 -11.73 -0.02 31.35
C SER B 166 -13.14 -0.47 31.69
N LEU B 167 -13.69 -0.04 32.82
CA LEU B 167 -15.04 -0.41 33.22
C LEU B 167 -16.06 0.69 32.96
N ILE B 168 -15.66 1.80 32.37
CA ILE B 168 -16.63 2.88 32.09
C ILE B 168 -17.56 2.43 30.97
N PRO B 169 -18.85 2.78 31.03
CA PRO B 169 -19.78 2.42 29.95
C PRO B 169 -19.44 3.14 28.65
N ASN B 170 -19.85 2.52 27.54
CA ASN B 170 -19.57 3.08 26.23
C ASN B 170 -20.21 4.46 26.05
N TYR B 171 -21.42 4.65 26.61
CA TYR B 171 -22.11 5.91 26.37
C TYR B 171 -21.42 7.09 27.06
N ILE B 172 -20.75 6.86 28.19
CA ILE B 172 -20.06 7.95 28.87
C ILE B 172 -18.88 8.44 28.06
N ASN B 173 -18.16 7.53 27.41
CA ASN B 173 -17.01 7.94 26.61
C ASN B 173 -17.41 8.87 25.48
N GLN B 174 -18.62 8.69 24.95
CA GLN B 174 -19.09 9.59 23.90
C GLN B 174 -19.30 11.00 24.40
N LEU B 175 -19.70 11.17 25.67
CA LEU B 175 -19.87 12.51 26.21
C LEU B 175 -18.54 13.18 26.54
N ILE B 176 -17.51 12.40 26.86
CA ILE B 176 -16.30 12.96 27.46
C ILE B 176 -15.59 13.90 26.51
N ALA B 177 -15.65 13.63 25.21
CA ALA B 177 -14.89 14.45 24.28
C ALA B 177 -15.48 15.84 24.12
N TYR B 178 -16.75 16.04 24.49
CA TYR B 178 -17.41 17.33 24.41
C TYR B 178 -17.59 17.98 25.79
N THR B 179 -16.87 17.50 26.79
CA THR B 179 -16.87 18.00 28.15
C THR B 179 -15.43 18.35 28.54
N GLN B 180 -15.27 18.83 29.77
CA GLN B 180 -13.95 19.09 30.36
C GLN B 180 -13.95 18.39 31.71
N PRO B 181 -13.77 17.06 31.71
CA PRO B 181 -13.94 16.30 32.96
C PRO B 181 -12.92 16.73 34.01
N HIS B 182 -13.37 16.73 35.26
CA HIS B 182 -12.45 16.93 36.38
C HIS B 182 -11.73 15.61 36.64
N ILE B 183 -10.42 15.61 36.42
CA ILE B 183 -9.61 14.40 36.55
C ILE B 183 -8.97 14.40 37.92
N ILE B 184 -9.16 13.30 38.66
CA ILE B 184 -8.60 13.16 40.01
C ILE B 184 -7.32 12.34 39.88
N PRO B 185 -6.16 12.92 40.14
CA PRO B 185 -4.91 12.16 40.08
C PRO B 185 -4.84 11.07 41.14
N THR B 186 -4.16 9.97 40.79
CA THR B 186 -3.86 8.90 41.73
C THR B 186 -2.44 9.05 42.26
N TRP B 187 -2.06 8.13 43.16
CA TRP B 187 -0.70 8.02 43.61
C TRP B 187 -0.20 6.67 43.15
N GLN B 188 -0.39 5.60 43.92
CA GLN B 188 -0.11 4.26 43.45
C GLN B 188 -1.44 3.52 43.27
N GLY B 189 -2.16 3.89 42.21
CA GLY B 189 -3.44 3.25 41.97
C GLY B 189 -4.51 3.68 42.94
N ILE B 190 -4.26 4.77 43.67
CA ILE B 190 -5.16 5.26 44.71
C ILE B 190 -5.27 6.77 44.58
N ALA B 191 -6.49 7.26 44.35
CA ALA B 191 -6.73 8.69 44.23
C ALA B 191 -6.47 9.39 45.56
N ASP B 192 -5.98 10.62 45.47
CA ASP B 192 -5.81 11.44 46.66
C ASP B 192 -7.17 11.80 47.24
N PHE B 193 -7.28 11.73 48.56
CA PHE B 193 -8.53 11.94 49.28
C PHE B 193 -8.82 13.41 49.58
N SER B 194 -7.88 14.30 49.28
CA SER B 194 -8.07 15.72 49.55
C SER B 194 -8.95 16.40 48.50
N ASP B 195 -9.33 15.69 47.44
CA ASP B 195 -10.09 16.29 46.35
C ASP B 195 -11.45 16.77 46.83
N THR B 196 -11.96 17.83 46.18
CA THR B 196 -13.20 18.47 46.63
C THR B 196 -14.38 17.52 46.57
N TYR B 197 -14.47 16.69 45.53
CA TYR B 197 -15.65 15.84 45.38
C TYR B 197 -15.56 14.61 46.27
N LEU B 198 -14.42 13.93 46.27
CA LEU B 198 -14.30 12.71 47.06
C LEU B 198 -14.40 13.00 48.55
N ARG B 199 -13.97 14.19 48.97
CA ARG B 199 -14.08 14.57 50.38
C ARG B 199 -15.52 14.78 50.82
N SER B 200 -16.41 15.12 49.89
CA SER B 200 -17.80 15.40 50.27
C SER B 200 -18.68 14.16 50.21
N TYR B 201 -18.48 13.29 49.22
CA TYR B 201 -19.35 12.14 49.03
C TYR B 201 -18.93 10.91 49.83
N PHE B 202 -17.68 10.82 50.24
CA PHE B 202 -17.14 9.60 50.82
C PHE B 202 -16.53 9.87 52.18
N LYS B 203 -16.46 8.83 53.01
CA LYS B 203 -15.77 8.95 54.28
C LYS B 203 -14.31 9.28 54.05
N ARG B 204 -13.76 10.20 54.83
CA ARG B 204 -12.33 10.47 54.73
C ARG B 204 -11.59 9.40 55.53
N PRO B 205 -10.74 8.59 54.90
CA PRO B 205 -10.05 7.54 55.65
C PRO B 205 -9.12 8.12 56.71
N PHE B 206 -9.09 7.46 57.86
CA PHE B 206 -8.23 7.85 58.98
C PHE B 206 -7.20 6.76 59.20
N GLU B 207 -5.95 7.18 59.39
CA GLU B 207 -4.83 6.26 59.51
C GLU B 207 -4.55 5.97 60.98
N LEU B 208 -4.19 4.73 61.29
CA LEU B 208 -3.76 4.33 62.62
C LEU B 208 -2.41 3.65 62.52
N THR B 209 -1.40 4.24 63.15
CA THR B 209 -0.05 3.67 63.12
C THR B 209 0.38 3.25 64.51
N ALA B 210 1.69 3.06 64.71
CA ALA B 210 2.22 2.65 65.99
C ALA B 210 1.89 3.67 67.08
N SER B 211 2.51 4.84 67.01
CA SER B 211 2.23 5.87 68.02
C SER B 211 0.80 6.40 67.88
N ASN B 212 0.24 6.36 66.68
CA ASN B 212 -1.05 6.99 66.45
C ASN B 212 -2.21 6.24 67.09
N LEU B 213 -2.03 4.97 67.45
CA LEU B 213 -3.11 4.19 68.01
C LEU B 213 -3.60 4.82 69.31
N ALA B 214 -4.91 4.89 69.47
CA ALA B 214 -5.53 5.60 70.58
C ALA B 214 -7.01 5.23 70.64
N ALA B 215 -7.73 5.87 71.56
CA ALA B 215 -9.17 5.75 71.67
C ALA B 215 -9.87 6.63 70.63
N PRO B 216 -11.11 6.31 70.27
CA PRO B 216 -11.88 7.26 69.44
C PRO B 216 -12.06 8.61 70.10
N GLN B 217 -12.13 8.67 71.43
CA GLN B 217 -12.38 9.95 72.09
C GLN B 217 -11.22 10.93 71.93
N LYS B 218 -9.98 10.43 71.84
CA LYS B 218 -8.83 11.33 71.75
C LYS B 218 -8.84 12.12 70.44
N TYR B 219 -9.31 11.49 69.36
CA TYR B 219 -9.46 12.12 68.05
C TYR B 219 -10.93 12.06 67.69
N ASN B 220 -11.61 13.19 67.75
CA ASN B 220 -13.05 13.20 67.51
C ASN B 220 -13.37 12.57 66.16
N LEU B 221 -14.22 11.55 66.18
CA LEU B 221 -14.54 10.76 64.99
C LEU B 221 -15.93 10.18 65.17
N SER B 222 -16.63 9.99 64.06
CA SER B 222 -17.95 9.40 64.09
C SER B 222 -18.04 8.35 62.99
N PRO B 223 -18.89 7.32 63.18
CA PRO B 223 -19.12 6.36 62.10
C PRO B 223 -19.66 7.01 60.84
N MET B 224 -20.43 8.09 60.99
CA MET B 224 -20.90 8.86 59.85
C MET B 224 -19.76 9.37 58.99
N THR B 225 -18.89 10.20 59.58
CA THR B 225 -17.98 11.00 58.76
C THR B 225 -16.80 10.18 58.27
N ARG B 226 -16.16 9.41 59.16
CA ARG B 226 -14.83 8.88 58.90
C ARG B 226 -14.84 7.36 58.78
N SER B 227 -13.93 6.85 57.96
CA SER B 227 -13.59 5.44 57.88
C SER B 227 -12.16 5.26 58.38
N ILE B 228 -11.85 4.08 58.90
CA ILE B 228 -10.57 3.82 59.56
C ILE B 228 -9.71 2.96 58.66
N PHE B 229 -8.47 3.38 58.46
CA PHE B 229 -7.43 2.55 57.84
C PHE B 229 -6.45 2.13 58.92
N ASN B 230 -6.05 0.86 58.88
CA ASN B 230 -5.19 0.27 59.90
C ASN B 230 -3.79 0.08 59.32
N ASN B 231 -2.84 0.88 59.80
CA ASN B 231 -1.44 0.72 59.45
C ASN B 231 -0.60 0.14 60.58
N THR B 232 -1.20 -0.13 61.75
CA THR B 232 -0.43 -0.59 62.89
C THR B 232 0.22 -1.94 62.63
N GLY B 233 -0.40 -2.77 61.79
CA GLY B 233 0.09 -4.10 61.50
C GLY B 233 -0.39 -5.17 62.45
N ARG B 234 -1.03 -4.80 63.55
CA ARG B 234 -1.74 -5.76 64.39
C ARG B 234 -3.03 -6.19 63.69
N GLU B 235 -3.48 -7.40 64.00
CA GLU B 235 -4.64 -7.95 63.33
C GLU B 235 -5.86 -7.05 63.53
N ASP B 236 -6.62 -6.85 62.44
CA ASP B 236 -7.74 -5.92 62.49
C ASP B 236 -8.82 -6.38 63.45
N ALA B 237 -8.97 -7.69 63.64
CA ALA B 237 -9.98 -8.19 64.58
C ALA B 237 -9.69 -7.73 66.01
N VAL B 238 -8.41 -7.55 66.36
CA VAL B 238 -8.07 -7.08 67.69
C VAL B 238 -8.43 -5.61 67.85
N ILE B 239 -8.05 -4.78 66.88
CA ILE B 239 -8.32 -3.34 66.97
C ILE B 239 -9.83 -3.09 66.92
N ARG B 240 -10.54 -3.85 66.10
CA ARG B 240 -11.99 -3.69 66.02
C ARG B 240 -12.68 -4.11 67.30
N LYS B 241 -12.14 -5.10 68.00
CA LYS B 241 -12.78 -5.65 69.20
C LYS B 241 -12.30 -4.97 70.48
N LEU B 242 -11.06 -4.50 70.51
CA LEU B 242 -10.50 -3.99 71.76
C LEU B 242 -10.87 -2.54 72.00
N TYR B 243 -10.54 -1.65 71.06
CA TYR B 243 -10.69 -0.22 71.26
C TYR B 243 -12.08 0.30 70.86
N GLY B 244 -13.00 -0.59 70.50
CA GLY B 244 -14.34 -0.14 70.17
C GLY B 244 -14.52 0.36 68.77
N TYR B 245 -13.62 0.02 67.86
CA TYR B 245 -13.71 0.46 66.47
C TYR B 245 -14.65 -0.42 65.64
N GLY B 246 -15.49 -1.22 66.28
CA GLY B 246 -16.44 -2.03 65.52
C GLY B 246 -17.60 -1.25 64.95
N GLU B 247 -17.77 0.00 65.37
CA GLU B 247 -18.74 0.91 64.80
C GLU B 247 -18.21 1.63 63.56
N TYR B 248 -16.95 1.40 63.19
CA TYR B 248 -16.38 1.91 61.96
C TYR B 248 -16.07 0.76 61.01
N VAL B 249 -16.08 1.05 59.71
CA VAL B 249 -15.77 0.08 58.68
C VAL B 249 -14.31 0.25 58.27
N PHE B 250 -13.57 -0.86 58.22
CA PHE B 250 -12.16 -0.84 57.86
C PHE B 250 -12.01 -1.08 56.36
N ILE B 251 -11.24 -0.20 55.70
CA ILE B 251 -10.83 -0.49 54.34
C ILE B 251 -9.77 -1.59 54.38
N ARG B 252 -9.75 -2.43 53.35
CA ARG B 252 -8.82 -3.55 53.29
C ARG B 252 -7.97 -3.46 52.03
N TYR B 253 -6.71 -3.88 52.16
CA TYR B 253 -5.74 -3.83 51.07
C TYR B 253 -5.04 -5.18 50.98
N GLU B 254 -5.09 -5.80 49.80
CA GLU B 254 -4.56 -7.14 49.61
C GLU B 254 -3.10 -7.17 49.16
N GLY B 255 -2.46 -6.01 48.95
CA GLY B 255 -1.07 -5.96 48.56
C GLY B 255 -0.18 -5.34 49.62
N CYS B 256 1.04 -5.01 49.21
CA CYS B 256 2.02 -4.41 50.10
C CYS B 256 2.82 -3.36 49.36
N LEU B 257 3.23 -2.33 50.09
CA LEU B 257 4.06 -1.24 49.59
C LEU B 257 5.29 -1.18 50.50
N ILE B 258 6.40 -1.73 50.03
CA ILE B 258 7.59 -1.96 50.85
C ILE B 258 8.70 -1.03 50.38
N THR B 259 9.18 -0.18 51.28
CA THR B 259 10.30 0.72 50.99
C THR B 259 11.62 0.05 51.36
N TRP B 260 12.62 0.22 50.51
CA TRP B 260 13.94 -0.36 50.71
C TRP B 260 15.00 0.74 50.72
N THR B 261 16.10 0.48 51.42
CA THR B 261 17.27 1.34 51.32
C THR B 261 18.04 0.96 50.07
N GLY B 262 18.29 1.94 49.20
CA GLY B 262 19.01 1.73 47.97
C GLY B 262 20.41 2.32 47.99
N ILE B 263 21.09 2.18 46.85
CA ILE B 263 22.42 2.73 46.67
C ILE B 263 22.32 4.23 46.51
N TYR B 264 21.71 4.66 45.40
CA TYR B 264 21.56 6.09 45.13
C TYR B 264 20.66 6.77 46.16
N GLY B 265 19.70 6.04 46.71
CA GLY B 265 18.76 6.65 47.64
C GLY B 265 17.67 5.68 48.01
N GLU B 266 16.70 6.18 48.78
CA GLU B 266 15.59 5.35 49.20
C GLU B 266 14.75 4.91 48.01
N VAL B 267 14.19 3.70 48.12
CA VAL B 267 13.45 3.07 47.04
C VAL B 267 12.15 2.49 47.59
N THR B 268 11.07 2.56 46.80
CA THR B 268 9.81 1.91 47.10
C THR B 268 9.56 0.77 46.11
N MET B 269 8.48 0.03 46.36
CA MET B 269 8.16 -1.18 45.62
C MET B 269 6.69 -1.50 45.88
N MET B 270 6.12 -2.32 45.02
CA MET B 270 4.77 -2.81 45.21
C MET B 270 4.74 -4.31 44.94
N VAL B 271 4.06 -5.04 45.81
CA VAL B 271 3.95 -6.49 45.73
C VAL B 271 2.48 -6.85 45.71
N ASN B 272 2.13 -7.82 44.87
CA ASN B 272 0.75 -8.22 44.70
C ASN B 272 0.28 -9.21 45.75
N LEU B 273 1.14 -9.62 46.68
CA LEU B 273 0.78 -10.56 47.73
C LEU B 273 0.46 -9.85 49.04
N SER B 274 -0.36 -10.50 49.87
CA SER B 274 -0.75 -9.99 51.18
C SER B 274 0.40 -10.11 52.17
N LYS B 275 0.37 -9.25 53.19
CA LYS B 275 1.47 -9.20 54.16
C LYS B 275 1.59 -10.49 54.96
N ARG B 276 0.48 -11.18 55.23
CA ARG B 276 0.58 -12.47 55.90
C ARG B 276 1.26 -13.52 55.03
N ASP B 277 1.03 -13.46 53.71
CA ASP B 277 1.61 -14.46 52.81
C ASP B 277 3.06 -14.15 52.45
N LEU B 278 3.53 -12.94 52.70
CA LEU B 278 4.91 -12.55 52.46
C LEU B 278 5.58 -12.44 53.83
N GLY B 279 6.60 -13.26 54.05
CA GLY B 279 7.16 -13.35 55.39
C GLY B 279 8.04 -12.20 55.78
N LEU B 280 8.30 -11.27 54.87
CA LEU B 280 9.14 -10.11 55.16
C LEU B 280 8.51 -9.23 56.23
N ASP B 281 9.36 -8.75 57.14
CA ASP B 281 8.98 -7.76 58.14
C ASP B 281 10.03 -6.64 58.15
N VAL B 282 9.96 -5.73 59.11
CA VAL B 282 10.90 -4.62 59.16
C VAL B 282 12.31 -5.16 59.38
N GLY B 283 13.28 -4.61 58.65
CA GLY B 283 14.68 -4.94 58.82
C GLY B 283 15.16 -6.18 58.11
N ASP B 284 14.33 -6.82 57.30
CA ASP B 284 14.71 -8.08 56.65
C ASP B 284 15.67 -7.86 55.50
N ASP B 285 16.47 -8.90 55.23
CA ASP B 285 17.41 -8.89 54.14
C ASP B 285 16.70 -9.07 52.79
N TYR B 286 17.25 -8.43 51.76
CA TYR B 286 16.67 -8.50 50.42
C TYR B 286 16.72 -9.92 49.85
N LEU B 287 17.80 -10.65 50.12
CA LEU B 287 17.92 -12.00 49.58
C LEU B 287 16.92 -12.95 50.19
N LYS B 288 16.51 -12.72 51.44
CA LYS B 288 15.46 -13.54 52.03
C LYS B 288 14.15 -13.30 51.29
N GLU B 289 13.44 -14.40 50.99
CA GLU B 289 12.19 -14.36 50.21
C GLU B 289 12.38 -13.65 48.88
N TYR B 290 13.59 -13.69 48.31
CA TYR B 290 13.85 -13.01 47.05
C TYR B 290 13.07 -13.63 45.90
N LYS B 291 12.86 -14.94 45.92
CA LYS B 291 12.15 -15.57 44.81
C LYS B 291 10.69 -15.13 44.74
N LYS B 292 10.07 -14.84 45.90
CA LYS B 292 8.69 -14.36 45.86
C LYS B 292 8.60 -12.95 45.27
N LEU B 293 9.54 -12.07 45.63
CA LEU B 293 9.49 -10.69 45.16
C LEU B 293 9.66 -10.62 43.64
N LEU B 294 10.49 -11.50 43.08
CA LEU B 294 10.77 -11.43 41.65
C LEU B 294 9.52 -11.72 40.83
N PHE B 295 8.59 -12.51 41.36
CA PHE B 295 7.39 -12.83 40.61
C PHE B 295 6.33 -11.74 40.73
N TYR B 296 6.10 -11.25 41.94
CA TYR B 296 4.97 -10.37 42.20
C TYR B 296 5.33 -8.92 42.47
N GLY B 297 6.62 -8.58 42.51
CA GLY B 297 7.02 -7.22 42.83
C GLY B 297 7.08 -6.31 41.60
N VAL B 298 6.94 -5.02 41.86
CA VAL B 298 7.14 -3.98 40.84
C VAL B 298 7.83 -2.80 41.52
N ILE B 299 9.02 -2.46 41.06
CA ILE B 299 9.67 -1.21 41.47
C ILE B 299 8.98 -0.05 40.77
N THR B 300 8.74 1.03 41.51
CA THR B 300 8.00 2.18 41.00
C THR B 300 8.86 3.43 40.91
N ASP B 301 10.18 3.29 40.98
CA ASP B 301 11.09 4.40 40.84
C ASP B 301 11.82 4.34 39.50
N ALA B 302 12.26 5.50 39.04
CA ALA B 302 12.92 5.58 37.74
C ALA B 302 14.20 4.76 37.74
N ILE B 303 14.38 3.96 36.68
CA ILE B 303 15.61 3.19 36.52
C ILE B 303 16.75 4.10 36.07
N PRO B 304 17.98 3.81 36.51
CA PRO B 304 18.37 2.79 37.50
C PRO B 304 17.82 3.10 38.89
N SER B 305 17.46 2.07 39.65
CA SER B 305 17.05 2.23 41.03
C SER B 305 18.28 2.07 41.93
N GLY B 306 18.06 1.98 43.24
CA GLY B 306 19.12 1.67 44.18
C GLY B 306 19.18 0.24 44.66
N ILE B 307 18.37 -0.67 44.11
CA ILE B 307 18.22 -2.00 44.66
C ILE B 307 19.53 -2.77 44.57
N SER B 308 19.85 -3.51 45.64
CA SER B 308 21.09 -4.28 45.71
C SER B 308 20.77 -5.64 46.35
N ALA B 309 21.76 -6.52 46.32
CA ALA B 309 21.63 -7.78 47.06
C ALA B 309 21.58 -7.55 48.57
N ARG B 310 22.14 -6.45 49.07
CA ARG B 310 22.22 -6.19 50.50
C ARG B 310 21.24 -5.13 50.99
N SER B 311 20.23 -4.78 50.19
CA SER B 311 19.24 -3.81 50.63
C SER B 311 18.39 -4.36 51.77
N THR B 312 17.94 -3.46 52.63
CA THR B 312 17.12 -3.82 53.78
C THR B 312 15.78 -3.10 53.72
N ILE B 313 14.78 -3.70 54.35
CA ILE B 313 13.46 -3.09 54.46
C ILE B 313 13.48 -1.99 55.51
N MET B 314 12.66 -0.95 55.29
CA MET B 314 12.40 0.07 56.30
C MET B 314 10.95 -0.04 56.79
N LYS B 315 9.98 0.23 55.92
CA LYS B 315 8.58 0.29 56.31
C LYS B 315 7.75 -0.59 55.39
N ILE B 316 6.78 -1.29 55.97
CA ILE B 316 5.87 -2.16 55.23
C ILE B 316 4.45 -1.83 55.64
N SER B 317 3.58 -1.59 54.67
CA SER B 317 2.19 -1.28 54.92
C SER B 317 1.32 -2.04 53.92
N PRO B 318 0.08 -2.38 54.31
CA PRO B 318 -0.87 -2.89 53.32
C PRO B 318 -1.16 -1.83 52.26
N HIS B 319 -1.37 -2.30 51.03
CA HIS B 319 -1.56 -1.42 49.89
C HIS B 319 -2.43 -2.11 48.86
N LYS B 320 -3.02 -1.31 47.96
CA LYS B 320 -3.91 -1.84 46.94
C LYS B 320 -3.17 -2.71 45.94
N MET B 321 -3.84 -3.77 45.46
CA MET B 321 -3.25 -4.64 44.46
C MET B 321 -3.11 -3.92 43.13
N MET B 322 -2.06 -4.28 42.38
CA MET B 322 -1.83 -3.73 41.05
C MET B 322 -2.67 -4.48 40.04
N ASN B 323 -3.51 -3.74 39.32
CA ASN B 323 -4.26 -4.35 38.23
C ASN B 323 -3.33 -4.60 37.06
N PRO B 324 -3.37 -5.79 36.44
CA PRO B 324 -2.52 -6.06 35.29
C PRO B 324 -2.83 -5.12 34.14
N SER B 325 -1.79 -4.76 33.40
CA SER B 325 -1.96 -3.86 32.26
C SER B 325 -2.89 -4.48 31.24
N GLY B 326 -3.81 -3.66 30.71
CA GLY B 326 -4.75 -4.16 29.73
C GLY B 326 -4.08 -4.57 28.44
N GLY B 327 -3.02 -3.87 28.04
CA GLY B 327 -2.34 -4.23 26.80
C GLY B 327 -1.44 -5.44 26.94
N ALA B 328 -0.79 -5.57 28.11
CA ALA B 328 0.13 -6.69 28.29
C ALA B 328 -0.59 -8.03 28.30
N LEU B 329 -1.82 -8.05 28.83
CA LEU B 329 -2.60 -9.29 28.79
C LEU B 329 -3.06 -9.62 27.38
N ALA B 330 -3.15 -8.62 26.49
CA ALA B 330 -3.61 -8.86 25.14
C ALA B 330 -2.55 -9.54 24.29
N VAL B 331 -1.29 -9.13 24.40
CA VAL B 331 -0.23 -9.77 23.63
C VAL B 331 0.05 -11.18 24.15
N LEU B 332 -0.08 -11.41 25.46
CA LEU B 332 0.18 -12.74 25.99
C LEU B 332 -0.94 -13.70 25.67
N SER B 333 -2.20 -13.24 25.75
CA SER B 333 -3.32 -14.10 25.37
C SER B 333 -3.30 -14.41 23.88
N LYS B 334 -2.68 -13.55 23.07
CA LYS B 334 -2.47 -13.87 21.67
C LYS B 334 -1.55 -15.07 21.50
N PHE B 335 -0.58 -15.21 22.42
CA PHE B 335 0.26 -16.40 22.42
C PHE B 335 -0.51 -17.64 22.90
N LEU B 336 -1.35 -17.48 23.92
CA LEU B 336 -2.12 -18.61 24.42
C LEU B 336 -3.17 -19.08 23.41
N GLU B 337 -3.67 -18.18 22.56
CA GLU B 337 -4.58 -18.61 21.51
C GLU B 337 -3.88 -19.52 20.50
N ALA B 338 -2.59 -19.30 20.26
CA ALA B 338 -1.81 -20.20 19.41
C ALA B 338 -1.42 -21.49 20.10
N VAL B 339 -1.48 -21.54 21.43
CA VAL B 339 -1.09 -22.75 22.15
C VAL B 339 -2.21 -23.79 22.08
N VAL B 340 -3.46 -23.35 22.22
CA VAL B 340 -4.57 -24.29 22.36
C VAL B 340 -4.99 -24.84 21.00
N SER B 341 -5.16 -23.96 20.02
CA SER B 341 -5.74 -24.36 18.74
C SER B 341 -4.78 -25.23 17.95
N THR B 342 -5.34 -26.22 17.25
CA THR B 342 -4.56 -27.15 16.44
C THR B 342 -4.29 -26.62 15.03
N ASN B 343 -4.83 -25.46 14.67
CA ASN B 343 -4.55 -24.88 13.37
C ASN B 343 -3.11 -24.41 13.24
N VAL B 344 -2.44 -24.15 14.36
CA VAL B 344 -1.04 -23.72 14.37
C VAL B 344 -0.17 -24.91 14.76
N ILE B 345 0.94 -25.09 14.04
CA ILE B 345 1.83 -26.22 14.33
C ILE B 345 2.81 -25.88 15.46
N ASN B 346 3.37 -24.67 15.43
CA ASN B 346 4.35 -24.25 16.43
C ASN B 346 3.90 -22.93 17.05
N ALA B 347 3.67 -22.94 18.34
CA ALA B 347 3.55 -21.70 19.10
C ALA B 347 4.91 -21.40 19.72
N THR B 348 5.37 -20.17 19.56
CA THR B 348 6.72 -19.79 19.99
C THR B 348 6.66 -18.39 20.58
N LEU B 349 6.89 -18.29 21.89
CA LEU B 349 7.02 -16.99 22.54
C LEU B 349 8.48 -16.55 22.56
N VAL B 350 8.69 -15.27 22.27
CA VAL B 350 10.00 -14.63 22.37
C VAL B 350 9.94 -13.58 23.45
N VAL B 351 10.95 -13.58 24.33
CA VAL B 351 11.02 -12.64 25.44
C VAL B 351 12.40 -12.01 25.43
N TYR B 352 12.46 -10.69 25.39
CA TYR B 352 13.70 -9.96 25.56
C TYR B 352 13.75 -9.35 26.96
N ALA B 353 14.97 -9.22 27.48
CA ALA B 353 15.18 -8.50 28.73
C ALA B 353 16.63 -8.04 28.77
N GLU B 354 16.87 -6.94 29.48
CA GLU B 354 18.25 -6.52 29.69
C GLU B 354 18.97 -7.58 30.49
N LYS B 355 20.22 -7.84 30.13
CA LYS B 355 20.98 -8.92 30.76
C LYS B 355 21.17 -8.64 32.25
N GLY B 356 21.11 -9.70 33.04
CA GLY B 356 21.18 -9.57 34.49
C GLY B 356 19.86 -9.36 35.20
N ALA B 357 18.74 -9.41 34.47
CA ALA B 357 17.44 -9.29 35.09
C ALA B 357 16.96 -10.58 35.74
N GLY B 358 17.68 -11.69 35.55
CA GLY B 358 17.25 -12.97 36.11
C GLY B 358 16.13 -13.63 35.36
N LYS B 359 15.95 -13.31 34.08
CA LYS B 359 14.83 -13.85 33.30
C LYS B 359 14.88 -15.37 33.21
N THR B 360 16.07 -15.96 33.18
CA THR B 360 16.15 -17.41 33.14
C THR B 360 15.63 -18.05 34.43
N SER B 361 15.81 -17.36 35.56
CA SER B 361 15.27 -17.87 36.82
C SER B 361 13.74 -17.85 36.84
N PHE B 362 13.13 -16.86 36.18
CA PHE B 362 11.68 -16.76 36.21
C PHE B 362 11.02 -17.70 35.19
N LEU B 363 11.58 -17.77 33.99
CA LEU B 363 10.95 -18.56 32.94
C LEU B 363 11.14 -20.06 33.15
N SER B 364 12.07 -20.46 34.03
CA SER B 364 12.13 -21.87 34.42
C SER B 364 10.87 -22.31 35.13
N THR B 365 10.25 -21.41 35.92
CA THR B 365 9.02 -21.76 36.60
C THR B 365 7.80 -21.48 35.72
N TYR B 366 7.84 -20.38 34.97
CA TYR B 366 6.74 -20.06 34.08
C TYR B 366 6.57 -21.12 33.00
N ALA B 367 7.65 -21.77 32.58
CA ALA B 367 7.51 -22.92 31.69
C ALA B 367 6.79 -24.07 32.39
N GLU B 368 7.01 -24.23 33.70
CA GLU B 368 6.34 -25.32 34.41
C GLU B 368 4.87 -25.03 34.66
N GLN B 369 4.53 -23.75 34.92
CA GLN B 369 3.13 -23.42 35.14
C GLN B 369 2.31 -23.61 33.87
N LEU B 370 2.88 -23.26 32.71
CA LEU B 370 2.19 -23.51 31.45
C LEU B 370 2.15 -25.01 31.13
N SER B 371 3.14 -25.77 31.60
CA SER B 371 3.14 -27.21 31.37
C SER B 371 2.01 -27.92 32.09
N LEU B 372 1.63 -27.42 33.28
CA LEU B 372 0.53 -28.05 34.01
C LEU B 372 -0.82 -27.79 33.35
N ALA B 373 -0.94 -26.70 32.58
CA ALA B 373 -2.24 -26.32 32.04
C ALA B 373 -2.56 -27.10 30.77
N SER B 374 -1.89 -26.75 29.66
CA SER B 374 -2.13 -27.45 28.41
C SER B 374 -1.72 -28.91 28.49
N GLY B 375 -0.74 -29.22 29.34
CA GLY B 375 -0.22 -30.57 29.46
C GLY B 375 0.81 -30.94 28.42
N GLN B 376 1.06 -30.08 27.45
CA GLN B 376 2.09 -30.33 26.46
C GLN B 376 3.46 -30.01 27.04
N VAL B 377 4.49 -30.68 26.51
CA VAL B 377 5.85 -30.45 26.97
C VAL B 377 6.36 -29.15 26.38
N VAL B 378 6.68 -28.19 27.23
CA VAL B 378 7.12 -26.86 26.82
C VAL B 378 8.64 -26.82 26.84
N GLY B 379 9.23 -26.39 25.73
CA GLY B 379 10.66 -26.19 25.69
C GLY B 379 11.09 -24.87 26.28
N HIS B 380 12.38 -24.75 26.51
CA HIS B 380 12.96 -23.53 27.03
C HIS B 380 14.38 -23.39 26.51
N LEU B 381 14.72 -22.19 26.03
CA LEU B 381 16.06 -21.88 25.53
C LEU B 381 16.51 -20.55 26.12
N SER B 382 17.54 -20.59 26.97
CA SER B 382 18.09 -19.38 27.54
C SER B 382 18.75 -18.53 26.45
N SER B 383 18.83 -17.23 26.71
CA SER B 383 19.36 -16.32 25.69
C SER B 383 20.80 -16.67 25.33
N ASP B 384 21.55 -17.28 26.25
CA ASP B 384 22.92 -17.69 26.00
C ASP B 384 23.02 -19.12 25.48
N ALA B 385 21.91 -19.71 25.05
CA ALA B 385 21.97 -21.07 24.50
C ALA B 385 22.78 -21.10 23.21
N TYR B 386 22.49 -20.19 22.28
CA TYR B 386 23.28 -20.11 21.07
C TYR B 386 24.71 -19.65 21.35
N GLY B 387 24.90 -18.81 22.38
CA GLY B 387 26.21 -18.28 22.64
C GLY B 387 27.20 -19.33 23.12
N ARG B 388 26.74 -20.29 23.92
CA ARG B 388 27.62 -21.36 24.33
C ARG B 388 27.78 -22.41 23.24
N TRP B 389 26.69 -22.70 22.52
CA TRP B 389 26.76 -23.72 21.47
C TRP B 389 27.65 -23.28 20.31
N LEU B 390 27.67 -21.98 20.01
CA LEU B 390 28.58 -21.50 18.97
C LEU B 390 30.04 -21.64 19.38
N ALA B 391 30.32 -21.51 20.68
CA ALA B 391 31.69 -21.66 21.14
C ALA B 391 32.19 -23.10 20.98
N LYS B 392 31.28 -24.08 21.05
CA LYS B 392 31.71 -25.48 20.98
C LYS B 392 31.90 -25.95 19.55
N ASN B 393 30.95 -25.61 18.66
CA ASN B 393 30.85 -26.26 17.36
C ASN B 393 31.25 -25.35 16.21
N LYS B 394 31.91 -24.22 16.50
CA LYS B 394 32.33 -23.34 15.41
C LYS B 394 33.33 -24.02 14.48
N ASP B 395 34.14 -24.94 15.02
CA ASP B 395 35.13 -25.65 14.21
C ASP B 395 34.57 -26.91 13.55
N VAL B 396 33.71 -27.64 14.26
CA VAL B 396 33.11 -28.84 13.69
C VAL B 396 32.24 -28.45 12.49
N GLU B 397 32.33 -29.25 11.42
CA GLU B 397 31.67 -28.83 10.18
C GLU B 397 30.16 -29.10 10.20
N GLU B 398 29.74 -30.23 10.78
CA GLU B 398 28.35 -30.66 10.75
C GLU B 398 27.86 -30.92 12.16
N PRO B 399 27.65 -29.86 12.95
CA PRO B 399 27.21 -30.03 14.33
C PRO B 399 25.81 -30.64 14.43
N SER B 400 25.60 -31.40 15.50
CA SER B 400 24.26 -31.88 15.80
C SER B 400 23.35 -30.72 16.19
N PHE B 401 22.12 -30.75 15.69
CA PHE B 401 21.11 -29.76 16.04
C PHE B 401 19.99 -30.35 16.91
N ALA B 402 20.14 -31.58 17.39
CA ALA B 402 19.08 -32.23 18.15
C ALA B 402 18.77 -31.45 19.42
N TYR B 403 17.49 -31.41 19.79
CA TYR B 403 17.02 -30.48 20.80
C TYR B 403 17.69 -30.72 22.15
N ASP B 404 17.65 -31.97 22.64
CA ASP B 404 18.18 -32.21 23.97
C ASP B 404 19.68 -31.98 24.04
N TYR B 405 20.40 -32.13 22.92
CA TYR B 405 21.82 -31.82 22.92
C TYR B 405 22.09 -30.34 23.13
N VAL B 406 21.22 -29.47 22.61
CA VAL B 406 21.38 -28.04 22.84
C VAL B 406 20.97 -27.67 24.26
N LEU B 407 19.96 -28.35 24.82
CA LEU B 407 19.60 -28.12 26.21
C LEU B 407 20.72 -28.55 27.16
N SER B 408 21.51 -29.56 26.76
CA SER B 408 22.63 -29.98 27.57
C SER B 408 23.71 -28.90 27.66
N LEU B 409 23.82 -28.07 26.63
CA LEU B 409 24.81 -27.00 26.59
C LEU B 409 24.31 -25.67 27.16
N ASP B 410 23.08 -25.63 27.66
CA ASP B 410 22.54 -24.41 28.26
C ASP B 410 23.03 -24.20 29.68
N THR B 411 23.74 -25.16 30.26
CA THR B 411 24.20 -25.04 31.64
C THR B 411 25.14 -23.86 31.81
N ASP B 412 25.07 -23.23 32.98
CA ASP B 412 25.82 -22.00 33.25
C ASP B 412 27.33 -22.20 33.23
N ASP B 413 27.81 -23.42 33.50
CA ASP B 413 29.25 -23.64 33.62
C ASP B 413 29.99 -23.39 32.31
N ASN B 414 29.37 -23.67 31.18
CA ASN B 414 30.01 -23.46 29.89
C ASN B 414 30.09 -21.97 29.56
N GLU B 415 31.13 -21.61 28.82
CA GLU B 415 31.30 -20.22 28.41
C GLU B 415 30.64 -19.96 27.06
N SER B 416 30.00 -18.80 26.95
CA SER B 416 29.43 -18.37 25.68
C SER B 416 30.53 -17.89 24.74
N TYR B 417 30.29 -18.03 23.43
CA TYR B 417 31.26 -17.55 22.46
C TYR B 417 31.39 -16.03 22.53
N TYR B 418 30.28 -15.32 22.78
CA TYR B 418 30.35 -13.87 22.80
C TYR B 418 31.17 -13.35 23.97
N GLU B 419 31.16 -14.04 25.11
CA GLU B 419 31.97 -13.61 26.24
C GLU B 419 33.46 -13.77 25.95
N GLN B 420 33.83 -14.74 25.12
CA GLN B 420 35.24 -14.91 24.78
C GLN B 420 35.75 -13.74 23.95
N LYS B 421 35.00 -13.39 22.90
CA LYS B 421 35.43 -12.33 21.99
C LYS B 421 35.42 -10.97 22.67
N ALA B 422 34.50 -10.76 23.62
CA ALA B 422 34.48 -9.51 24.37
C ALA B 422 35.60 -9.43 25.41
N SER B 423 36.08 -10.56 25.91
CA SER B 423 37.21 -10.51 26.83
C SER B 423 38.48 -10.06 26.11
N GLU B 424 38.68 -10.50 24.87
CA GLU B 424 39.83 -10.05 24.10
C GLU B 424 39.72 -8.57 23.77
N LEU B 425 38.51 -8.10 23.49
CA LEU B 425 38.33 -6.69 23.13
C LEU B 425 38.60 -5.76 24.29
N LEU B 426 38.37 -6.22 25.52
CA LEU B 426 38.71 -5.42 26.69
C LEU B 426 40.20 -5.49 27.00
N ILE B 427 40.80 -6.66 26.83
CA ILE B 427 42.24 -6.80 27.01
C ILE B 427 43.00 -6.04 25.92
N SER B 428 42.41 -5.89 24.73
CA SER B 428 43.07 -5.14 23.67
C SER B 428 43.30 -3.69 24.09
N HIS B 429 42.40 -3.12 24.87
CA HIS B 429 42.65 -1.86 25.56
C HIS B 429 43.14 -2.08 26.99
N GLY B 430 43.22 -3.32 27.44
CA GLY B 430 43.81 -3.63 28.74
C GLY B 430 42.97 -3.33 29.95
N ILE B 431 41.65 -3.43 29.84
CA ILE B 431 40.73 -3.10 30.92
C ILE B 431 40.14 -4.41 31.45
N SER B 432 40.61 -4.86 32.61
CA SER B 432 40.03 -6.00 33.31
C SER B 432 39.36 -5.62 34.62
N GLU B 433 39.43 -4.36 35.01
CA GLU B 433 38.96 -3.91 36.32
C GLU B 433 37.65 -3.16 36.18
N VAL B 434 36.74 -3.38 37.14
CA VAL B 434 35.46 -2.67 37.13
C VAL B 434 35.68 -1.18 37.34
N ALA B 435 36.66 -0.80 38.16
CA ALA B 435 36.89 0.61 38.41
C ALA B 435 37.45 1.31 37.17
N GLN B 436 38.31 0.63 36.41
CA GLN B 436 38.84 1.21 35.19
C GLN B 436 37.76 1.37 34.12
N TYR B 437 36.76 0.49 34.12
CA TYR B 437 35.68 0.62 33.15
C TYR B 437 34.71 1.75 33.54
N GLU B 438 34.42 1.88 34.84
CA GLU B 438 33.55 2.97 35.30
C GLU B 438 34.21 4.33 35.11
N LEU B 439 35.54 4.39 35.16
CA LEU B 439 36.28 5.64 35.02
C LEU B 439 36.21 6.19 33.59
N LEU B 440 35.95 5.36 32.60
CA LEU B 440 36.00 5.79 31.21
C LEU B 440 34.87 6.77 30.89
N SER B 441 35.16 7.70 29.97
CA SER B 441 34.16 8.60 29.44
C SER B 441 33.20 7.86 28.52
N VAL B 442 32.00 8.41 28.37
CA VAL B 442 30.99 7.76 27.54
C VAL B 442 31.46 7.63 26.10
N ARG B 443 32.25 8.59 25.62
CA ARG B 443 32.76 8.49 24.24
C ARG B 443 33.71 7.31 24.09
N LYS B 444 34.51 7.02 25.13
CA LYS B 444 35.43 5.89 25.04
C LYS B 444 34.70 4.56 25.03
N LYS B 445 33.57 4.47 25.73
CA LYS B 445 32.81 3.21 25.73
C LYS B 445 32.10 3.00 24.41
N ILE B 446 31.46 4.05 23.89
CA ILE B 446 30.72 3.93 22.63
C ILE B 446 31.66 3.61 21.48
N LYS B 447 32.91 4.08 21.55
CA LYS B 447 33.89 3.72 20.54
C LYS B 447 34.18 2.23 20.55
N MET B 448 34.10 1.59 21.72
CA MET B 448 34.33 0.14 21.80
C MET B 448 33.09 -0.65 21.43
N MET B 449 31.91 -0.19 21.81
CA MET B 449 30.70 -0.94 21.52
C MET B 449 30.45 -1.06 20.03
N ASP B 450 30.93 -0.10 19.22
CA ASP B 450 30.83 -0.25 17.78
C ASP B 450 31.66 -1.43 17.28
N GLU B 451 32.79 -1.70 17.93
CA GLU B 451 33.56 -2.89 17.58
C GLU B 451 32.84 -4.16 18.01
N MET B 452 32.11 -4.13 19.12
CA MET B 452 31.29 -5.29 19.48
C MET B 452 30.12 -5.46 18.54
N ASN B 453 29.64 -4.37 17.92
CA ASN B 453 28.62 -4.52 16.89
C ASN B 453 29.16 -5.27 15.67
N GLU B 454 30.46 -5.16 15.40
CA GLU B 454 31.03 -5.85 14.25
C GLU B 454 31.10 -7.36 14.46
N VAL B 455 31.36 -7.80 15.70
CA VAL B 455 31.40 -9.23 15.96
C VAL B 455 30.00 -9.84 16.01
N LEU B 456 28.98 -9.00 16.16
CA LEU B 456 27.60 -9.46 16.20
C LEU B 456 26.96 -9.52 14.82
N ILE B 457 27.21 -8.53 13.96
CA ILE B 457 26.65 -8.57 12.62
C ILE B 457 27.26 -9.70 11.80
N ALA B 458 28.44 -10.16 12.19
CA ALA B 458 29.06 -11.27 11.48
C ALA B 458 28.24 -12.56 11.60
N GLN B 459 27.49 -12.70 12.70
CA GLN B 459 26.65 -13.88 12.89
C GLN B 459 25.24 -13.73 12.37
N LEU B 460 24.75 -12.51 12.19
CA LEU B 460 23.39 -12.29 11.71
C LEU B 460 23.33 -11.97 10.22
N GLU B 461 24.47 -11.76 9.56
CA GLU B 461 24.46 -11.22 8.21
C GLU B 461 23.88 -12.19 7.19
N ASN B 462 23.99 -13.50 7.42
CA ASN B 462 23.57 -14.47 6.41
C ASN B 462 23.20 -15.78 7.09
N ALA B 463 22.53 -16.64 6.32
CA ALA B 463 22.08 -17.95 6.80
C ALA B 463 23.09 -19.00 6.37
N ASP B 464 24.01 -19.33 7.26
CA ASP B 464 25.02 -20.35 7.04
C ASP B 464 24.88 -21.45 8.08
N THR B 465 25.59 -22.56 7.84
CA THR B 465 25.44 -23.73 8.71
C THR B 465 25.84 -23.42 10.15
N HIS B 466 26.81 -22.53 10.36
CA HIS B 466 27.17 -22.08 11.70
C HIS B 466 26.53 -20.74 12.05
N SER B 467 25.79 -20.14 11.13
CA SER B 467 25.16 -18.84 11.36
C SER B 467 23.96 -18.98 12.29
N GLU B 468 23.68 -17.90 13.00
CA GLU B 468 22.69 -17.94 14.06
C GLU B 468 21.28 -18.21 13.55
N ARG B 469 20.94 -17.72 12.34
CA ARG B 469 19.58 -17.93 11.85
C ARG B 469 19.31 -19.40 11.56
N ASN B 470 20.29 -20.11 11.01
CA ASN B 470 20.15 -21.54 10.79
C ASN B 470 20.10 -22.31 12.10
N PHE B 471 20.69 -21.75 13.17
CA PHE B 471 20.63 -22.41 14.46
C PHE B 471 19.20 -22.54 14.96
N TYR B 472 18.46 -21.43 15.00
CA TYR B 472 17.08 -21.49 15.45
C TYR B 472 16.16 -22.13 14.43
N TYR B 473 16.58 -22.22 13.16
CA TYR B 473 15.79 -22.95 12.19
C TYR B 473 15.85 -24.45 12.46
N MET B 474 17.06 -25.00 12.61
CA MET B 474 17.19 -26.43 12.82
C MET B 474 16.66 -26.86 14.19
N VAL B 475 16.70 -25.97 15.19
CA VAL B 475 16.19 -26.33 16.50
C VAL B 475 14.67 -26.34 16.50
N SER B 476 14.05 -25.30 15.91
CA SER B 476 12.60 -25.20 15.91
C SER B 476 11.96 -26.29 15.05
N THR B 477 12.59 -26.64 13.94
CA THR B 477 12.03 -27.61 12.99
C THR B 477 12.62 -29.00 13.19
N GLY B 478 13.28 -29.25 14.32
CA GLY B 478 13.73 -30.60 14.62
C GLY B 478 12.58 -31.52 14.92
N LYS B 479 12.84 -32.82 14.76
CA LYS B 479 11.77 -33.81 14.93
C LYS B 479 11.32 -33.88 16.39
N THR B 480 12.26 -34.03 17.32
CA THR B 480 11.95 -34.31 18.71
C THR B 480 11.77 -33.05 19.56
N THR B 481 11.91 -31.86 18.96
CA THR B 481 11.83 -30.63 19.72
C THR B 481 10.40 -30.40 20.22
N PRO B 482 10.23 -29.75 21.38
CA PRO B 482 8.88 -29.51 21.92
C PRO B 482 8.05 -28.63 21.00
N ARG B 483 6.75 -28.89 20.99
CA ARG B 483 5.85 -28.16 20.09
C ARG B 483 5.83 -26.67 20.42
N THR B 484 5.64 -26.33 21.69
CA THR B 484 5.71 -24.94 22.14
C THR B 484 7.10 -24.65 22.69
N LEU B 485 7.62 -23.47 22.36
CA LEU B 485 8.93 -23.03 22.81
C LEU B 485 8.82 -21.68 23.48
N ILE B 486 9.82 -21.39 24.32
CA ILE B 486 9.98 -20.08 24.95
C ILE B 486 11.44 -19.69 24.77
N VAL B 487 11.70 -18.70 23.91
CA VAL B 487 13.05 -18.30 23.53
C VAL B 487 13.33 -16.90 24.07
N GLU B 488 14.54 -16.71 24.58
CA GLU B 488 15.02 -15.42 25.04
C GLU B 488 15.99 -14.81 24.03
N GLY B 489 16.06 -13.47 24.03
CA GLY B 489 16.96 -12.76 23.14
C GLY B 489 17.44 -11.49 23.80
N HIS B 490 18.59 -11.00 23.33
CA HIS B 490 19.23 -9.88 24.00
C HIS B 490 18.88 -8.52 23.41
N PHE B 491 18.51 -8.43 22.14
CA PHE B 491 18.23 -7.13 21.56
C PHE B 491 17.27 -7.28 20.38
N ASN B 492 16.67 -6.15 19.99
CA ASN B 492 15.61 -6.16 18.99
C ASN B 492 16.10 -6.65 17.63
N ALA B 493 17.39 -6.50 17.33
CA ALA B 493 17.87 -6.88 16.00
C ALA B 493 17.86 -8.38 15.77
N GLN B 494 17.72 -9.18 16.83
CA GLN B 494 17.64 -10.63 16.74
C GLN B 494 16.25 -11.11 16.32
N ASP B 495 15.35 -10.18 15.99
CA ASP B 495 14.02 -10.56 15.52
C ASP B 495 14.09 -11.37 14.24
N ALA B 496 15.02 -11.04 13.35
CA ALA B 496 15.13 -11.80 12.10
C ALA B 496 15.62 -13.22 12.34
N THR B 497 16.38 -13.43 13.41
CA THR B 497 16.95 -14.74 13.67
C THR B 497 15.95 -15.64 14.39
N ILE B 498 15.72 -15.41 15.68
CA ILE B 498 14.77 -16.22 16.42
C ILE B 498 13.39 -16.02 15.80
N ALA B 499 12.69 -17.11 15.57
CA ALA B 499 11.58 -17.12 14.62
C ALA B 499 10.78 -18.40 14.79
N ARG B 500 9.56 -18.47 14.25
CA ARG B 500 8.89 -17.38 13.57
C ARG B 500 7.58 -17.11 14.28
N THR B 501 7.45 -15.91 14.82
CA THR B 501 6.48 -15.64 15.87
C THR B 501 5.64 -14.42 15.55
N ASP B 502 4.43 -14.41 16.11
CA ASP B 502 3.63 -13.20 16.19
C ASP B 502 3.65 -12.58 17.58
N THR B 503 4.39 -13.16 18.52
CA THR B 503 4.41 -12.72 19.91
C THR B 503 5.82 -12.35 20.32
N THR B 504 5.96 -11.19 20.95
CA THR B 504 7.24 -10.72 21.47
C THR B 504 6.95 -9.72 22.58
N VAL B 505 7.77 -9.75 23.64
CA VAL B 505 7.51 -8.95 24.82
C VAL B 505 8.83 -8.59 25.48
N LEU B 506 8.91 -7.38 26.02
CA LEU B 506 9.93 -7.07 27.02
C LEU B 506 9.48 -7.55 28.39
N LEU B 507 10.46 -7.85 29.23
CA LEU B 507 10.21 -8.35 30.58
C LEU B 507 11.01 -7.50 31.56
N ARG B 508 10.31 -6.84 32.49
CA ARG B 508 10.92 -5.95 33.47
C ARG B 508 10.79 -6.56 34.86
N THR B 509 11.89 -7.07 35.40
CA THR B 509 11.95 -7.57 36.76
C THR B 509 12.24 -6.42 37.72
N ILE B 510 12.31 -6.74 39.01
CA ILE B 510 12.71 -5.78 40.04
C ILE B 510 14.21 -5.98 40.28
N ASN B 511 15.02 -5.28 39.50
CA ASN B 511 16.47 -5.35 39.60
C ASN B 511 17.06 -4.04 39.12
N ASP B 512 18.26 -3.74 39.62
CA ASP B 512 19.16 -2.78 38.98
C ASP B 512 20.21 -3.63 38.30
N THR B 513 19.99 -3.91 37.01
CA THR B 513 20.85 -4.87 36.32
C THR B 513 22.29 -4.39 36.26
N THR B 514 22.51 -3.08 36.14
CA THR B 514 23.88 -2.56 36.15
C THR B 514 24.50 -2.66 37.54
N GLN B 515 23.68 -2.67 38.60
CA GLN B 515 24.17 -3.02 39.92
C GLN B 515 24.27 -4.53 40.11
N ALA B 516 23.35 -5.28 39.51
CA ALA B 516 23.42 -6.73 39.60
C ALA B 516 24.65 -7.29 38.90
N MET B 517 25.13 -6.60 37.86
CA MET B 517 26.36 -7.04 37.20
C MET B 517 27.58 -6.76 38.05
N ARG B 518 27.60 -5.63 38.76
CA ARG B 518 28.66 -5.37 39.72
C ARG B 518 28.61 -6.32 40.91
N ASP B 519 27.44 -6.87 41.22
CA ASP B 519 27.33 -7.78 42.36
C ASP B 519 27.99 -9.13 42.05
N ARG B 520 27.69 -9.70 40.89
CA ARG B 520 28.26 -10.99 40.54
C ARG B 520 29.77 -10.87 40.34
N GLN B 521 30.51 -11.82 40.91
CA GLN B 521 31.96 -11.73 41.01
C GLN B 521 32.71 -12.64 40.06
N ARG B 522 32.02 -13.43 39.23
CA ARG B 522 32.72 -14.35 38.34
C ARG B 522 33.13 -13.65 37.04
N GLY B 523 32.15 -13.29 36.21
CA GLY B 523 32.48 -12.66 34.93
C GLY B 523 33.04 -11.27 35.09
N GLY B 524 32.56 -10.53 36.08
CA GLY B 524 33.08 -9.19 36.31
C GLY B 524 32.80 -8.26 35.15
N VAL B 525 33.88 -7.64 34.65
CA VAL B 525 33.75 -6.60 33.63
C VAL B 525 33.18 -7.15 32.33
N VAL B 526 33.50 -8.41 32.00
CA VAL B 526 32.99 -8.98 30.76
C VAL B 526 31.47 -9.07 30.78
N GLN B 527 30.88 -9.30 31.96
CA GLN B 527 29.43 -9.33 32.06
C GLN B 527 28.83 -7.93 31.97
N LEU B 528 29.41 -6.98 32.70
CA LEU B 528 28.89 -5.62 32.70
C LEU B 528 29.03 -4.97 31.33
N PHE B 529 30.07 -5.32 30.58
CA PHE B 529 30.28 -4.70 29.27
C PHE B 529 29.27 -5.21 28.25
N LEU B 530 28.98 -6.52 28.27
CA LEU B 530 27.98 -7.06 27.37
C LEU B 530 26.58 -6.55 27.70
N ARG B 531 26.31 -6.19 28.95
CA ARG B 531 25.00 -5.64 29.28
C ARG B 531 24.74 -4.36 28.50
N ASP B 532 25.68 -3.42 28.54
CA ASP B 532 25.50 -2.15 27.84
C ASP B 532 25.52 -2.33 26.33
N THR B 533 26.28 -3.31 25.82
CA THR B 533 26.26 -3.57 24.39
C THR B 533 24.90 -4.07 23.93
N TYR B 534 24.21 -4.83 24.79
CA TYR B 534 22.87 -5.29 24.46
C TYR B 534 21.83 -4.19 24.74
N TYR B 535 22.00 -3.47 25.84
CA TYR B 535 21.08 -2.39 26.19
C TYR B 535 21.10 -1.28 25.15
N ARG B 536 22.27 -1.03 24.54
CA ARG B 536 22.35 -0.02 23.50
C ARG B 536 21.59 -0.43 22.25
N LEU B 537 21.42 -1.73 22.03
CA LEU B 537 20.71 -2.22 20.85
C LEU B 537 19.29 -2.64 21.17
N LEU B 538 18.77 -2.30 22.35
CA LEU B 538 17.46 -2.76 22.80
C LEU B 538 16.63 -1.59 23.31
N PRO B 539 16.11 -0.76 22.40
CA PRO B 539 15.03 0.16 22.80
C PRO B 539 13.78 -0.61 23.15
N ALA B 540 12.97 0.00 24.01
CA ALA B 540 11.69 -0.59 24.41
C ALA B 540 10.68 -0.27 23.32
N LEU B 541 10.71 -1.08 22.26
CA LEU B 541 9.82 -0.91 21.13
C LEU B 541 8.72 -1.97 21.10
N HIS B 542 8.72 -2.89 22.05
CA HIS B 542 7.70 -3.92 22.17
C HIS B 542 6.95 -3.78 23.48
N THR B 543 5.83 -4.50 23.57
CA THR B 543 4.97 -4.38 24.74
C THR B 543 5.71 -4.81 26.00
N THR B 544 5.61 -3.99 27.04
CA THR B 544 6.25 -4.28 28.32
C THR B 544 5.37 -5.20 29.14
N VAL B 545 6.01 -6.12 29.87
CA VAL B 545 5.33 -7.17 30.61
C VAL B 545 6.09 -7.41 31.91
N TYR B 546 5.51 -7.01 33.04
CA TYR B 546 6.03 -7.41 34.32
C TYR B 546 5.74 -8.89 34.57
N PRO B 547 6.61 -9.58 35.31
CA PRO B 547 6.46 -11.03 35.46
C PRO B 547 5.13 -11.47 36.06
N PHE B 548 4.55 -10.68 36.98
CA PHE B 548 3.29 -11.11 37.57
C PHE B 548 2.15 -11.12 36.55
N GLU B 549 2.22 -10.26 35.53
CA GLU B 549 1.17 -10.26 34.52
C GLU B 549 1.19 -11.53 33.67
N MET B 550 2.34 -12.19 33.55
CA MET B 550 2.36 -13.46 32.82
C MET B 550 1.70 -14.56 33.64
N LEU B 551 1.98 -14.62 34.95
CA LEU B 551 1.28 -15.55 35.81
C LEU B 551 -0.20 -15.19 35.94
N GLU B 552 -0.53 -13.89 35.90
CA GLU B 552 -1.92 -13.47 35.85
C GLU B 552 -2.57 -13.84 34.52
N SER B 553 -1.79 -13.91 33.44
CA SER B 553 -2.33 -14.25 32.14
C SER B 553 -2.85 -15.69 32.11
N ILE B 554 -2.21 -16.59 32.85
CA ILE B 554 -2.60 -18.00 32.78
C ILE B 554 -3.87 -18.26 33.60
N ARG B 555 -4.06 -17.56 34.73
CA ARG B 555 -5.24 -17.80 35.55
C ARG B 555 -6.51 -17.36 34.85
N ARG B 556 -6.46 -16.28 34.07
CA ARG B 556 -7.68 -15.75 33.46
C ARG B 556 -8.10 -16.56 32.25
N TRP B 557 -7.14 -17.03 31.46
CA TRP B 557 -7.47 -17.82 30.28
C TRP B 557 -8.15 -19.12 30.70
N LYS B 558 -9.25 -19.45 30.04
CA LYS B 558 -9.93 -20.72 30.28
C LYS B 558 -9.21 -21.86 29.56
N TRP B 559 -9.33 -23.06 30.11
CA TRP B 559 -8.64 -24.23 29.58
C TRP B 559 -9.64 -25.33 29.28
N VAL B 560 -9.41 -26.01 28.15
CA VAL B 560 -10.26 -27.11 27.68
C VAL B 560 -11.72 -26.68 27.56
N VAL C 4 31.24 3.83 47.34
CA VAL C 4 30.62 5.02 46.78
C VAL C 4 30.24 4.81 45.32
N GLN C 5 29.01 5.16 44.95
CA GLN C 5 28.56 5.08 43.56
C GLN C 5 27.47 6.11 43.29
N SER C 6 27.19 6.46 42.04
CA SER C 6 26.15 7.48 41.76
C SER C 6 25.07 7.08 40.73
N ARG C 7 23.94 7.75 40.73
CA ARG C 7 22.88 7.29 39.85
C ARG C 7 23.48 7.39 38.46
N THR C 8 24.43 8.32 38.33
CA THR C 8 25.03 8.74 37.02
C THR C 8 25.94 7.80 36.23
N ASP C 9 26.92 7.18 36.90
CA ASP C 9 27.68 6.08 36.34
C ASP C 9 26.83 5.01 35.69
N VAL C 10 25.56 4.91 35.85
CA VAL C 10 24.96 3.85 35.20
C VAL C 10 25.08 4.18 33.76
N PHE C 11 25.09 3.16 32.89
CA PHE C 11 25.28 3.37 31.47
C PHE C 11 24.14 4.19 30.85
N ASN C 12 22.91 3.89 31.24
CA ASN C 12 21.75 4.60 30.72
C ASN C 12 21.80 6.08 31.09
N GLU C 13 22.17 6.35 32.33
CA GLU C 13 22.33 7.72 32.80
C GLU C 13 23.44 8.45 32.04
N GLN C 14 24.53 7.74 31.79
CA GLN C 14 25.70 8.33 31.17
C GLN C 14 25.30 8.64 29.75
N PHE C 15 24.51 7.75 29.17
CA PHE C 15 24.15 7.90 27.83
C PHE C 15 23.27 9.00 27.75
N ALA C 16 22.29 9.23 28.62
CA ALA C 16 21.36 10.34 28.44
C ALA C 16 22.11 11.51 28.44
N ASN C 17 22.97 11.73 29.44
CA ASN C 17 23.80 12.93 29.48
C ASN C 17 24.49 13.15 28.14
N GLU C 18 25.21 12.14 27.67
CA GLU C 18 25.86 12.21 26.37
C GLU C 18 24.85 12.69 25.33
N ALA C 19 23.56 12.51 25.65
CA ALA C 19 22.49 12.96 24.78
C ALA C 19 22.49 14.49 24.70
N LEU C 20 22.74 15.13 25.83
CA LEU C 20 22.81 16.67 25.88
C LEU C 20 23.96 17.71 26.26
N HIS C 21 25.13 17.37 26.64
CA HIS C 21 26.25 18.15 26.73
C HIS C 21 27.21 17.34 26.11
N PRO C 22 27.01 17.18 24.73
CA PRO C 22 27.81 16.15 24.16
C PRO C 22 29.12 16.60 24.16
N MET C 23 30.04 15.83 24.74
CA MET C 23 31.44 16.22 24.79
C MET C 23 32.21 15.69 23.58
N THR C 24 33.46 16.12 23.45
CA THR C 24 34.30 15.70 22.34
C THR C 24 35.40 14.74 22.80
N PRO F 1 5.54 11.27 -54.35
CA PRO F 1 6.11 11.32 -53.39
C PRO F 1 5.51 10.70 -52.17
N THR F 2 6.33 10.04 -51.37
CA THR F 2 5.80 9.48 -50.16
C THR F 2 5.67 10.61 -49.25
N VAL F 3 4.85 10.45 -48.22
CA VAL F 3 4.58 11.53 -47.27
C VAL F 3 5.85 11.94 -46.52
N VAL F 4 6.65 10.94 -46.14
CA VAL F 4 7.88 11.22 -45.41
C VAL F 4 8.85 12.04 -46.25
N GLN F 5 8.96 11.70 -47.53
CA GLN F 5 9.85 12.41 -48.43
C GLN F 5 9.42 13.86 -48.57
N SER F 6 8.12 14.10 -48.69
CA SER F 6 7.59 15.44 -48.78
C SER F 6 7.87 16.21 -47.48
N ARG F 7 7.70 15.53 -46.37
CA ARG F 7 7.96 16.12 -45.06
C ARG F 7 9.43 16.50 -44.90
N THR F 8 10.31 15.64 -45.39
CA THR F 8 11.75 15.86 -45.28
C THR F 8 12.16 17.02 -46.17
N ASP F 9 11.60 17.05 -47.39
CA ASP F 9 11.91 18.10 -48.34
C ASP F 9 11.47 19.45 -47.80
N VAL F 10 10.30 19.49 -47.17
CA VAL F 10 9.79 20.72 -46.59
C VAL F 10 10.70 21.19 -45.46
N PHE F 11 11.16 20.25 -44.66
CA PHE F 11 12.02 20.55 -43.52
C PHE F 11 13.37 21.14 -43.94
N ASN F 12 13.96 20.55 -44.97
CA ASN F 12 15.27 20.98 -45.46
C ASN F 12 15.28 22.39 -46.03
N GLU F 13 14.26 22.73 -46.82
CA GLU F 13 14.21 24.02 -47.49
C GLU F 13 14.13 25.20 -46.51
N GLN F 14 13.30 25.05 -45.49
CA GLN F 14 13.15 26.11 -44.50
C GLN F 14 14.43 26.33 -43.71
N PHE F 15 15.08 25.24 -43.34
CA PHE F 15 16.31 25.30 -42.54
C PHE F 15 17.58 25.27 -43.37
N ALA F 16 17.45 25.15 -44.69
CA ALA F 16 18.64 25.01 -45.55
C ALA F 16 19.92 24.74 -44.77
PG GTP G . -17.38 -22.49 -27.21
O1G GTP G . -16.07 -21.82 -27.51
O2G GTP G . -18.51 -21.69 -27.82
O3G GTP G . -17.58 -22.59 -25.72
O3B GTP G . -17.36 -23.96 -27.86
PB GTP G . -16.32 -25.07 -27.36
O1B GTP G . -16.24 -26.17 -28.40
O2B GTP G . -14.96 -24.47 -27.12
O3A GTP G . -16.95 -25.62 -25.98
PA GTP G . -17.14 -27.18 -25.63
O1A GTP G . -16.28 -28.04 -26.53
O2A GTP G . -18.59 -27.61 -25.73
O5' GTP G . -16.61 -27.35 -24.12
C5' GTP G . -17.39 -26.96 -23.00
C4' GTP G . -16.71 -25.79 -22.30
O4' GTP G . -15.32 -26.04 -22.26
C3' GTP G . -16.93 -24.50 -23.05
O3' GTP G . -17.72 -23.60 -22.30
C2' GTP G . -15.56 -23.90 -23.27
O2' GTP G . -15.42 -22.70 -22.54
C1' GTP G . -14.57 -24.95 -22.75
N9 GTP G . -13.69 -25.41 -23.83
C8 GTP G . -12.86 -24.64 -24.59
N7 GTP G . -12.21 -25.44 -25.47
C5 GTP G . -12.59 -26.72 -25.27
C6 GTP G . -12.25 -27.92 -25.88
O6 GTP G . -11.43 -27.94 -26.80
N1 GTP G . -12.82 -29.10 -25.46
C2 GTP G . -13.75 -29.08 -24.42
N2 GTP G . -14.32 -30.20 -24.02
N3 GTP G . -14.09 -27.88 -23.83
C4 GTP G . -13.53 -26.72 -24.24
N1 CTP H . 4.69 -0.45 -0.86
C2 CTP H . 3.71 0.47 -1.20
N3 CTP H . 2.82 0.17 -2.21
C4 CTP H . 2.59 -1.16 -2.49
C5 CTP H . 3.56 -2.10 -2.14
C6 CTP H . 4.46 -1.76 -1.14
O2 CTP H . 3.63 1.55 -0.62
N4 CTP H . 1.45 -1.54 -3.06
C1' CTP H . 6.08 0.02 -0.71
C2' CTP H . 6.60 -0.23 0.70
O2' CTP H . 6.48 0.94 1.47
C3' CTP H . 8.05 -0.57 0.50
C4' CTP H . 8.25 -0.68 -1.00
O4' CTP H . 6.95 -0.66 -1.58
O3' CTP H . 8.86 0.47 1.02
C5' CTP H . 9.03 -1.93 -1.40
O5' CTP H . 9.46 -1.82 -2.75
PA CTP H . 9.84 -3.12 -3.62
O1A CTP H . 9.09 -4.32 -3.09
O2A CTP H . 9.54 -2.90 -5.08
O3A CTP H . 11.41 -3.34 -3.38
PB CTP H . 12.45 -2.83 -4.50
O1B CTP H . 12.31 -3.69 -5.73
O2B CTP H . 13.86 -2.85 -3.98
O3B CTP H . 11.94 -1.33 -4.81
PG CTP H . 12.78 -0.30 -5.73
O1G CTP H . 13.86 0.33 -4.89
O2G CTP H . 11.88 0.79 -6.26
O3G CTP H . 13.39 -1.05 -6.88
PG GTP I . 20.65 -13.61 32.66
O1G GTP I . 21.55 -13.95 31.48
O2G GTP I . 19.37 -13.00 32.15
O3G GTP I . 21.36 -12.62 33.55
O3B GTP I . 20.34 -14.96 33.47
PB GTP I . 21.50 -15.73 34.27
O1B GTP I . 21.15 -17.19 34.40
O2B GTP I . 22.82 -15.56 33.57
O3A GTP I . 21.53 -15.03 35.73
PA GTP I . 20.35 -15.27 36.81
O1A GTP I . 19.15 -15.89 36.13
O2A GTP I . 19.97 -13.97 37.48
O5' GTP I . 20.94 -16.31 37.90
C5' GTP I . 21.50 -15.83 39.12
C4' GTP I . 22.50 -16.84 39.67
O4' GTP I . 23.74 -16.78 39.00
C3' GTP I . 22.81 -16.60 41.13
O3' GTP I . 22.01 -17.41 41.97
C2' GTP I . 24.27 -16.98 41.28
O2' GTP I . 24.38 -18.18 42.00
C1' GTP I . 24.79 -17.16 39.86
N9 GTP I . 25.98 -16.32 39.57
C8 GTP I . 26.36 -15.97 38.30
N7 GTP I . 27.49 -15.22 38.36
C5 GTP I . 27.85 -15.11 39.65
C6 GTP I . 28.93 -14.46 40.24
O6 GTP I . 29.74 -13.84 39.55
N1 GTP I . 29.08 -14.49 41.61
C2 GTP I . 28.16 -15.17 42.38
N2 GTP I . 28.30 -15.21 43.70
N3 GTP I . 27.10 -15.82 41.78
C4 GTP I . 26.93 -15.80 40.43
#